data_8CE4
#
_entry.id   8CE4
#
_cell.length_a   1.00
_cell.length_b   1.00
_cell.length_c   1.00
_cell.angle_alpha   90.00
_cell.angle_beta   90.00
_cell.angle_gamma   90.00
#
_symmetry.space_group_name_H-M   'P 1'
#
loop_
_entity.id
_entity.type
_entity.pdbx_description
1 polymer 'Neuronal acetylcholine receptor subunit alpha-7'
2 polymer 'Nanobody E3'
3 branched 2-acetamido-2-deoxy-beta-D-glucopyranose-(1-4)-2-acetamido-2-deoxy-beta-D-glucopyranose
4 non-polymer 2-acetamido-2-deoxy-beta-D-glucopyranose
#
loop_
_entity_poly.entity_id
_entity_poly.type
_entity_poly.pdbx_seq_one_letter_code
_entity_poly.pdbx_strand_id
1 'polypeptide(L)'
;EFQRKLYKELVKNYNPLERPVANDSQPLTVYFSLSLLQIMDVDEKNQVLTTNIWLQMSWTDHYLQWNVSEYPGVKTVRFP
DGQIWKPDILLYNSADERFDATFHTNVLVNSSGHCQYLPPGIFKSSCYIDVRWFPFDVQHCKLKFGSWSYGGWSLDLQMQ
EADISGYIPNGEWDLVGIPGKRSERFYECCKEPYPDVTFTVTMRRRTLYYGLNLLIPCVLISALALLVFLLPADSGEKIS
LGITVLLSLTVFMLLVAEIMPATSDSVPLIAQYFASTMIIVGLSVVVTVIVLQYHHHDPDGGKMPKWTRVILLNWCAWFL
RMKRDGVAVCSEWKFAACVVDRLCLMAFSVFTIICTIGILMSAPNFVEAVSKDFASAGLTETSQVAPA
;
A,B,C,D,E
2 'polypeptide(L)'
;AVQLQASGGGLVQAGDSLRLSCAASGGTFSHYAVGWFRQAPGKEREFVAAISWSGRSTSFANSVKGRFTISRDSAKNTAY
LQMNNLKPEDTAVYCCAPARFGTGSAARDEYDDCGQGTQVTVSSAAAEQKLISEEDLNGAAHHHHHHGS
;
F,G,H,I,J
#
loop_
_chem_comp.id
_chem_comp.type
_chem_comp.name
_chem_comp.formula
NAG D-saccharide, beta linking 2-acetamido-2-deoxy-beta-D-glucopyranose 'C8 H15 N O6'
#
# COMPACT_ATOMS: atom_id res chain seq x y z
N GLU A 1 16.48 3.65 -22.76
CA GLU A 1 15.04 3.56 -22.92
C GLU A 1 14.37 4.89 -22.62
N PHE A 2 13.49 5.33 -23.52
CA PHE A 2 12.82 6.61 -23.34
C PHE A 2 11.48 6.48 -22.64
N GLN A 3 10.83 5.32 -22.75
CA GLN A 3 9.60 5.10 -21.99
C GLN A 3 9.87 5.13 -20.49
N ARG A 4 10.95 4.48 -20.05
CA ARG A 4 11.32 4.51 -18.64
C ARG A 4 11.59 5.93 -18.18
N LYS A 5 12.36 6.69 -18.96
CA LYS A 5 12.69 8.05 -18.60
C LYS A 5 11.43 8.92 -18.50
N LEU A 6 10.53 8.79 -19.47
CA LEU A 6 9.31 9.58 -19.46
C LEU A 6 8.41 9.21 -18.28
N TYR A 7 8.27 7.92 -17.98
CA TYR A 7 7.43 7.51 -16.86
C TYR A 7 8.02 7.99 -15.54
N LYS A 8 9.35 7.94 -15.41
CA LYS A 8 9.99 8.46 -14.20
C LYS A 8 9.80 9.97 -14.09
N GLU A 9 9.88 10.69 -15.21
CA GLU A 9 9.87 12.14 -15.17
C GLU A 9 8.47 12.70 -14.95
N LEU A 10 7.45 12.07 -15.54
CA LEU A 10 6.10 12.62 -15.48
C LEU A 10 5.56 12.60 -14.05
N VAL A 11 5.84 11.54 -13.30
CA VAL A 11 5.30 11.40 -11.94
C VAL A 11 6.03 12.25 -10.92
N LYS A 12 7.00 13.04 -11.33
CA LYS A 12 7.73 13.90 -10.40
C LYS A 12 6.80 14.98 -9.86
N ASN A 13 6.69 15.06 -8.53
CA ASN A 13 5.89 16.06 -7.83
C ASN A 13 4.41 15.94 -8.15
N TYR A 14 4.02 14.91 -8.90
CA TYR A 14 2.63 14.78 -9.32
C TYR A 14 1.75 14.35 -8.15
N ASN A 15 0.62 15.03 -7.98
CA ASN A 15 -0.35 14.70 -6.94
C ASN A 15 -1.66 14.31 -7.60
N PRO A 16 -2.10 13.05 -7.49
CA PRO A 16 -3.40 12.68 -8.07
C PRO A 16 -4.58 13.39 -7.43
N LEU A 17 -4.41 13.93 -6.22
CA LEU A 17 -5.49 14.63 -5.55
C LEU A 17 -5.80 15.99 -6.18
N GLU A 18 -4.87 16.53 -6.96
CA GLU A 18 -4.96 17.90 -7.43
C GLU A 18 -5.56 17.94 -8.83
N ARG A 19 -6.55 18.80 -9.02
CA ARG A 19 -7.11 19.05 -10.34
C ARG A 19 -6.04 19.65 -11.24
N PRO A 20 -5.74 19.05 -12.38
CA PRO A 20 -4.58 19.46 -13.19
C PRO A 20 -4.87 20.66 -14.09
N VAL A 21 -5.03 21.82 -13.46
CA VAL A 21 -5.20 23.07 -14.19
C VAL A 21 -3.92 23.89 -14.03
N ALA A 22 -3.75 24.86 -14.93
CA ALA A 22 -2.58 25.73 -14.92
C ALA A 22 -2.81 27.05 -14.20
N ASN A 23 -4.02 27.34 -13.76
CA ASN A 23 -4.32 28.64 -13.15
C ASN A 23 -4.97 28.53 -11.79
N ASP A 24 -5.72 27.45 -11.55
CA ASP A 24 -6.44 27.18 -10.31
C ASP A 24 -7.65 28.08 -10.15
N SER A 25 -7.84 29.02 -11.09
CA SER A 25 -8.97 29.93 -11.03
C SER A 25 -9.99 29.70 -12.15
N GLN A 26 -9.61 28.98 -13.19
CA GLN A 26 -10.54 28.66 -14.26
C GLN A 26 -10.86 27.17 -14.26
N PRO A 27 -12.09 26.79 -14.58
CA PRO A 27 -12.46 25.37 -14.53
C PRO A 27 -11.70 24.53 -15.55
N LEU A 28 -11.48 23.28 -15.19
CA LEU A 28 -10.98 22.28 -16.13
C LEU A 28 -12.14 21.80 -17.00
N THR A 29 -11.97 21.91 -18.31
CA THR A 29 -13.03 21.50 -19.23
C THR A 29 -12.91 20.00 -19.47
N VAL A 30 -13.97 19.26 -19.15
CA VAL A 30 -14.02 17.82 -19.34
C VAL A 30 -15.15 17.52 -20.33
N TYR A 31 -14.79 16.92 -21.46
CA TYR A 31 -15.77 16.55 -22.47
C TYR A 31 -16.24 15.12 -22.21
N PHE A 32 -17.56 14.94 -22.14
CA PHE A 32 -18.17 13.68 -21.77
C PHE A 32 -19.12 13.23 -22.86
N SER A 33 -19.08 11.93 -23.16
CA SER A 33 -19.94 11.35 -24.19
C SER A 33 -20.15 9.87 -23.86
N LEU A 34 -21.02 9.23 -24.65
CA LEU A 34 -21.39 7.84 -24.44
C LEU A 34 -21.20 7.05 -25.72
N SER A 35 -21.04 5.73 -25.55
CA SER A 35 -21.08 4.78 -26.66
C SER A 35 -21.98 3.63 -26.21
N LEU A 36 -23.19 3.58 -26.77
CA LEU A 36 -24.16 2.53 -26.46
C LEU A 36 -23.85 1.32 -27.33
N LEU A 37 -23.43 0.22 -26.72
CA LEU A 37 -23.14 -1.00 -27.46
C LEU A 37 -24.32 -1.96 -27.50
N GLN A 38 -25.15 -1.98 -26.47
CA GLN A 38 -26.25 -2.92 -26.39
C GLN A 38 -27.20 -2.49 -25.29
N ILE A 39 -28.49 -2.60 -25.55
CA ILE A 39 -29.51 -2.51 -24.51
C ILE A 39 -29.74 -3.95 -24.04
N MET A 40 -29.28 -4.26 -22.83
CA MET A 40 -29.22 -5.65 -22.39
C MET A 40 -30.53 -6.11 -21.74
N ASP A 41 -31.20 -5.24 -21.00
CA ASP A 41 -32.43 -5.64 -20.31
C ASP A 41 -33.23 -4.40 -19.98
N VAL A 42 -34.53 -4.45 -20.27
CA VAL A 42 -35.47 -3.41 -19.88
C VAL A 42 -36.45 -4.07 -18.90
N ASP A 43 -36.17 -3.92 -17.61
CA ASP A 43 -36.95 -4.60 -16.57
C ASP A 43 -38.16 -3.73 -16.24
N GLU A 44 -39.34 -4.15 -16.71
CA GLU A 44 -40.55 -3.39 -16.46
C GLU A 44 -41.00 -3.49 -15.01
N LYS A 45 -40.82 -4.66 -14.38
CA LYS A 45 -41.25 -4.84 -13.00
C LYS A 45 -40.37 -4.05 -12.04
N ASN A 46 -39.05 -4.15 -12.21
CA ASN A 46 -38.11 -3.47 -11.32
C ASN A 46 -37.83 -2.04 -11.75
N GLN A 47 -38.33 -1.60 -12.90
CA GLN A 47 -38.17 -0.23 -13.37
C GLN A 47 -36.70 0.13 -13.53
N VAL A 48 -35.92 -0.79 -14.09
CA VAL A 48 -34.47 -0.65 -14.22
C VAL A 48 -34.08 -0.93 -15.66
N LEU A 49 -33.26 -0.06 -16.24
CA LEU A 49 -32.71 -0.25 -17.58
C LEU A 49 -31.27 -0.72 -17.46
N THR A 50 -30.94 -1.81 -18.16
CA THR A 50 -29.61 -2.38 -18.17
C THR A 50 -29.01 -2.22 -19.57
N THR A 51 -27.92 -1.48 -19.66
CA THR A 51 -27.27 -1.19 -20.94
C THR A 51 -25.78 -1.45 -20.83
N ASN A 52 -25.17 -1.76 -21.98
CA ASN A 52 -23.73 -1.86 -22.12
C ASN A 52 -23.23 -0.54 -22.71
N ILE A 53 -22.39 0.17 -21.95
CA ILE A 53 -22.01 1.52 -22.32
C ILE A 53 -20.51 1.70 -22.10
N TRP A 54 -19.86 2.34 -23.06
CA TRP A 54 -18.51 2.85 -22.89
C TRP A 54 -18.59 4.36 -22.69
N LEU A 55 -18.22 4.83 -21.51
CA LEU A 55 -18.14 6.25 -21.28
C LEU A 55 -16.91 6.82 -21.98
N GLN A 56 -16.95 8.11 -22.29
CA GLN A 56 -15.83 8.79 -22.94
C GLN A 56 -15.61 10.11 -22.23
N MET A 57 -14.48 10.23 -21.54
CA MET A 57 -14.08 11.49 -20.92
C MET A 57 -12.77 11.95 -21.53
N SER A 58 -12.69 13.23 -21.87
CA SER A 58 -11.49 13.81 -22.43
C SER A 58 -11.19 15.11 -21.69
N TRP A 59 -9.93 15.29 -21.29
CA TRP A 59 -9.54 16.54 -20.64
C TRP A 59 -8.07 16.79 -20.92
N THR A 60 -7.55 17.87 -20.33
CA THR A 60 -6.15 18.23 -20.45
C THR A 60 -5.52 18.31 -19.07
N ASP A 61 -4.40 17.64 -18.89
CA ASP A 61 -3.71 17.58 -17.61
C ASP A 61 -2.74 18.74 -17.41
N HIS A 62 -1.97 19.08 -18.45
CA HIS A 62 -1.00 20.18 -18.45
C HIS A 62 0.20 19.81 -17.59
N TYR A 63 0.13 18.69 -16.89
CA TYR A 63 1.23 18.19 -16.08
C TYR A 63 1.92 16.98 -16.71
N LEU A 64 1.23 16.29 -17.61
CA LEU A 64 1.80 15.16 -18.34
C LEU A 64 2.00 15.62 -19.78
N GLN A 65 3.11 16.30 -20.02
CA GLN A 65 3.49 16.76 -21.34
C GLN A 65 4.98 16.50 -21.53
N TRP A 66 5.36 16.27 -22.78
CA TRP A 66 6.76 16.02 -23.11
C TRP A 66 6.98 16.34 -24.58
N ASN A 67 8.24 16.43 -24.95
CA ASN A 67 8.65 16.68 -26.32
C ASN A 67 9.04 15.35 -26.95
N VAL A 68 8.38 15.01 -28.06
CA VAL A 68 8.59 13.71 -28.69
C VAL A 68 10.02 13.60 -29.22
N SER A 69 10.67 14.73 -29.51
CA SER A 69 12.07 14.67 -29.93
C SER A 69 12.96 14.25 -28.77
N GLU A 70 12.68 14.73 -27.55
CA GLU A 70 13.44 14.30 -26.38
C GLU A 70 13.05 12.90 -25.91
N TYR A 71 11.87 12.42 -26.31
CA TYR A 71 11.44 11.05 -26.01
C TYR A 71 10.99 10.39 -27.30
N PRO A 72 11.93 10.03 -28.17
CA PRO A 72 11.57 9.45 -29.47
C PRO A 72 10.84 8.12 -29.32
N GLY A 73 9.81 7.93 -30.14
CA GLY A 73 9.03 6.71 -30.13
C GLY A 73 7.97 6.64 -29.05
N VAL A 74 7.90 7.63 -28.16
CA VAL A 74 6.92 7.63 -27.08
C VAL A 74 5.94 8.76 -27.31
N LYS A 75 4.81 8.46 -27.96
CA LYS A 75 3.79 9.45 -28.23
C LYS A 75 2.63 9.41 -27.24
N THR A 76 2.41 8.28 -26.58
CA THR A 76 1.35 8.14 -25.60
C THR A 76 1.88 7.38 -24.39
N VAL A 77 1.25 7.64 -23.24
CA VAL A 77 1.46 6.91 -22.00
C VAL A 77 0.11 6.53 -21.44
N ARG A 78 0.12 5.54 -20.56
CA ARG A 78 -1.10 5.04 -19.94
C ARG A 78 -0.93 5.00 -18.43
N PHE A 79 -1.93 5.51 -17.71
CA PHE A 79 -1.85 5.56 -16.27
C PHE A 79 -3.03 4.82 -15.65
N PRO A 80 -2.80 3.98 -14.64
CA PRO A 80 -3.88 3.23 -14.02
C PRO A 80 -4.68 4.11 -13.06
N ASP A 81 -5.68 3.49 -12.44
CA ASP A 81 -6.53 4.21 -11.49
C ASP A 81 -5.74 4.54 -10.23
N GLY A 82 -5.87 5.78 -9.76
CA GLY A 82 -5.20 6.23 -8.57
C GLY A 82 -3.82 6.80 -8.77
N GLN A 83 -3.29 6.76 -9.98
CA GLN A 83 -1.97 7.31 -10.26
C GLN A 83 -2.01 8.72 -10.84
N ILE A 84 -3.10 9.09 -11.50
CA ILE A 84 -3.30 10.46 -12.01
C ILE A 84 -4.72 10.88 -11.69
N TRP A 85 -4.95 12.19 -11.81
CA TRP A 85 -6.28 12.73 -11.53
C TRP A 85 -7.28 12.30 -12.59
N LYS A 86 -8.47 11.93 -12.13
CA LYS A 86 -9.57 11.59 -13.02
C LYS A 86 -10.83 12.30 -12.57
N PRO A 87 -11.70 12.67 -13.50
CA PRO A 87 -13.00 13.24 -13.11
C PRO A 87 -13.86 12.18 -12.42
N ASP A 88 -14.57 12.61 -11.39
CA ASP A 88 -15.45 11.72 -10.63
C ASP A 88 -16.88 11.72 -11.19
N ILE A 89 -17.00 11.47 -12.49
CA ILE A 89 -18.31 11.41 -13.11
C ILE A 89 -19.04 10.15 -12.65
N LEU A 90 -20.28 10.32 -12.22
CA LEU A 90 -21.08 9.22 -11.70
C LEU A 90 -22.47 9.26 -12.33
N LEU A 91 -23.12 8.10 -12.35
CA LEU A 91 -24.50 8.00 -12.81
C LEU A 91 -25.41 8.34 -11.64
N TYR A 92 -26.07 9.49 -11.71
CA TYR A 92 -26.92 9.95 -10.60
C TYR A 92 -28.08 8.98 -10.37
N ASN A 93 -28.78 8.61 -11.44
CA ASN A 93 -29.92 7.69 -11.32
C ASN A 93 -29.49 6.25 -11.46
N SER A 94 -28.51 5.85 -10.65
CA SER A 94 -27.98 4.49 -10.70
C SER A 94 -28.81 3.57 -9.82
N ALA A 95 -29.26 2.45 -10.39
CA ALA A 95 -29.99 1.44 -9.65
C ALA A 95 -29.10 0.30 -9.17
N ASP A 96 -27.79 0.39 -9.40
CA ASP A 96 -26.87 -0.67 -9.02
C ASP A 96 -26.51 -0.58 -7.54
N GLU A 97 -26.22 -1.73 -6.94
CA GLU A 97 -25.84 -1.77 -5.54
C GLU A 97 -24.52 -1.04 -5.29
N ARG A 98 -23.56 -1.20 -6.19
CA ARG A 98 -22.27 -0.52 -6.08
C ARG A 98 -22.30 0.90 -6.60
N PHE A 99 -23.44 1.35 -7.12
CA PHE A 99 -23.62 2.70 -7.65
C PHE A 99 -22.73 2.93 -8.88
N ASP A 100 -21.42 3.02 -8.66
CA ASP A 100 -20.48 3.16 -9.76
C ASP A 100 -20.29 1.79 -10.41
N ALA A 101 -20.92 1.59 -11.56
CA ALA A 101 -20.92 0.30 -12.23
C ALA A 101 -19.86 0.20 -13.32
N THR A 102 -18.98 1.18 -13.43
CA THR A 102 -18.02 1.23 -14.51
C THR A 102 -16.75 0.46 -14.16
N PHE A 103 -16.03 0.01 -15.18
CA PHE A 103 -14.80 -0.72 -15.04
C PHE A 103 -13.63 0.22 -15.30
N HIS A 104 -12.72 0.33 -14.34
CA HIS A 104 -11.63 1.29 -14.43
C HIS A 104 -10.52 0.75 -15.32
N THR A 105 -10.29 1.43 -16.44
CA THR A 105 -9.22 1.10 -17.35
C THR A 105 -8.15 2.19 -17.29
N ASN A 106 -7.13 2.06 -18.14
CA ASN A 106 -6.05 3.02 -18.17
C ASN A 106 -6.51 4.33 -18.80
N VAL A 107 -5.93 5.43 -18.33
CA VAL A 107 -6.10 6.74 -18.94
C VAL A 107 -4.98 6.94 -19.95
N LEU A 108 -5.34 7.31 -21.17
CA LEU A 108 -4.39 7.50 -22.26
C LEU A 108 -4.05 8.97 -22.39
N VAL A 109 -2.77 9.30 -22.30
CA VAL A 109 -2.29 10.68 -22.36
C VAL A 109 -1.29 10.78 -23.50
N ASN A 110 -1.41 11.83 -24.31
CA ASN A 110 -0.44 12.08 -25.36
C ASN A 110 0.44 13.28 -24.99
N SER A 111 1.37 13.61 -25.90
CA SER A 111 2.42 14.57 -25.57
C SER A 111 1.88 15.94 -25.21
N SER A 112 0.72 16.31 -25.73
CA SER A 112 0.12 17.60 -25.42
C SER A 112 -0.59 17.62 -24.07
N GLY A 113 -0.69 16.47 -23.40
CA GLY A 113 -1.36 16.38 -22.13
C GLY A 113 -2.82 16.02 -22.20
N HIS A 114 -3.32 15.62 -23.36
CA HIS A 114 -4.73 15.26 -23.51
CA HIS A 114 -4.73 15.27 -23.50
C HIS A 114 -4.96 13.87 -22.96
N CYS A 115 -5.79 13.76 -21.93
CA CYS A 115 -6.13 12.51 -21.27
C CYS A 115 -7.46 12.01 -21.80
N GLN A 116 -7.47 10.74 -22.21
CA GLN A 116 -8.64 10.07 -22.77
C GLN A 116 -8.95 8.85 -21.91
N TYR A 117 -10.13 8.86 -21.30
CA TYR A 117 -10.54 7.80 -20.38
C TYR A 117 -11.83 7.19 -20.93
N LEU A 118 -11.80 5.88 -21.22
CA LEU A 118 -12.89 5.19 -21.91
C LEU A 118 -13.36 3.99 -21.10
N PRO A 119 -14.09 4.24 -20.01
CA PRO A 119 -14.49 3.14 -19.13
C PRO A 119 -15.62 2.32 -19.73
N PRO A 120 -15.43 1.01 -19.87
CA PRO A 120 -16.56 0.14 -20.22
C PRO A 120 -17.35 -0.24 -18.98
N GLY A 121 -18.64 -0.51 -19.18
CA GLY A 121 -19.45 -0.94 -18.07
C GLY A 121 -20.81 -1.44 -18.50
N ILE A 122 -21.45 -2.17 -17.59
CA ILE A 122 -22.86 -2.52 -17.69
C ILE A 122 -23.59 -1.68 -16.66
N PHE A 123 -24.43 -0.77 -17.12
CA PHE A 123 -25.04 0.23 -16.27
C PHE A 123 -26.50 -0.13 -16.01
N LYS A 124 -26.91 -0.06 -14.75
CA LYS A 124 -28.30 -0.27 -14.35
C LYS A 124 -28.85 1.06 -13.86
N SER A 125 -29.69 1.69 -14.67
CA SER A 125 -30.28 2.99 -14.34
C SER A 125 -31.78 2.83 -14.10
N SER A 126 -32.32 3.76 -13.32
CA SER A 126 -33.74 3.74 -13.00
C SER A 126 -34.53 4.40 -14.11
N CYS A 127 -35.52 3.68 -14.64
CA CYS A 127 -36.37 4.17 -15.70
C CYS A 127 -37.82 3.84 -15.40
N TYR A 128 -38.71 4.77 -15.74
CA TYR A 128 -40.15 4.54 -15.59
C TYR A 128 -40.67 4.06 -16.95
N ILE A 129 -41.11 2.81 -17.00
CA ILE A 129 -41.58 2.18 -18.23
C ILE A 129 -43.09 2.16 -18.21
N ASP A 130 -43.71 2.91 -19.12
CA ASP A 130 -45.16 3.02 -19.20
C ASP A 130 -45.70 1.90 -20.10
N VAL A 131 -46.55 1.05 -19.53
CA VAL A 131 -47.12 -0.05 -20.30
C VAL A 131 -48.57 0.27 -20.65
N ARG A 132 -48.90 1.57 -20.70
CA ARG A 132 -50.27 1.98 -21.00
C ARG A 132 -50.60 1.74 -22.47
N TRP A 133 -49.69 2.15 -23.36
CA TRP A 133 -49.78 1.86 -24.79
C TRP A 133 -49.08 0.54 -25.16
N PHE A 134 -49.38 -0.56 -24.44
CA PHE A 134 -48.53 -1.74 -24.32
C PHE A 134 -47.80 -2.13 -25.60
N PRO A 135 -48.45 -2.39 -26.74
CA PRO A 135 -47.67 -2.78 -27.93
C PRO A 135 -46.86 -1.65 -28.56
N PHE A 136 -47.28 -0.40 -28.45
CA PHE A 136 -46.65 0.70 -29.17
C PHE A 136 -46.17 1.82 -28.25
N ASP A 137 -45.60 1.47 -27.10
CA ASP A 137 -45.17 2.46 -26.12
C ASP A 137 -43.76 2.95 -26.43
N VAL A 138 -43.58 4.27 -26.45
CA VAL A 138 -42.28 4.90 -26.66
C VAL A 138 -41.73 5.26 -25.28
N GLN A 139 -40.61 4.66 -24.90
CA GLN A 139 -40.05 4.83 -23.57
C GLN A 139 -38.84 5.76 -23.61
N HIS A 140 -38.77 6.67 -22.62
CA HIS A 140 -37.69 7.63 -22.50
C HIS A 140 -36.94 7.35 -21.20
N CYS A 141 -35.74 6.80 -21.31
CA CYS A 141 -34.93 6.42 -20.15
C CYS A 141 -33.78 7.40 -20.02
N LYS A 142 -33.72 8.09 -18.89
CA LYS A 142 -32.68 9.09 -18.66
C LYS A 142 -31.45 8.46 -18.01
N LEU A 143 -30.28 8.85 -18.49
CA LEU A 143 -28.99 8.50 -17.90
C LEU A 143 -28.31 9.82 -17.57
N LYS A 144 -28.31 10.19 -16.29
CA LYS A 144 -27.76 11.46 -15.84
C LYS A 144 -26.36 11.24 -15.28
N PHE A 145 -25.39 11.96 -15.85
CA PHE A 145 -23.98 11.82 -15.50
C PHE A 145 -23.45 13.17 -15.02
N GLY A 146 -22.60 13.13 -14.01
CA GLY A 146 -21.97 14.36 -13.55
C GLY A 146 -20.95 14.07 -12.48
N SER A 147 -20.12 15.08 -12.23
CA SER A 147 -19.12 14.99 -11.17
C SER A 147 -19.79 15.13 -9.81
N TRP A 148 -19.38 14.29 -8.87
CA TRP A 148 -20.01 14.29 -7.55
C TRP A 148 -19.45 15.36 -6.63
N SER A 149 -18.15 15.62 -6.72
CA SER A 149 -17.49 16.54 -5.79
C SER A 149 -16.95 17.80 -6.45
N TYR A 150 -17.18 17.97 -7.75
CA TYR A 150 -16.73 19.15 -8.48
C TYR A 150 -17.91 19.87 -9.07
N GLY A 151 -18.04 21.16 -8.77
CA GLY A 151 -19.08 22.00 -9.35
C GLY A 151 -18.64 22.60 -10.67
N GLY A 152 -19.49 23.48 -11.19
CA GLY A 152 -19.17 24.15 -12.43
C GLY A 152 -18.07 25.19 -12.31
N TRP A 153 -17.71 25.57 -11.09
CA TRP A 153 -16.60 26.48 -10.86
C TRP A 153 -15.25 25.78 -11.00
N SER A 154 -15.22 24.45 -10.80
CA SER A 154 -14.00 23.67 -10.87
C SER A 154 -13.94 22.77 -12.08
N LEU A 155 -15.02 22.06 -12.38
CA LEU A 155 -15.07 21.14 -13.52
C LEU A 155 -16.19 21.58 -14.45
N ASP A 156 -15.82 22.05 -15.64
CA ASP A 156 -16.78 22.45 -16.67
C ASP A 156 -17.09 21.22 -17.51
N LEU A 157 -18.22 20.57 -17.24
CA LEU A 157 -18.62 19.38 -17.97
C LEU A 157 -19.31 19.78 -19.27
N GLN A 158 -18.71 19.42 -20.40
CA GLN A 158 -19.27 19.68 -21.71
C GLN A 158 -19.75 18.37 -22.32
N MET A 159 -20.75 18.47 -23.20
CA MET A 159 -21.40 17.30 -23.76
C MET A 159 -20.98 17.09 -25.20
N GLN A 160 -20.71 15.83 -25.55
CA GLN A 160 -20.48 15.43 -26.92
C GLN A 160 -21.51 14.38 -27.29
N GLU A 161 -21.92 14.38 -28.56
CA GLU A 161 -23.01 13.51 -28.99
C GLU A 161 -22.63 12.04 -28.84
N ALA A 162 -23.59 11.24 -28.42
CA ALA A 162 -23.34 9.83 -28.13
C ALA A 162 -23.11 9.06 -29.42
N ASP A 163 -22.42 7.93 -29.30
CA ASP A 163 -22.05 7.08 -30.43
C ASP A 163 -22.92 5.83 -30.40
N ILE A 164 -23.62 5.57 -31.51
CA ILE A 164 -24.40 4.36 -31.68
C ILE A 164 -23.91 3.56 -32.89
N SER A 165 -22.71 3.86 -33.38
CA SER A 165 -22.15 3.15 -34.52
C SER A 165 -21.80 1.70 -34.18
N GLY A 166 -21.70 1.36 -32.90
CA GLY A 166 -21.48 0.00 -32.46
C GLY A 166 -22.67 -0.63 -31.79
N TYR A 167 -23.87 -0.05 -31.91
CA TYR A 167 -25.05 -0.59 -31.26
C TYR A 167 -25.44 -1.92 -31.89
N ILE A 168 -25.62 -2.93 -31.05
CA ILE A 168 -26.14 -4.23 -31.47
C ILE A 168 -27.65 -4.22 -31.24
N PRO A 169 -28.47 -4.32 -32.29
CA PRO A 169 -29.91 -4.15 -32.13
C PRO A 169 -30.51 -5.18 -31.17
N ASN A 170 -31.49 -4.72 -30.40
CA ASN A 170 -32.22 -5.58 -29.47
C ASN A 170 -33.36 -6.28 -30.19
N GLY A 171 -33.88 -7.33 -29.55
CA GLY A 171 -34.98 -8.08 -30.11
C GLY A 171 -36.34 -7.49 -29.78
N GLU A 172 -36.52 -7.05 -28.53
CA GLU A 172 -37.80 -6.54 -28.08
C GLU A 172 -37.92 -5.02 -28.19
N TRP A 173 -36.81 -4.30 -28.30
CA TRP A 173 -36.83 -2.85 -28.24
C TRP A 173 -36.00 -2.27 -29.37
N ASP A 174 -36.54 -1.22 -30.00
CA ASP A 174 -35.89 -0.54 -31.11
C ASP A 174 -35.39 0.82 -30.65
N LEU A 175 -34.15 1.15 -31.00
CA LEU A 175 -33.53 2.40 -30.58
C LEU A 175 -33.94 3.52 -31.54
N VAL A 176 -34.72 4.47 -31.04
CA VAL A 176 -35.04 5.65 -31.85
C VAL A 176 -33.85 6.59 -31.90
N GLY A 177 -33.16 6.77 -30.78
CA GLY A 177 -31.99 7.63 -30.72
C GLY A 177 -31.68 7.98 -29.28
N ILE A 178 -30.47 8.50 -29.07
CA ILE A 178 -30.02 8.83 -27.73
C ILE A 178 -29.59 10.29 -27.67
N PRO A 179 -30.52 11.23 -27.66
CA PRO A 179 -30.15 12.64 -27.54
C PRO A 179 -29.59 12.95 -26.16
N GLY A 180 -28.71 13.94 -26.12
CA GLY A 180 -28.11 14.37 -24.88
C GLY A 180 -28.28 15.86 -24.67
N LYS A 181 -28.32 16.26 -23.40
CA LYS A 181 -28.45 17.66 -23.05
C LYS A 181 -27.61 17.95 -21.82
N ARG A 182 -26.99 19.13 -21.79
CA ARG A 182 -26.20 19.59 -20.66
C ARG A 182 -27.01 20.61 -19.87
N SER A 183 -27.13 20.39 -18.57
CA SER A 183 -27.83 21.30 -17.68
C SER A 183 -26.94 21.64 -16.51
N GLU A 184 -27.33 22.67 -15.75
CA GLU A 184 -26.63 23.08 -14.54
C GLU A 184 -27.66 23.24 -13.44
N ARG A 185 -27.59 22.38 -12.42
CA ARG A 185 -28.60 22.34 -11.37
C ARG A 185 -27.99 22.71 -10.02
N PHE A 186 -28.79 23.36 -9.19
CA PHE A 186 -28.44 23.65 -7.81
C PHE A 186 -29.09 22.61 -6.90
N TYR A 187 -28.28 22.01 -6.04
CA TYR A 187 -28.77 21.02 -5.08
C TYR A 187 -28.83 21.63 -3.68
N GLU A 188 -29.65 21.02 -2.83
CA GLU A 188 -29.85 21.53 -1.48
C GLU A 188 -28.62 21.36 -0.59
N CYS A 189 -27.63 20.56 -1.01
CA CYS A 189 -26.41 20.43 -0.24
C CYS A 189 -25.59 21.71 -0.29
N CYS A 190 -25.54 22.34 -1.46
CA CYS A 190 -24.41 23.16 -1.83
C CYS A 190 -24.90 24.41 -2.54
N LYS A 191 -24.09 25.46 -2.49
CA LYS A 191 -24.36 26.68 -3.23
C LYS A 191 -23.67 26.73 -4.58
N GLU A 192 -22.84 25.74 -4.87
CA GLU A 192 -22.15 25.64 -6.16
C GLU A 192 -23.07 25.00 -7.19
N PRO A 193 -23.25 25.61 -8.36
CA PRO A 193 -23.95 24.92 -9.46
C PRO A 193 -23.22 23.65 -9.85
N TYR A 194 -23.99 22.64 -10.21
CA TYR A 194 -23.42 21.36 -10.64
C TYR A 194 -23.89 21.05 -12.06
N PRO A 195 -22.99 21.08 -13.04
CA PRO A 195 -23.35 20.65 -14.39
C PRO A 195 -23.57 19.15 -14.46
N ASP A 196 -24.43 18.75 -15.39
CA ASP A 196 -24.69 17.34 -15.66
C ASP A 196 -25.03 17.18 -17.13
N VAL A 197 -24.79 15.96 -17.63
CA VAL A 197 -25.12 15.58 -19.00
C VAL A 197 -26.09 14.41 -18.92
N THR A 198 -27.27 14.59 -19.51
CA THR A 198 -28.30 13.56 -19.50
C THR A 198 -28.52 13.04 -20.92
N PHE A 199 -28.46 11.72 -21.06
CA PHE A 199 -28.71 11.05 -22.33
C PHE A 199 -30.01 10.26 -22.22
N THR A 200 -30.93 10.47 -23.16
CA THR A 200 -32.23 9.81 -23.15
C THR A 200 -32.24 8.70 -24.19
N VAL A 201 -32.57 7.49 -23.76
CA VAL A 201 -32.36 6.31 -24.60
C VAL A 201 -33.44 6.19 -25.66
N THR A 202 -34.70 6.49 -25.32
CA THR A 202 -35.78 6.63 -26.29
C THR A 202 -35.95 5.37 -27.16
N MET A 203 -36.43 4.32 -26.51
CA MET A 203 -36.67 3.04 -27.18
C MET A 203 -38.14 2.91 -27.58
N ARG A 204 -38.39 1.98 -28.51
CA ARG A 204 -39.72 1.59 -28.92
C ARG A 204 -39.86 0.09 -28.82
N ARG A 205 -41.01 -0.37 -28.33
CA ARG A 205 -41.29 -1.80 -28.31
C ARG A 205 -41.49 -2.32 -29.72
N ARG A 206 -40.75 -3.37 -30.08
CA ARG A 206 -40.86 -3.94 -31.41
C ARG A 206 -42.12 -4.79 -31.53
N THR A 207 -42.65 -4.86 -32.74
CA THR A 207 -43.94 -5.50 -33.01
C THR A 207 -44.03 -6.92 -32.45
N GLU B 1 2.08 26.85 -8.81
CA GLU B 1 0.76 26.26 -8.60
C GLU B 1 0.41 26.26 -7.12
N PHE B 2 -0.83 26.64 -6.81
CA PHE B 2 -1.25 26.74 -5.42
C PHE B 2 -1.99 25.51 -4.92
N GLN B 3 -2.63 24.74 -5.80
CA GLN B 3 -3.26 23.50 -5.37
C GLN B 3 -2.21 22.52 -4.86
N ARG B 4 -1.09 22.41 -5.56
CA ARG B 4 -0.02 21.51 -5.11
C ARG B 4 0.50 21.93 -3.75
N LYS B 5 0.77 23.23 -3.57
CA LYS B 5 1.26 23.73 -2.30
C LYS B 5 0.26 23.47 -1.19
N LEU B 6 -1.03 23.72 -1.46
CA LEU B 6 -2.05 23.53 -0.43
C LEU B 6 -2.17 22.07 -0.03
N TYR B 7 -2.19 21.15 -1.01
CA TYR B 7 -2.30 19.74 -0.67
C TYR B 7 -1.08 19.28 0.12
N LYS B 8 0.13 19.67 -0.32
CA LYS B 8 1.34 19.29 0.40
C LYS B 8 1.32 19.82 1.83
N GLU B 9 0.84 21.05 2.01
CA GLU B 9 0.83 21.64 3.35
C GLU B 9 -0.24 21.01 4.23
N LEU B 10 -1.40 20.71 3.65
CA LEU B 10 -2.50 20.15 4.42
C LEU B 10 -2.18 18.74 4.90
N VAL B 11 -1.54 17.92 4.05
CA VAL B 11 -1.23 16.55 4.46
C VAL B 11 -0.09 16.47 5.45
N LYS B 12 0.48 17.59 5.87
CA LYS B 12 1.60 17.57 6.80
C LYS B 12 1.12 17.19 8.20
N ASN B 13 1.76 16.17 8.78
CA ASN B 13 1.51 15.73 10.15
C ASN B 13 0.09 15.21 10.35
N TYR B 14 -0.69 15.14 9.28
CA TYR B 14 -2.09 14.76 9.40
C TYR B 14 -2.22 13.26 9.66
N ASN B 15 -3.04 12.92 10.65
CA ASN B 15 -3.33 11.52 10.97
C ASN B 15 -4.81 11.25 10.74
N PRO B 16 -5.18 10.43 9.76
CA PRO B 16 -6.60 10.11 9.56
C PRO B 16 -7.23 9.39 10.74
N LEU B 17 -6.43 8.76 11.60
CA LEU B 17 -6.96 8.04 12.75
C LEU B 17 -7.47 8.99 13.83
N GLU B 18 -7.02 10.23 13.85
CA GLU B 18 -7.30 11.15 14.94
C GLU B 18 -8.53 11.99 14.65
N ARG B 19 -9.44 12.05 15.61
CA ARG B 19 -10.62 12.89 15.52
C ARG B 19 -10.20 14.35 15.46
N PRO B 20 -10.59 15.11 14.45
CA PRO B 20 -10.05 16.47 14.23
C PRO B 20 -10.74 17.52 15.09
N VAL B 21 -10.49 17.45 16.40
CA VAL B 21 -10.96 18.47 17.33
C VAL B 21 -9.75 19.28 17.78
N ALA B 22 -10.03 20.47 18.32
CA ALA B 22 -8.98 21.36 18.79
C ALA B 22 -8.72 21.25 20.29
N ASN B 23 -9.50 20.45 21.01
CA ASN B 23 -9.37 20.41 22.47
C ASN B 23 -9.23 18.99 23.00
N ASP B 24 -9.84 18.02 22.31
CA ASP B 24 -9.83 16.60 22.68
C ASP B 24 -10.74 16.34 23.87
N SER B 25 -11.30 17.39 24.46
CA SER B 25 -12.20 17.23 25.59
C SER B 25 -13.66 17.53 25.26
N GLN B 26 -13.92 18.23 24.17
CA GLN B 26 -15.27 18.50 23.73
C GLN B 26 -15.59 17.68 22.47
N PRO B 27 -16.82 17.20 22.35
CA PRO B 27 -17.15 16.35 21.19
C PRO B 27 -17.09 17.13 19.87
N LEU B 28 -16.75 16.39 18.82
CA LEU B 28 -16.87 16.92 17.46
C LEU B 28 -18.33 16.87 17.03
N THR B 29 -18.87 18.01 16.63
CA THR B 29 -20.27 18.06 16.21
C THR B 29 -20.37 17.66 14.74
N VAL B 30 -21.11 16.59 14.47
CA VAL B 30 -21.33 16.10 13.12
C VAL B 30 -22.81 16.23 12.82
N TYR B 31 -23.15 17.04 11.81
CA TYR B 31 -24.52 17.22 11.38
C TYR B 31 -24.84 16.19 10.31
N PHE B 32 -25.88 15.39 10.55
CA PHE B 32 -26.26 14.30 9.66
C PHE B 32 -27.67 14.55 9.14
N SER B 33 -27.84 14.30 7.84
CA SER B 33 -29.13 14.47 7.20
C SER B 33 -29.24 13.49 6.03
N LEU B 34 -30.44 13.42 5.47
CA LEU B 34 -30.77 12.46 4.42
C LEU B 34 -31.25 13.18 3.18
N SER B 35 -31.12 12.52 2.04
CA SER B 35 -31.70 12.98 0.78
C SER B 35 -32.29 11.76 0.10
N LEU B 36 -33.62 11.61 0.20
CA LEU B 36 -34.31 10.50 -0.44
C LEU B 36 -34.50 10.81 -1.92
N LEU B 37 -34.09 9.88 -2.79
CA LEU B 37 -34.24 10.03 -4.22
C LEU B 37 -35.29 9.10 -4.82
N GLN B 38 -35.43 7.90 -4.27
CA GLN B 38 -36.37 6.92 -4.80
C GLN B 38 -36.58 5.77 -3.83
N ILE B 39 -37.83 5.41 -3.57
CA ILE B 39 -38.17 4.18 -2.87
C ILE B 39 -38.19 3.10 -3.95
N MET B 40 -37.09 2.35 -4.06
CA MET B 40 -36.93 1.45 -5.20
C MET B 40 -37.70 0.15 -5.04
N ASP B 41 -37.85 -0.36 -3.82
CA ASP B 41 -38.52 -1.63 -3.62
C ASP B 41 -38.97 -1.74 -2.17
N VAL B 42 -40.21 -2.15 -1.97
CA VAL B 42 -40.74 -2.46 -0.65
C VAL B 42 -41.07 -3.95 -0.65
N ASP B 43 -40.15 -4.76 -0.16
CA ASP B 43 -40.28 -6.22 -0.19
C ASP B 43 -41.10 -6.66 1.01
N GLU B 44 -42.37 -6.99 0.77
CA GLU B 44 -43.24 -7.43 1.86
C GLU B 44 -42.84 -8.81 2.37
N LYS B 45 -42.41 -9.70 1.47
CA LYS B 45 -42.06 -11.06 1.90
C LYS B 45 -40.78 -11.06 2.72
N ASN B 46 -39.75 -10.35 2.27
CA ASN B 46 -38.47 -10.33 2.96
C ASN B 46 -38.38 -9.25 4.03
N GLN B 47 -39.40 -8.40 4.16
CA GLN B 47 -39.45 -7.35 5.18
C GLN B 47 -38.23 -6.43 5.06
N VAL B 48 -37.94 -6.01 3.83
CA VAL B 48 -36.77 -5.20 3.52
C VAL B 48 -37.21 -4.03 2.66
N LEU B 49 -36.78 -2.83 3.03
CA LEU B 49 -37.02 -1.62 2.25
C LEU B 49 -35.75 -1.25 1.49
N THR B 50 -35.89 -1.06 0.17
CA THR B 50 -34.79 -0.65 -0.68
C THR B 50 -35.01 0.80 -1.10
N THR B 51 -34.06 1.66 -0.79
CA THR B 51 -34.17 3.08 -1.06
C THR B 51 -32.87 3.61 -1.66
N ASN B 52 -33.02 4.60 -2.53
CA ASN B 52 -31.89 5.35 -3.07
C ASN B 52 -31.73 6.60 -2.22
N ILE B 53 -30.58 6.73 -1.57
CA ILE B 53 -30.40 7.77 -0.56
C ILE B 53 -29.00 8.37 -0.70
N TRP B 54 -28.93 9.69 -0.62
CA TRP B 54 -27.67 10.40 -0.44
C TRP B 54 -27.57 10.85 1.01
N LEU B 55 -26.59 10.34 1.73
CA LEU B 55 -26.34 10.83 3.08
C LEU B 55 -25.65 12.18 3.00
N GLN B 56 -25.81 12.98 4.06
CA GLN B 56 -25.14 14.27 4.16
C GLN B 56 -24.52 14.39 5.54
N MET B 57 -23.20 14.44 5.61
CA MET B 57 -22.48 14.64 6.86
C MET B 57 -21.65 15.91 6.76
N SER B 58 -21.73 16.74 7.80
CA SER B 58 -20.96 17.97 7.85
C SER B 58 -20.26 18.08 9.20
N TRP B 59 -19.00 18.47 9.17
CA TRP B 59 -18.24 18.68 10.40
C TRP B 59 -17.12 19.67 10.12
N THR B 60 -16.31 19.94 11.15
CA THR B 60 -15.19 20.85 11.06
C THR B 60 -13.91 20.11 11.42
N ASP B 61 -12.90 20.20 10.56
CA ASP B 61 -11.64 19.51 10.80
C ASP B 61 -10.71 20.31 11.70
N HIS B 62 -10.60 21.62 11.46
CA HIS B 62 -9.71 22.52 12.19
C HIS B 62 -8.24 22.20 11.87
N TYR B 63 -8.01 21.16 11.09
CA TYR B 63 -6.68 20.81 10.62
C TYR B 63 -6.48 21.10 9.14
N LEU B 64 -7.57 21.24 8.38
CA LEU B 64 -7.51 21.59 6.97
C LEU B 64 -8.08 23.00 6.84
N GLN B 65 -7.24 23.98 7.10
CA GLN B 65 -7.60 25.38 6.93
C GLN B 65 -6.46 26.10 6.23
N TRP B 66 -6.81 27.13 5.47
CA TRP B 66 -5.81 27.92 4.77
C TRP B 66 -6.40 29.31 4.50
N ASN B 67 -5.51 30.22 4.13
CA ASN B 67 -5.88 31.58 3.77
C ASN B 67 -5.94 31.67 2.26
N VAL B 68 -7.11 32.07 1.73
CA VAL B 68 -7.30 32.12 0.29
C VAL B 68 -6.39 33.15 -0.36
N SER B 69 -5.94 34.16 0.39
CA SER B 69 -4.98 35.10 -0.16
C SER B 69 -3.62 34.44 -0.39
N GLU B 70 -3.20 33.57 0.55
CA GLU B 70 -1.97 32.83 0.37
C GLU B 70 -2.11 31.68 -0.62
N TYR B 71 -3.32 31.23 -0.89
CA TYR B 71 -3.59 30.22 -1.91
C TYR B 71 -4.69 30.74 -2.85
N PRO B 72 -4.36 31.69 -3.71
CA PRO B 72 -5.39 32.28 -4.58
C PRO B 72 -6.01 31.25 -5.51
N GLY B 73 -7.32 31.35 -5.69
CA GLY B 73 -8.05 30.47 -6.58
C GLY B 73 -8.42 29.13 -5.98
N VAL B 74 -7.89 28.79 -4.81
CA VAL B 74 -8.16 27.49 -4.20
C VAL B 74 -9.07 27.68 -3.00
N LYS B 75 -10.37 27.55 -3.22
CA LYS B 75 -11.35 27.71 -2.14
C LYS B 75 -11.80 26.39 -1.54
N THR B 76 -11.65 25.29 -2.26
CA THR B 76 -12.05 23.98 -1.78
C THR B 76 -11.00 22.94 -2.18
N VAL B 77 -10.93 21.88 -1.38
CA VAL B 77 -10.12 20.70 -1.67
C VAL B 77 -11.00 19.47 -1.46
N ARG B 78 -10.58 18.36 -2.07
CA ARG B 78 -11.32 17.12 -1.99
C ARG B 78 -10.38 15.99 -1.59
N PHE B 79 -10.81 15.21 -0.60
CA PHE B 79 -9.95 14.14 -0.08
C PHE B 79 -10.65 12.79 -0.24
N PRO B 80 -9.94 11.78 -0.71
CA PRO B 80 -10.54 10.45 -0.89
C PRO B 80 -10.68 9.72 0.44
N ASP B 81 -11.27 8.54 0.38
CA ASP B 81 -11.47 7.73 1.57
C ASP B 81 -10.13 7.22 2.09
N GLY B 82 -9.93 7.34 3.40
CA GLY B 82 -8.71 6.90 4.03
C GLY B 82 -7.61 7.94 4.13
N GLN B 83 -7.80 9.11 3.53
CA GLN B 83 -6.79 10.16 3.59
C GLN B 83 -7.08 11.20 4.67
N ILE B 84 -8.33 11.38 5.06
CA ILE B 84 -8.71 12.26 6.17
C ILE B 84 -9.72 11.54 7.04
N TRP B 85 -9.93 12.07 8.24
CA TRP B 85 -10.88 11.49 9.17
C TRP B 85 -12.30 11.66 8.67
N LYS B 86 -13.10 10.60 8.81
CA LYS B 86 -14.50 10.63 8.49
C LYS B 86 -15.31 9.98 9.61
N PRO B 87 -16.52 10.48 9.86
CA PRO B 87 -17.39 9.80 10.83
C PRO B 87 -17.78 8.42 10.34
N ASP B 88 -17.83 7.47 11.27
CA ASP B 88 -18.21 6.10 10.95
C ASP B 88 -19.72 5.88 11.12
N ILE B 89 -20.52 6.72 10.48
CA ILE B 89 -21.96 6.60 10.56
C ILE B 89 -22.38 5.35 9.78
N LEU B 90 -23.18 4.50 10.41
CA LEU B 90 -23.64 3.27 9.80
C LEU B 90 -25.14 3.14 9.97
N LEU B 91 -25.76 2.34 9.10
CA LEU B 91 -27.17 1.99 9.22
C LEU B 91 -27.28 0.80 10.15
N TYR B 92 -27.86 1.03 11.34
CA TYR B 92 -27.95 -0.04 12.33
C TYR B 92 -28.84 -1.16 11.83
N ASN B 93 -30.03 -0.83 11.33
CA ASN B 93 -30.97 -1.84 10.84
C ASN B 93 -30.73 -2.14 9.37
N SER B 94 -29.49 -2.48 9.03
CA SER B 94 -29.14 -2.76 7.65
C SER B 94 -29.42 -4.21 7.31
N ALA B 95 -30.14 -4.44 6.22
CA ALA B 95 -30.43 -5.78 5.73
C ALA B 95 -29.46 -6.23 4.65
N ASP B 96 -28.46 -5.41 4.33
CA ASP B 96 -27.51 -5.74 3.28
C ASP B 96 -26.41 -6.65 3.80
N GLU B 97 -25.92 -7.52 2.93
CA GLU B 97 -24.85 -8.45 3.31
C GLU B 97 -23.57 -7.69 3.67
N ARG B 98 -23.24 -6.64 2.91
CA ARG B 98 -22.08 -5.82 3.20
C ARG B 98 -22.33 -4.83 4.33
N PHE B 99 -23.56 -4.77 4.86
CA PHE B 99 -23.94 -3.87 5.94
C PHE B 99 -23.82 -2.42 5.51
N ASP B 100 -22.60 -1.94 5.32
CA ASP B 100 -22.38 -0.57 4.84
C ASP B 100 -22.62 -0.56 3.33
N ALA B 101 -23.78 -0.05 2.92
CA ALA B 101 -24.21 -0.06 1.53
C ALA B 101 -23.88 1.23 0.81
N THR B 102 -23.14 2.14 1.43
CA THR B 102 -22.90 3.45 0.86
C THR B 102 -21.67 3.42 -0.05
N PHE B 103 -21.65 4.36 -0.99
CA PHE B 103 -20.55 4.50 -1.93
C PHE B 103 -19.65 5.65 -1.49
N HIS B 104 -18.37 5.37 -1.30
CA HIS B 104 -17.44 6.35 -0.75
C HIS B 104 -17.01 7.33 -1.83
N THR B 105 -17.37 8.59 -1.66
CA THR B 105 -16.96 9.66 -2.55
C THR B 105 -15.97 10.57 -1.83
N ASN B 106 -15.58 11.64 -2.51
CA ASN B 106 -14.63 12.59 -1.94
C ASN B 106 -15.29 13.41 -0.84
N VAL B 107 -14.48 13.82 0.13
CA VAL B 107 -14.91 14.76 1.16
C VAL B 107 -14.48 16.16 0.73
N LEU B 108 -15.43 17.09 0.72
CA LEU B 108 -15.19 18.47 0.30
C LEU B 108 -14.91 19.34 1.52
N VAL B 109 -13.76 20.02 1.50
CA VAL B 109 -13.34 20.89 2.59
C VAL B 109 -13.10 22.28 2.03
N ASN B 110 -13.61 23.29 2.71
CA ASN B 110 -13.37 24.67 2.31
C ASN B 110 -12.40 25.34 3.29
N SER B 111 -12.14 26.62 3.05
CA SER B 111 -11.00 27.29 3.68
C SER B 111 -11.10 27.28 5.20
N SER B 112 -12.31 27.37 5.74
CA SER B 112 -12.51 27.38 7.18
C SER B 112 -12.48 25.99 7.79
N GLY B 113 -12.22 24.96 7.00
CA GLY B 113 -12.12 23.61 7.51
C GLY B 113 -13.42 22.84 7.57
N HIS B 114 -14.47 23.31 6.91
CA HIS B 114 -15.77 22.64 6.96
CA HIS B 114 -15.76 22.64 6.96
C HIS B 114 -15.77 21.50 5.96
N CYS B 115 -15.72 20.27 6.46
CA CYS B 115 -15.77 19.07 5.63
C CYS B 115 -17.22 18.65 5.44
N GLN B 116 -17.59 18.39 4.19
CA GLN B 116 -18.96 18.05 3.83
C GLN B 116 -18.93 16.86 2.89
N TYR B 117 -19.75 15.86 3.17
CA TYR B 117 -19.59 14.52 2.61
C TYR B 117 -20.95 13.98 2.23
N LEU B 118 -21.10 13.60 0.95
CA LEU B 118 -22.37 13.13 0.39
C LEU B 118 -22.19 11.76 -0.23
N PRO B 119 -22.24 10.71 0.57
CA PRO B 119 -22.17 9.37 0.02
C PRO B 119 -23.52 8.93 -0.52
N PRO B 120 -23.60 8.59 -1.81
CA PRO B 120 -24.82 8.01 -2.35
C PRO B 120 -24.84 6.50 -2.16
N GLY B 121 -26.05 5.94 -2.18
CA GLY B 121 -26.14 4.51 -2.03
C GLY B 121 -27.55 4.00 -2.24
N ILE B 122 -27.64 2.69 -2.41
CA ILE B 122 -28.90 1.95 -2.39
C ILE B 122 -28.93 1.22 -1.06
N PHE B 123 -29.86 1.59 -0.20
CA PHE B 123 -29.88 1.10 1.18
C PHE B 123 -30.99 0.07 1.34
N LYS B 124 -30.63 -1.10 1.86
CA LYS B 124 -31.58 -2.15 2.21
C LYS B 124 -31.67 -2.20 3.73
N SER B 125 -32.83 -1.84 4.27
CA SER B 125 -33.05 -1.80 5.70
C SER B 125 -34.24 -2.66 6.08
N SER B 126 -34.17 -3.27 7.25
CA SER B 126 -35.25 -4.11 7.73
C SER B 126 -36.45 -3.26 8.12
N CYS B 127 -37.63 -3.66 7.64
CA CYS B 127 -38.86 -2.94 7.91
C CYS B 127 -39.99 -3.92 8.15
N TYR B 128 -40.79 -3.67 9.18
CA TYR B 128 -41.98 -4.46 9.45
C TYR B 128 -43.10 -3.92 8.58
N ILE B 129 -43.49 -4.67 7.56
CA ILE B 129 -44.56 -4.28 6.64
C ILE B 129 -45.79 -5.09 7.02
N ASP B 130 -46.83 -4.40 7.50
CA ASP B 130 -48.04 -5.05 7.98
C ASP B 130 -49.10 -4.96 6.88
N VAL B 131 -49.66 -6.10 6.51
CA VAL B 131 -50.60 -6.16 5.39
C VAL B 131 -52.01 -6.38 5.92
N ARG B 132 -52.27 -5.91 7.14
CA ARG B 132 -53.62 -5.99 7.70
C ARG B 132 -54.62 -5.26 6.81
N TRP B 133 -54.44 -3.94 6.65
CA TRP B 133 -55.26 -3.15 5.75
C TRP B 133 -54.58 -3.16 4.38
N PHE B 134 -54.85 -4.22 3.61
CA PHE B 134 -54.11 -4.48 2.37
C PHE B 134 -54.07 -3.31 1.41
N PRO B 135 -55.18 -2.62 1.10
CA PRO B 135 -55.09 -1.50 0.16
C PRO B 135 -54.92 -0.12 0.81
N PHE B 136 -55.00 0.00 2.14
CA PHE B 136 -54.90 1.30 2.79
C PHE B 136 -53.92 1.29 3.96
N ASP B 137 -52.92 0.40 3.94
CA ASP B 137 -51.98 0.34 5.04
C ASP B 137 -50.97 1.48 4.97
N VAL B 138 -50.70 2.10 6.12
CA VAL B 138 -49.66 3.11 6.26
C VAL B 138 -48.48 2.45 6.96
N GLN B 139 -47.32 2.46 6.32
CA GLN B 139 -46.16 1.72 6.80
C GLN B 139 -45.04 2.66 7.22
N HIS B 140 -44.53 2.44 8.43
CA HIS B 140 -43.47 3.26 9.01
C HIS B 140 -42.18 2.47 8.94
N CYS B 141 -41.30 2.85 8.02
CA CYS B 141 -40.02 2.18 7.83
C CYS B 141 -38.93 3.01 8.49
N LYS B 142 -38.24 2.41 9.47
CA LYS B 142 -37.26 3.14 10.26
C LYS B 142 -35.86 2.99 9.66
N LEU B 143 -35.14 4.10 9.59
CA LEU B 143 -33.78 4.16 9.09
C LEU B 143 -32.95 4.79 10.20
N LYS B 144 -32.16 3.98 10.90
CA LYS B 144 -31.45 4.38 12.10
C LYS B 144 -29.96 4.50 11.79
N PHE B 145 -29.41 5.70 11.95
CA PHE B 145 -28.03 6.00 11.63
C PHE B 145 -27.30 6.49 12.88
N GLY B 146 -26.04 6.08 13.02
CA GLY B 146 -25.23 6.54 14.12
C GLY B 146 -23.81 6.07 13.98
N SER B 147 -22.92 6.73 14.70
CA SER B 147 -21.52 6.33 14.71
C SER B 147 -21.35 5.01 15.45
N TRP B 148 -20.51 4.13 14.91
CA TRP B 148 -20.37 2.80 15.48
C TRP B 148 -19.38 2.79 16.64
N SER B 149 -18.26 3.48 16.51
CA SER B 149 -17.21 3.44 17.52
C SER B 149 -17.06 4.74 18.30
N TYR B 150 -17.83 5.77 17.97
CA TYR B 150 -17.78 7.05 18.67
C TYR B 150 -19.09 7.27 19.42
N GLY B 151 -18.99 7.56 20.72
CA GLY B 151 -20.14 7.87 21.52
C GLY B 151 -20.43 9.36 21.58
N GLY B 152 -21.40 9.71 22.44
CA GLY B 152 -21.75 11.11 22.61
C GLY B 152 -20.67 11.94 23.27
N TRP B 153 -19.75 11.30 23.99
CA TRP B 153 -18.63 12.02 24.59
C TRP B 153 -17.61 12.44 23.56
N SER B 154 -17.59 11.80 22.39
CA SER B 154 -16.63 12.07 21.33
C SER B 154 -17.24 12.64 20.08
N LEU B 155 -18.37 12.10 19.62
CA LEU B 155 -19.02 12.55 18.40
C LEU B 155 -20.46 12.93 18.74
N ASP B 156 -20.74 14.23 18.71
CA ASP B 156 -22.09 14.74 18.96
C ASP B 156 -22.83 14.76 17.63
N LEU B 157 -23.72 13.78 17.44
CA LEU B 157 -24.45 13.63 16.19
C LEU B 157 -25.72 14.48 16.25
N GLN B 158 -25.72 15.58 15.50
CA GLN B 158 -26.88 16.44 15.38
C GLN B 158 -27.66 16.07 14.12
N MET B 159 -28.96 16.35 14.14
CA MET B 159 -29.88 15.92 13.09
C MET B 159 -30.35 17.11 12.28
N GLN B 160 -30.45 16.93 10.97
CA GLN B 160 -31.04 17.92 10.07
C GLN B 160 -32.15 17.27 9.27
N GLU B 161 -33.14 18.08 8.88
CA GLU B 161 -34.31 17.56 8.19
C GLU B 161 -33.91 16.96 6.84
N ALA B 162 -34.58 15.86 6.49
CA ALA B 162 -34.29 15.18 5.23
C ALA B 162 -34.79 16.00 4.04
N ASP B 163 -34.19 15.73 2.88
CA ASP B 163 -34.47 16.47 1.65
C ASP B 163 -35.33 15.61 0.73
N ILE B 164 -36.43 16.19 0.26
CA ILE B 164 -37.38 15.53 -0.63
C ILE B 164 -37.53 16.29 -1.95
N SER B 165 -36.70 17.30 -2.18
CA SER B 165 -36.79 18.07 -3.42
C SER B 165 -36.53 17.19 -4.64
N GLY B 166 -35.58 16.25 -4.53
CA GLY B 166 -35.24 15.37 -5.62
C GLY B 166 -35.99 14.05 -5.66
N TYR B 167 -37.00 13.87 -4.81
CA TYR B 167 -37.71 12.59 -4.76
C TYR B 167 -38.46 12.33 -6.05
N ILE B 168 -38.39 11.09 -6.51
CA ILE B 168 -39.10 10.63 -7.70
C ILE B 168 -40.26 9.75 -7.22
N PRO B 169 -41.51 10.13 -7.50
CA PRO B 169 -42.66 9.35 -7.02
C PRO B 169 -42.56 7.89 -7.42
N ASN B 170 -42.95 7.01 -6.49
CA ASN B 170 -42.98 5.58 -6.74
C ASN B 170 -44.25 5.22 -7.52
N GLY B 171 -44.39 3.94 -7.84
CA GLY B 171 -45.57 3.47 -8.55
C GLY B 171 -46.66 2.95 -7.63
N GLU B 172 -46.26 2.23 -6.58
CA GLU B 172 -47.21 1.59 -5.68
C GLU B 172 -47.27 2.26 -4.31
N TRP B 173 -46.43 3.25 -4.02
CA TRP B 173 -46.30 3.77 -2.68
C TRP B 173 -46.20 5.30 -2.71
N ASP B 174 -47.04 5.95 -1.90
CA ASP B 174 -46.97 7.39 -1.71
C ASP B 174 -46.06 7.72 -0.54
N LEU B 175 -45.32 8.80 -0.67
CA LEU B 175 -44.48 9.32 0.42
C LEU B 175 -45.22 10.46 1.10
N VAL B 176 -45.59 10.25 2.36
CA VAL B 176 -46.29 11.29 3.12
C VAL B 176 -45.34 12.20 3.88
N GLY B 177 -44.09 11.81 4.03
CA GLY B 177 -43.09 12.59 4.73
C GLY B 177 -42.14 11.69 5.47
N ILE B 178 -40.96 12.23 5.75
CA ILE B 178 -39.92 11.45 6.43
C ILE B 178 -39.46 12.21 7.66
N PRO B 179 -40.19 12.12 8.77
CA PRO B 179 -39.74 12.78 10.00
C PRO B 179 -38.53 12.08 10.59
N GLY B 180 -37.59 12.88 11.10
CA GLY B 180 -36.40 12.38 11.74
C GLY B 180 -36.34 12.83 13.18
N LYS B 181 -35.75 11.99 14.03
CA LYS B 181 -35.61 12.30 15.45
C LYS B 181 -34.25 11.81 15.93
N ARG B 182 -33.66 12.57 16.86
CA ARG B 182 -32.37 12.25 17.44
C ARG B 182 -32.56 11.78 18.87
N SER B 183 -31.97 10.62 19.19
CA SER B 183 -32.08 10.05 20.53
C SER B 183 -30.75 9.43 20.92
N GLU B 184 -30.46 9.47 22.22
CA GLU B 184 -29.24 8.89 22.77
C GLU B 184 -29.61 7.61 23.50
N ARG B 185 -29.04 6.49 23.05
CA ARG B 185 -29.36 5.19 23.59
C ARG B 185 -28.14 4.58 24.28
N PHE B 186 -28.42 3.69 25.23
CA PHE B 186 -27.39 2.95 25.95
C PHE B 186 -27.40 1.49 25.51
N TYR B 187 -26.22 0.93 25.31
CA TYR B 187 -26.07 -0.45 24.88
C TYR B 187 -25.29 -1.23 25.94
N GLU B 188 -25.52 -2.54 25.96
CA GLU B 188 -24.83 -3.41 26.91
C GLU B 188 -23.34 -3.51 26.66
N CYS B 189 -22.86 -3.07 25.50
CA CYS B 189 -21.45 -3.19 25.18
C CYS B 189 -20.58 -2.31 26.09
N CYS B 190 -21.02 -1.07 26.34
CA CYS B 190 -20.24 -0.17 27.18
C CYS B 190 -21.16 0.86 27.82
N LYS B 191 -20.62 1.54 28.84
CA LYS B 191 -21.34 2.61 29.50
C LYS B 191 -21.43 3.87 28.65
N GLU B 192 -20.74 3.91 27.52
CA GLU B 192 -20.78 5.04 26.61
C GLU B 192 -22.18 5.22 26.01
N PRO B 193 -22.82 6.37 26.19
CA PRO B 193 -24.04 6.65 25.42
C PRO B 193 -23.71 6.80 23.95
N TYR B 194 -24.67 6.41 23.12
CA TYR B 194 -24.51 6.54 21.67
C TYR B 194 -25.68 7.33 21.10
N PRO B 195 -25.45 8.53 20.57
CA PRO B 195 -26.51 9.24 19.86
C PRO B 195 -26.77 8.61 18.50
N ASP B 196 -28.01 8.78 18.03
CA ASP B 196 -28.39 8.28 16.72
C ASP B 196 -29.55 9.13 16.21
N VAL B 197 -29.73 9.13 14.89
CA VAL B 197 -30.84 9.80 14.25
C VAL B 197 -31.62 8.77 13.43
N THR B 198 -32.93 8.79 13.58
CA THR B 198 -33.80 7.84 12.89
C THR B 198 -34.78 8.62 12.02
N PHE B 199 -34.85 8.25 10.75
CA PHE B 199 -35.81 8.80 9.80
C PHE B 199 -36.86 7.75 9.49
N THR B 200 -38.13 8.14 9.58
CA THR B 200 -39.24 7.23 9.30
C THR B 200 -39.83 7.57 7.93
N VAL B 201 -39.78 6.58 7.02
CA VAL B 201 -40.14 6.85 5.63
C VAL B 201 -41.64 7.10 5.50
N THR B 202 -42.46 6.29 6.19
CA THR B 202 -43.90 6.55 6.33
C THR B 202 -44.60 6.61 4.97
N MET B 203 -44.62 5.45 4.31
CA MET B 203 -45.26 5.36 3.00
C MET B 203 -46.72 4.93 3.12
N ARG B 204 -47.47 5.19 2.05
CA ARG B 204 -48.85 4.77 1.90
C ARG B 204 -49.00 4.03 0.57
N ARG B 205 -49.68 2.88 0.59
CA ARG B 205 -49.92 2.16 -0.65
C ARG B 205 -50.92 2.92 -1.52
N ARG B 206 -50.60 3.03 -2.81
CA ARG B 206 -51.47 3.72 -3.74
C ARG B 206 -52.70 2.87 -4.05
N THR B 207 -53.73 3.53 -4.57
CA THR B 207 -55.00 2.88 -4.90
C THR B 207 -54.81 1.80 -5.96
N GLU C 1 -1.27 18.58 19.98
CA GLU C 1 -2.53 17.94 20.33
C GLU C 1 -2.30 16.56 20.93
N PHE C 2 -2.98 16.30 22.05
CA PHE C 2 -2.71 15.10 22.83
C PHE C 2 -3.17 13.83 22.12
N GLN C 3 -4.28 13.89 21.38
CA GLN C 3 -4.72 12.73 20.62
C GLN C 3 -3.72 12.37 19.52
N ARG C 4 -3.22 13.39 18.82
CA ARG C 4 -2.22 13.18 17.78
C ARG C 4 -0.95 12.58 18.37
N LYS C 5 -0.49 13.16 19.48
CA LYS C 5 0.71 12.65 20.15
C LYS C 5 0.51 11.22 20.61
N LEU C 6 -0.67 10.90 21.15
CA LEU C 6 -0.95 9.56 21.61
C LEU C 6 -0.96 8.55 20.47
N TYR C 7 -1.57 8.90 19.33
CA TYR C 7 -1.55 7.98 18.21
C TYR C 7 -0.12 7.74 17.73
N LYS C 8 0.67 8.81 17.61
CA LYS C 8 2.05 8.66 17.17
C LYS C 8 2.85 7.80 18.13
N GLU C 9 2.62 7.95 19.43
CA GLU C 9 3.35 7.16 20.41
C GLU C 9 2.90 5.70 20.41
N LEU C 10 1.59 5.47 20.26
CA LEU C 10 1.07 4.11 20.30
C LEU C 10 1.55 3.29 19.10
N VAL C 11 1.62 3.90 17.92
CA VAL C 11 1.99 3.14 16.74
C VAL C 11 3.48 2.81 16.72
N LYS C 12 4.22 3.23 17.75
CA LYS C 12 5.65 3.00 17.78
C LYS C 12 5.99 1.53 18.04
N ASN C 13 6.80 0.95 17.15
CA ASN C 13 7.30 -0.41 17.27
C ASN C 13 6.18 -1.46 17.26
N TYR C 14 4.94 -1.02 17.04
CA TYR C 14 3.82 -1.94 17.11
C TYR C 14 3.79 -2.84 15.88
N ASN C 15 3.59 -4.13 16.11
CA ASN C 15 3.47 -5.12 15.03
C ASN C 15 2.06 -5.73 15.07
N PRO C 16 1.21 -5.48 14.08
CA PRO C 16 -0.10 -6.12 14.07
C PRO C 16 -0.05 -7.63 13.97
N LEU C 17 1.07 -8.19 13.50
CA LEU C 17 1.23 -9.64 13.42
C LEU C 17 1.41 -10.28 14.79
N GLU C 18 1.77 -9.49 15.80
CA GLU C 18 2.16 -10.02 17.10
C GLU C 18 0.96 -10.11 18.03
N ARG C 19 0.79 -11.27 18.64
CA ARG C 19 -0.22 -11.45 19.68
C ARG C 19 0.16 -10.61 20.89
N PRO C 20 -0.67 -9.68 21.33
CA PRO C 20 -0.27 -8.68 22.34
C PRO C 20 -0.35 -9.20 23.77
N VAL C 21 0.56 -10.10 24.11
CA VAL C 21 0.70 -10.57 25.47
C VAL C 21 1.98 -9.99 26.06
N ALA C 22 2.11 -10.09 27.39
CA ALA C 22 3.28 -9.58 28.09
C ALA C 22 4.30 -10.67 28.43
N ASN C 23 3.95 -11.94 28.25
CA ASN C 23 4.83 -13.04 28.64
C ASN C 23 5.16 -14.01 27.51
N ASP C 24 4.25 -14.16 26.55
CA ASP C 24 4.40 -15.05 25.38
C ASP C 24 4.27 -16.51 25.77
N SER C 25 4.15 -16.79 27.06
CA SER C 25 3.98 -18.15 27.53
C SER C 25 2.58 -18.44 28.04
N GLN C 26 1.80 -17.41 28.35
CA GLN C 26 0.43 -17.57 28.80
C GLN C 26 -0.53 -17.09 27.72
N PRO C 27 -1.67 -17.77 27.56
CA PRO C 27 -2.60 -17.39 26.49
C PRO C 27 -3.20 -16.01 26.71
N LEU C 28 -3.52 -15.35 25.61
CA LEU C 28 -4.31 -14.13 25.65
C LEU C 28 -5.77 -14.49 25.83
N THR C 29 -6.40 -13.95 26.87
CA THR C 29 -7.79 -14.25 27.15
C THR C 29 -8.67 -13.33 26.31
N VAL C 30 -9.50 -13.92 25.45
CA VAL C 30 -10.42 -13.18 24.60
C VAL C 30 -11.84 -13.58 24.99
N TYR C 31 -12.62 -12.61 25.45
CA TYR C 31 -14.02 -12.84 25.80
C TYR C 31 -14.88 -12.60 24.58
N PHE C 32 -15.70 -13.60 24.22
CA PHE C 32 -16.54 -13.53 23.05
C PHE C 32 -18.01 -13.67 23.44
N SER C 33 -18.85 -12.86 22.82
CA SER C 33 -20.27 -12.88 23.09
C SER C 33 -21.02 -12.44 21.83
N LEU C 34 -22.34 -12.62 21.88
CA LEU C 34 -23.21 -12.36 20.74
C LEU C 34 -24.23 -11.30 21.09
N SER C 35 -24.74 -10.63 20.06
CA SER C 35 -25.90 -9.74 20.21
C SER C 35 -26.80 -10.00 19.01
N LEU C 36 -27.87 -10.76 19.23
CA LEU C 36 -28.82 -11.11 18.19
C LEU C 36 -29.83 -9.99 18.02
N LEU C 37 -29.82 -9.33 16.86
CA LEU C 37 -30.76 -8.24 16.63
C LEU C 37 -32.05 -8.73 15.98
N GLN C 38 -31.96 -9.65 15.02
CA GLN C 38 -33.13 -10.16 14.35
C GLN C 38 -32.75 -11.40 13.54
N ILE C 39 -33.72 -12.27 13.33
CA ILE C 39 -33.58 -13.44 12.47
C ILE C 39 -34.15 -13.05 11.11
N MET C 40 -33.27 -12.86 10.13
CA MET C 40 -33.71 -12.40 8.81
C MET C 40 -34.61 -13.43 8.13
N ASP C 41 -34.15 -14.67 8.05
CA ASP C 41 -34.97 -15.73 7.47
C ASP C 41 -34.47 -17.08 7.98
N VAL C 42 -35.32 -18.09 7.85
CA VAL C 42 -35.00 -19.47 8.20
C VAL C 42 -35.29 -20.31 6.96
N ASP C 43 -34.28 -20.52 6.12
CA ASP C 43 -34.45 -21.24 4.87
C ASP C 43 -34.53 -22.73 5.13
N GLU C 44 -35.74 -23.29 5.04
CA GLU C 44 -35.92 -24.72 5.26
C GLU C 44 -35.40 -25.55 4.09
N LYS C 45 -35.52 -25.04 2.87
CA LYS C 45 -35.07 -25.78 1.70
C LYS C 45 -33.54 -25.80 1.63
N ASN C 46 -32.91 -24.64 1.78
CA ASN C 46 -31.45 -24.55 1.70
C ASN C 46 -30.76 -24.90 3.01
N GLN C 47 -31.51 -25.10 4.09
CA GLN C 47 -30.96 -25.45 5.40
C GLN C 47 -29.95 -24.40 5.86
N VAL C 48 -30.32 -23.12 5.70
CA VAL C 48 -29.46 -21.99 6.03
C VAL C 48 -30.24 -21.04 6.91
N LEU C 49 -29.63 -20.62 8.02
CA LEU C 49 -30.21 -19.64 8.92
C LEU C 49 -29.56 -18.29 8.68
N THR C 50 -30.38 -17.27 8.44
CA THR C 50 -29.90 -15.91 8.17
C THR C 50 -30.31 -15.02 9.33
N THR C 51 -29.33 -14.48 10.06
CA THR C 51 -29.57 -13.65 11.22
C THR C 51 -28.68 -12.41 11.17
N ASN C 52 -29.13 -11.37 11.88
CA ASN C 52 -28.36 -10.16 12.08
C ASN C 52 -27.75 -10.21 13.47
N ILE C 53 -26.41 -10.16 13.53
CA ILE C 53 -25.69 -10.34 14.79
C ILE C 53 -24.57 -9.31 14.88
N TRP C 54 -24.41 -8.72 16.07
CA TRP C 54 -23.22 -7.98 16.42
C TRP C 54 -22.36 -8.88 17.30
N LEU C 55 -21.16 -9.22 16.82
CA LEU C 55 -20.21 -9.94 17.65
C LEU C 55 -19.62 -9.00 18.69
N GLN C 56 -19.13 -9.58 19.79
CA GLN C 56 -18.48 -8.80 20.83
C GLN C 56 -17.21 -9.52 21.25
N MET C 57 -16.06 -8.96 20.93
CA MET C 57 -14.77 -9.48 21.36
C MET C 57 -14.10 -8.48 22.29
N SER C 58 -13.57 -8.96 23.41
CA SER C 58 -12.87 -8.12 24.36
C SER C 58 -11.55 -8.79 24.75
N TRP C 59 -10.47 -8.02 24.74
CA TRP C 59 -9.18 -8.53 25.15
C TRP C 59 -8.33 -7.38 25.68
N THR C 60 -7.11 -7.69 26.08
CA THR C 60 -6.16 -6.70 26.58
C THR C 60 -4.92 -6.73 25.70
N ASP C 61 -4.49 -5.56 25.24
CA ASP C 61 -3.35 -5.44 24.34
C ASP C 61 -2.03 -5.34 25.10
N HIS C 62 -2.00 -4.51 26.15
CA HIS C 62 -0.82 -4.29 26.99
C HIS C 62 0.24 -3.50 26.23
N TYR C 63 0.01 -3.25 24.96
CA TYR C 63 0.88 -2.41 24.15
C TYR C 63 0.28 -1.05 23.85
N LEU C 64 -1.04 -0.91 23.98
CA LEU C 64 -1.72 0.36 23.81
C LEU C 64 -2.23 0.79 25.18
N GLN C 65 -1.33 1.40 25.95
CA GLN C 65 -1.66 1.95 27.25
C GLN C 65 -1.03 3.33 27.38
N TRP C 66 -1.68 4.19 28.15
CA TRP C 66 -1.17 5.54 28.37
C TRP C 66 -1.75 6.06 29.66
N ASN C 67 -1.19 7.18 30.11
CA ASN C 67 -1.62 7.86 31.32
C ASN C 67 -2.48 9.04 30.90
N VAL C 68 -3.73 9.08 31.39
CA VAL C 68 -4.66 10.12 31.00
C VAL C 68 -4.20 11.50 31.45
N SER C 69 -3.38 11.56 32.52
CA SER C 69 -2.83 12.84 32.92
C SER C 69 -1.82 13.36 31.91
N GLU C 70 -1.01 12.46 31.34
CA GLU C 70 -0.08 12.86 30.29
C GLU C 70 -0.76 13.07 28.94
N TYR C 71 -1.95 12.52 28.75
CA TYR C 71 -2.75 12.76 27.56
C TYR C 71 -4.16 13.19 27.98
N PRO C 72 -4.31 14.43 28.47
CA PRO C 72 -5.61 14.88 28.96
C PRO C 72 -6.66 14.89 27.87
N GLY C 73 -7.87 14.45 28.23
CA GLY C 73 -8.98 14.41 27.31
C GLY C 73 -9.03 13.21 26.40
N VAL C 74 -7.97 12.40 26.35
CA VAL C 74 -7.93 11.24 25.47
C VAL C 74 -8.06 9.98 26.30
N LYS C 75 -9.29 9.47 26.44
CA LYS C 75 -9.55 8.28 27.20
C LYS C 75 -9.66 7.03 26.35
N THR C 76 -9.99 7.17 25.06
CA THR C 76 -10.10 6.04 24.16
C THR C 76 -9.48 6.39 22.82
N VAL C 77 -9.03 5.35 22.12
CA VAL C 77 -8.54 5.46 20.75
C VAL C 77 -9.23 4.37 19.93
N ARG C 78 -9.25 4.58 18.62
CA ARG C 78 -9.89 3.66 17.69
C ARG C 78 -8.90 3.29 16.59
N PHE C 79 -8.78 2.00 16.32
CA PHE C 79 -7.84 1.51 15.32
C PHE C 79 -8.58 0.75 14.23
N PRO C 80 -8.29 0.99 12.95
CA PRO C 80 -8.96 0.28 11.86
C PRO C 80 -8.39 -1.13 11.70
N ASP C 81 -8.98 -1.85 10.76
CA ASP C 81 -8.54 -3.21 10.48
C ASP C 81 -7.15 -3.20 9.85
N GLY C 82 -6.28 -4.08 10.33
CA GLY C 82 -4.93 -4.18 9.83
C GLY C 82 -3.91 -3.31 10.51
N GLN C 83 -4.32 -2.45 11.44
CA GLN C 83 -3.40 -1.59 12.15
C GLN C 83 -3.02 -2.13 13.53
N ILE C 84 -3.87 -2.94 14.15
CA ILE C 84 -3.56 -3.58 15.42
C ILE C 84 -4.00 -5.03 15.34
N TRP C 85 -3.51 -5.83 16.29
CA TRP C 85 -3.85 -7.24 16.32
C TRP C 85 -5.31 -7.44 16.67
N LYS C 86 -5.95 -8.37 15.98
CA LYS C 86 -7.32 -8.76 16.26
C LYS C 86 -7.43 -10.28 16.29
N PRO C 87 -8.31 -10.82 17.12
CA PRO C 87 -8.56 -12.26 17.08
C PRO C 87 -9.22 -12.67 15.78
N ASP C 88 -8.81 -13.82 15.26
CA ASP C 88 -9.37 -14.33 14.00
C ASP C 88 -10.56 -15.26 14.25
N ILE C 89 -11.53 -14.77 15.00
CA ILE C 89 -12.73 -15.57 15.27
C ILE C 89 -13.55 -15.68 13.99
N LEU C 90 -13.94 -16.91 13.66
CA LEU C 90 -14.70 -17.19 12.44
C LEU C 90 -15.88 -18.07 12.78
N LEU C 91 -16.90 -18.01 11.93
CA LEU C 91 -18.06 -18.89 12.02
C LEU C 91 -17.71 -20.19 11.31
N TYR C 92 -17.54 -21.26 12.08
CA TYR C 92 -17.14 -22.55 11.50
C TYR C 92 -18.21 -23.07 10.54
N ASN C 93 -19.46 -23.06 10.97
CA ASN C 93 -20.56 -23.56 10.15
C ASN C 93 -21.17 -22.44 9.30
N SER C 94 -20.32 -21.74 8.56
CA SER C 94 -20.77 -20.63 7.73
C SER C 94 -21.24 -21.13 6.38
N ALA C 95 -22.44 -20.74 5.99
CA ALA C 95 -22.99 -21.07 4.67
C ALA C 95 -22.76 -19.97 3.66
N ASP C 96 -22.10 -18.88 4.05
CA ASP C 96 -21.86 -17.77 3.15
C ASP C 96 -20.70 -18.06 2.21
N GLU C 97 -20.77 -17.50 1.00
CA GLU C 97 -19.73 -17.72 0.01
C GLU C 97 -18.41 -17.10 0.45
N ARG C 98 -18.46 -15.93 1.08
CA ARG C 98 -17.26 -15.28 1.60
C ARG C 98 -16.82 -15.82 2.95
N PHE C 99 -17.57 -16.77 3.51
CA PHE C 99 -17.28 -17.39 4.80
C PHE C 99 -17.35 -16.36 5.92
N ASP C 100 -16.41 -15.43 5.96
CA ASP C 100 -16.43 -14.35 6.95
C ASP C 100 -17.44 -13.30 6.50
N ALA C 101 -18.60 -13.28 7.14
CA ALA C 101 -19.70 -12.40 6.77
C ALA C 101 -19.77 -11.15 7.63
N THR C 102 -18.75 -10.90 8.45
CA THR C 102 -18.79 -9.78 9.38
C THR C 102 -18.24 -8.51 8.72
N PHE C 103 -18.67 -7.37 9.24
CA PHE C 103 -18.24 -6.07 8.75
C PHE C 103 -17.19 -5.52 9.71
N HIS C 104 -16.01 -5.20 9.18
CA HIS C 104 -14.89 -4.79 10.02
C HIS C 104 -15.06 -3.32 10.42
N THR C 105 -15.22 -3.09 11.72
CA THR C 105 -15.31 -1.75 12.27
C THR C 105 -14.04 -1.46 13.08
N ASN C 106 -14.01 -0.28 13.69
CA ASN C 106 -12.87 0.11 14.49
C ASN C 106 -12.81 -0.69 15.79
N VAL C 107 -11.59 -0.92 16.27
CA VAL C 107 -11.37 -1.50 17.58
C VAL C 107 -11.16 -0.36 18.57
N LEU C 108 -11.91 -0.39 19.67
CA LEU C 108 -11.89 0.64 20.69
C LEU C 108 -10.98 0.19 21.83
N VAL C 109 -9.97 1.01 22.13
CA VAL C 109 -9.01 0.72 23.19
C VAL C 109 -9.06 1.88 24.19
N ASN C 110 -9.13 1.54 25.48
CA ASN C 110 -9.10 2.57 26.50
C ASN C 110 -7.72 2.62 27.15
N SER C 111 -7.58 3.43 28.20
CA SER C 111 -6.26 3.76 28.73
C SER C 111 -5.52 2.53 29.24
N SER C 112 -6.22 1.61 29.89
CA SER C 112 -5.59 0.42 30.44
C SER C 112 -5.33 -0.65 29.40
N GLY C 113 -5.58 -0.38 28.12
CA GLY C 113 -5.28 -1.31 27.06
C GLY C 113 -6.36 -2.30 26.73
N HIS C 114 -7.59 -2.09 27.19
CA HIS C 114 -8.69 -3.01 26.93
CA HIS C 114 -8.69 -3.01 26.93
C HIS C 114 -9.28 -2.71 25.56
N CYS C 115 -9.07 -3.62 24.61
CA CYS C 115 -9.61 -3.49 23.27
C CYS C 115 -10.95 -4.21 23.19
N GLN C 116 -11.95 -3.51 22.65
CA GLN C 116 -13.29 -4.04 22.48
C GLN C 116 -13.72 -3.83 21.03
N TYR C 117 -14.32 -4.87 20.45
CA TYR C 117 -14.52 -4.95 19.01
C TYR C 117 -15.91 -5.51 18.76
N LEU C 118 -16.76 -4.73 18.10
CA LEU C 118 -18.16 -5.09 17.88
C LEU C 118 -18.48 -5.06 16.40
N PRO C 119 -18.15 -6.12 15.67
CA PRO C 119 -18.45 -6.18 14.24
C PRO C 119 -19.88 -6.61 14.01
N PRO C 120 -20.66 -5.83 13.28
CA PRO C 120 -21.99 -6.27 12.86
C PRO C 120 -21.92 -7.07 11.57
N GLY C 121 -22.95 -7.90 11.37
CA GLY C 121 -23.02 -8.65 10.14
C GLY C 121 -24.29 -9.47 10.04
N ILE C 122 -24.68 -9.75 8.81
CA ILE C 122 -25.74 -10.70 8.51
C ILE C 122 -25.06 -12.04 8.26
N PHE C 123 -25.30 -12.99 9.17
CA PHE C 123 -24.62 -14.28 9.14
C PHE C 123 -25.53 -15.34 8.55
N LYS C 124 -25.00 -16.09 7.60
CA LYS C 124 -25.69 -17.25 7.04
C LYS C 124 -24.96 -18.50 7.52
N SER C 125 -25.65 -19.30 8.33
CA SER C 125 -25.07 -20.50 8.91
C SER C 125 -25.93 -21.71 8.58
N SER C 126 -25.28 -22.86 8.45
CA SER C 126 -25.99 -24.09 8.13
C SER C 126 -26.77 -24.58 9.35
N CYS C 127 -28.03 -24.93 9.14
CA CYS C 127 -28.90 -25.41 10.21
C CYS C 127 -29.73 -26.57 9.72
N TYR C 128 -29.89 -27.58 10.57
CA TYR C 128 -30.78 -28.69 10.30
C TYR C 128 -32.18 -28.31 10.77
N ILE C 129 -33.13 -28.27 9.84
CA ILE C 129 -34.50 -27.87 10.13
C ILE C 129 -35.40 -29.08 9.86
N ASP C 130 -36.18 -29.47 10.86
CA ASP C 130 -37.05 -30.63 10.78
C ASP C 130 -38.49 -30.17 10.55
N VAL C 131 -39.11 -30.68 9.48
CA VAL C 131 -40.50 -30.39 9.19
C VAL C 131 -41.41 -31.50 9.70
N ARG C 132 -40.92 -32.33 10.64
CA ARG C 132 -41.71 -33.42 11.19
C ARG C 132 -42.96 -32.89 11.89
N TRP C 133 -42.78 -32.11 12.95
CA TRP C 133 -43.88 -31.44 13.63
C TRP C 133 -44.05 -30.06 12.99
N PHE C 134 -44.68 -30.05 11.82
CA PHE C 134 -44.70 -28.86 10.96
C PHE C 134 -45.13 -27.58 11.66
N PRO C 135 -46.22 -27.56 12.46
CA PRO C 135 -46.59 -26.28 13.09
C PRO C 135 -46.08 -26.11 14.52
N PHE C 136 -45.47 -27.16 15.10
CA PHE C 136 -44.99 -27.08 16.48
C PHE C 136 -43.55 -27.56 16.61
N ASP C 137 -42.74 -27.42 15.57
CA ASP C 137 -41.35 -27.86 15.64
C ASP C 137 -40.48 -26.83 16.35
N VAL C 138 -39.57 -27.32 17.18
CA VAL C 138 -38.57 -26.50 17.84
C VAL C 138 -37.22 -26.76 17.17
N GLN C 139 -36.63 -25.71 16.61
CA GLN C 139 -35.42 -25.84 15.80
C GLN C 139 -34.21 -25.33 16.58
N HIS C 140 -33.18 -26.15 16.67
CA HIS C 140 -31.94 -25.81 17.37
C HIS C 140 -30.89 -25.49 16.30
N CYS C 141 -30.67 -24.20 16.07
CA CYS C 141 -29.72 -23.73 15.09
C CYS C 141 -28.39 -23.41 15.77
N LYS C 142 -27.31 -24.00 15.27
CA LYS C 142 -26.02 -23.93 15.93
C LYS C 142 -25.16 -22.85 15.28
N LEU C 143 -24.52 -22.03 16.10
CA LEU C 143 -23.62 -20.96 15.64
C LEU C 143 -22.30 -21.16 16.37
N LYS C 144 -21.30 -21.68 15.66
CA LYS C 144 -20.03 -22.08 16.24
C LYS C 144 -18.95 -21.09 15.86
N PHE C 145 -18.34 -20.46 16.87
CA PHE C 145 -17.32 -19.44 16.67
C PHE C 145 -16.03 -19.88 17.34
N GLY C 146 -14.90 -19.53 16.72
CA GLY C 146 -13.62 -19.83 17.31
C GLY C 146 -12.50 -19.26 16.46
N SER C 147 -11.33 -19.15 17.07
CA SER C 147 -10.15 -18.69 16.36
C SER C 147 -9.69 -19.75 15.37
N TRP C 148 -9.29 -19.31 14.18
CA TRP C 148 -8.93 -20.25 13.14
C TRP C 148 -7.48 -20.71 13.24
N SER C 149 -6.57 -19.80 13.59
CA SER C 149 -5.15 -20.10 13.61
C SER C 149 -4.55 -20.10 15.02
N TYR C 150 -5.32 -19.70 16.04
CA TYR C 150 -4.85 -19.71 17.41
C TYR C 150 -5.57 -20.80 18.19
N GLY C 151 -4.80 -21.65 18.87
CA GLY C 151 -5.35 -22.69 19.72
C GLY C 151 -5.48 -22.23 21.16
N GLY C 152 -5.81 -23.19 22.02
CA GLY C 152 -5.96 -22.88 23.44
C GLY C 152 -4.67 -22.52 24.13
N TRP C 153 -3.52 -22.92 23.55
CA TRP C 153 -2.24 -22.55 24.12
C TRP C 153 -1.89 -21.10 23.87
N SER C 154 -2.50 -20.47 22.86
CA SER C 154 -2.21 -19.09 22.49
C SER C 154 -3.38 -18.15 22.76
N LEU C 155 -4.60 -18.55 22.39
CA LEU C 155 -5.79 -17.72 22.58
C LEU C 155 -6.79 -18.50 23.41
N ASP C 156 -7.02 -18.04 24.64
CA ASP C 156 -7.99 -18.65 25.53
C ASP C 156 -9.34 -17.96 25.32
N LEU C 157 -10.26 -18.66 24.66
CA LEU C 157 -11.55 -18.09 24.29
C LEU C 157 -12.55 -18.34 25.42
N GLN C 158 -12.96 -17.28 26.09
CA GLN C 158 -13.98 -17.34 27.12
C GLN C 158 -15.32 -16.90 26.53
N MET C 159 -16.40 -17.40 27.12
CA MET C 159 -17.74 -17.19 26.60
C MET C 159 -18.53 -16.26 27.52
N GLN C 160 -19.31 -15.36 26.93
CA GLN C 160 -20.22 -14.51 27.67
C GLN C 160 -21.62 -14.67 27.10
N GLU C 161 -22.62 -14.50 27.95
CA GLU C 161 -24.00 -14.74 27.54
C GLU C 161 -24.42 -13.78 26.43
N ALA C 162 -25.18 -14.31 25.48
CA ALA C 162 -25.63 -13.51 24.35
C ALA C 162 -26.62 -12.44 24.79
N ASP C 163 -26.65 -11.35 24.03
CA ASP C 163 -27.51 -10.20 24.34
C ASP C 163 -28.81 -10.30 23.54
N ILE C 164 -29.93 -10.16 24.24
CA ILE C 164 -31.24 -10.27 23.62
C ILE C 164 -32.03 -8.97 23.68
N SER C 165 -31.62 -8.01 24.52
CA SER C 165 -32.38 -6.78 24.73
C SER C 165 -32.65 -6.04 23.42
N GLY C 166 -31.76 -6.16 22.44
CA GLY C 166 -31.96 -5.54 21.15
C GLY C 166 -32.70 -6.36 20.13
N TYR C 167 -33.14 -7.57 20.49
CA TYR C 167 -33.86 -8.43 19.56
C TYR C 167 -35.22 -7.85 19.21
N ILE C 168 -35.63 -8.00 17.95
CA ILE C 168 -36.98 -7.64 17.53
C ILE C 168 -37.72 -8.93 17.17
N PRO C 169 -39.00 -9.05 17.53
CA PRO C 169 -39.72 -10.30 17.25
C PRO C 169 -39.77 -10.60 15.76
N ASN C 170 -39.74 -11.89 15.44
CA ASN C 170 -39.90 -12.37 14.08
C ASN C 170 -41.36 -12.72 13.81
N GLY C 171 -41.75 -12.64 12.53
CA GLY C 171 -43.12 -12.92 12.16
C GLY C 171 -43.48 -14.39 12.30
N GLU C 172 -42.59 -15.28 11.88
CA GLU C 172 -42.89 -16.71 11.81
C GLU C 172 -42.23 -17.52 12.92
N TRP C 173 -41.25 -16.95 13.63
CA TRP C 173 -40.42 -17.73 14.55
C TRP C 173 -40.30 -16.98 15.87
N ASP C 174 -40.46 -17.71 16.97
CA ASP C 174 -40.28 -17.16 18.31
C ASP C 174 -38.94 -17.60 18.88
N LEU C 175 -38.26 -16.67 19.55
CA LEU C 175 -36.98 -16.93 20.19
C LEU C 175 -37.25 -17.38 21.62
N VAL C 176 -37.01 -18.67 21.90
CA VAL C 176 -37.15 -19.18 23.27
C VAL C 176 -35.89 -18.94 24.10
N GLY C 177 -34.79 -18.59 23.47
CA GLY C 177 -33.55 -18.30 24.16
C GLY C 177 -32.36 -18.80 23.36
N ILE C 178 -31.22 -18.17 23.58
CA ILE C 178 -30.00 -18.53 22.86
C ILE C 178 -28.91 -18.87 23.87
N PRO C 179 -28.87 -20.11 24.34
CA PRO C 179 -27.80 -20.51 25.26
C PRO C 179 -26.49 -20.77 24.53
N GLY C 180 -25.39 -20.44 25.20
CA GLY C 180 -24.06 -20.64 24.66
C GLY C 180 -23.26 -21.58 25.55
N LYS C 181 -22.33 -22.29 24.93
CA LYS C 181 -21.45 -23.20 25.64
C LYS C 181 -20.05 -23.14 25.05
N ARG C 182 -19.04 -23.31 25.90
CA ARG C 182 -17.65 -23.30 25.50
C ARG C 182 -17.10 -24.71 25.55
N SER C 183 -16.47 -25.14 24.46
CA SER C 183 -15.87 -26.47 24.36
C SER C 183 -14.45 -26.33 23.83
N GLU C 184 -13.69 -27.41 23.95
CA GLU C 184 -12.33 -27.48 23.41
C GLU C 184 -12.22 -28.76 22.59
N ARG C 185 -12.11 -28.62 21.27
CA ARG C 185 -12.12 -29.76 20.37
C ARG C 185 -10.74 -29.97 19.75
N PHE C 186 -10.47 -31.21 19.38
CA PHE C 186 -9.26 -31.59 18.67
C PHE C 186 -9.57 -31.89 17.22
N TYR C 187 -8.74 -31.37 16.32
CA TYR C 187 -8.90 -31.58 14.90
C TYR C 187 -7.72 -32.38 14.35
N GLU C 188 -7.97 -33.07 13.24
CA GLU C 188 -6.93 -33.88 12.61
C GLU C 188 -5.79 -33.04 12.04
N CYS C 189 -5.97 -31.72 11.91
CA CYS C 189 -4.93 -30.88 11.33
C CYS C 189 -3.70 -30.82 12.21
N CYS C 190 -3.88 -30.68 13.52
CA CYS C 190 -2.73 -30.58 14.43
C CYS C 190 -3.13 -31.05 15.82
N LYS C 191 -2.12 -31.31 16.64
CA LYS C 191 -2.32 -31.68 18.04
C LYS C 191 -2.80 -30.52 18.88
N GLU C 192 -2.78 -29.31 18.35
CA GLU C 192 -3.26 -28.13 19.07
C GLU C 192 -4.74 -28.23 19.35
N PRO C 193 -5.18 -28.20 20.61
CA PRO C 193 -6.60 -28.09 20.90
C PRO C 193 -7.12 -26.70 20.52
N TYR C 194 -8.36 -26.66 20.09
CA TYR C 194 -9.00 -25.41 19.69
C TYR C 194 -10.26 -25.16 20.51
N PRO C 195 -10.29 -24.13 21.35
CA PRO C 195 -11.54 -23.75 22.00
C PRO C 195 -12.51 -23.12 21.01
N ASP C 196 -13.79 -23.29 21.31
CA ASP C 196 -14.85 -22.67 20.52
C ASP C 196 -16.03 -22.39 21.45
N VAL C 197 -16.86 -21.44 21.03
CA VAL C 197 -18.10 -21.11 21.72
C VAL C 197 -19.25 -21.27 20.73
N THR C 198 -20.28 -21.98 21.15
CA THR C 198 -21.43 -22.27 20.29
C THR C 198 -22.69 -21.73 20.94
N PHE C 199 -23.46 -20.96 20.18
CA PHE C 199 -24.75 -20.44 20.60
C PHE C 199 -25.85 -21.15 19.82
N THR C 200 -26.88 -21.61 20.53
CA THR C 200 -28.01 -22.30 19.92
C THR C 200 -29.20 -21.36 19.90
N VAL C 201 -29.69 -21.06 18.70
CA VAL C 201 -30.72 -20.04 18.55
C VAL C 201 -32.05 -20.51 19.13
N THR C 202 -32.42 -21.77 18.87
CA THR C 202 -33.56 -22.42 19.52
C THR C 202 -34.87 -21.66 19.28
N MET C 203 -35.29 -21.66 18.02
CA MET C 203 -36.52 -21.00 17.62
C MET C 203 -37.71 -21.96 17.65
N ARG C 204 -38.90 -21.36 17.66
CA ARG C 204 -40.17 -22.09 17.57
C ARG C 204 -41.02 -21.43 16.51
N ARG C 205 -41.61 -22.24 15.62
CA ARG C 205 -42.52 -21.70 14.62
C ARG C 205 -43.79 -21.15 15.29
N ARG C 206 -44.21 -19.97 14.85
CA ARG C 206 -45.39 -19.33 15.40
C ARG C 206 -46.66 -19.96 14.84
N THR C 207 -47.74 -19.86 15.61
CA THR C 207 -49.02 -20.44 15.22
C THR C 207 -49.55 -19.86 13.92
N GLU D 1 10.32 -8.19 24.08
CA GLU D 1 9.35 -9.26 23.85
C GLU D 1 9.86 -10.21 22.77
N PHE D 2 9.84 -11.51 23.09
CA PHE D 2 10.44 -12.49 22.20
C PHE D 2 9.64 -12.70 20.94
N GLN D 3 8.30 -12.66 21.02
CA GLN D 3 7.49 -12.78 19.82
C GLN D 3 7.69 -11.58 18.90
N ARG D 4 7.77 -10.38 19.49
CA ARG D 4 8.05 -9.18 18.70
C ARG D 4 9.42 -9.28 18.02
N LYS D 5 10.42 -9.73 18.77
CA LYS D 5 11.75 -9.89 18.20
C LYS D 5 11.76 -10.91 17.07
N LEU D 6 11.02 -12.02 17.25
CA LEU D 6 10.96 -13.04 16.22
C LEU D 6 10.28 -12.54 14.96
N TYR D 7 9.17 -11.79 15.10
CA TYR D 7 8.53 -11.24 13.91
C TYR D 7 9.44 -10.22 13.22
N LYS D 8 10.19 -9.44 13.99
CA LYS D 8 11.16 -8.54 13.36
C LYS D 8 12.24 -9.31 12.61
N GLU D 9 12.72 -10.41 13.19
CA GLU D 9 13.86 -11.13 12.63
C GLU D 9 13.48 -11.97 11.42
N LEU D 10 12.30 -12.60 11.45
CA LEU D 10 11.93 -13.56 10.41
C LEU D 10 11.77 -12.88 9.05
N VAL D 11 11.21 -11.67 9.03
CA VAL D 11 10.93 -10.99 7.77
C VAL D 11 12.14 -10.29 7.19
N LYS D 12 13.31 -10.45 7.79
CA LYS D 12 14.53 -9.86 7.24
C LYS D 12 14.90 -10.55 5.93
N ASN D 13 15.06 -9.75 4.88
CA ASN D 13 15.42 -10.19 3.53
C ASN D 13 14.39 -11.12 2.91
N TYR D 14 13.27 -11.36 3.56
CA TYR D 14 12.29 -12.33 3.07
C TYR D 14 11.56 -11.78 1.85
N ASN D 15 11.44 -12.59 0.82
CA ASN D 15 10.70 -12.24 -0.39
C ASN D 15 9.52 -13.18 -0.56
N PRO D 16 8.28 -12.70 -0.45
CA PRO D 16 7.13 -13.59 -0.67
C PRO D 16 7.05 -14.13 -2.08
N LEU D 17 7.72 -13.49 -3.05
CA LEU D 17 7.73 -13.98 -4.42
C LEU D 17 8.59 -15.23 -4.58
N GLU D 18 9.44 -15.52 -3.60
CA GLU D 18 10.43 -16.59 -3.73
C GLU D 18 9.90 -17.90 -3.17
N ARG D 19 10.04 -18.95 -3.96
CA ARG D 19 9.70 -20.30 -3.48
C ARG D 19 10.72 -20.70 -2.42
N PRO D 20 10.29 -21.00 -1.20
CA PRO D 20 11.23 -21.18 -0.08
C PRO D 20 11.87 -22.56 -0.03
N VAL D 21 12.78 -22.81 -0.97
CA VAL D 21 13.60 -24.00 -0.96
C VAL D 21 15.02 -23.63 -0.55
N ALA D 22 15.81 -24.64 -0.24
CA ALA D 22 17.20 -24.43 0.16
C ALA D 22 18.20 -24.68 -0.97
N ASN D 23 17.74 -25.14 -2.14
CA ASN D 23 18.66 -25.51 -3.20
C ASN D 23 18.32 -24.86 -4.54
N ASP D 24 17.02 -24.61 -4.77
CA ASP D 24 16.49 -24.04 -6.01
C ASP D 24 16.52 -25.04 -7.16
N SER D 25 17.11 -26.21 -6.94
CA SER D 25 17.18 -27.23 -7.97
C SER D 25 16.26 -28.42 -7.71
N GLN D 26 15.79 -28.57 -6.48
CA GLN D 26 14.86 -29.64 -6.14
C GLN D 26 13.49 -29.04 -5.82
N PRO D 27 12.41 -29.73 -6.19
CA PRO D 27 11.08 -29.19 -5.96
C PRO D 27 10.75 -29.06 -4.48
N LEU D 28 9.92 -28.07 -4.17
CA LEU D 28 9.33 -27.94 -2.85
C LEU D 28 8.17 -28.92 -2.73
N THR D 29 8.21 -29.78 -1.72
CA THR D 29 7.16 -30.76 -1.52
C THR D 29 6.00 -30.12 -0.75
N VAL D 30 4.83 -30.10 -1.37
CA VAL D 30 3.62 -29.54 -0.77
C VAL D 30 2.62 -30.67 -0.61
N TYR D 31 2.26 -30.98 0.64
CA TYR D 31 1.26 -32.01 0.93
C TYR D 31 -0.12 -31.37 0.94
N PHE D 32 -1.02 -31.91 0.14
CA PHE D 32 -2.37 -31.36 0.00
C PHE D 32 -3.39 -32.42 0.41
N SER D 33 -4.37 -31.99 1.18
CA SER D 33 -5.43 -32.87 1.65
C SER D 33 -6.73 -32.08 1.78
N LEU D 34 -7.82 -32.81 1.95
CA LEU D 34 -9.15 -32.24 1.95
C LEU D 34 -9.80 -32.45 3.31
N SER D 35 -10.81 -31.63 3.62
CA SER D 35 -11.65 -31.85 4.78
C SER D 35 -13.07 -31.45 4.39
N LEU D 36 -13.91 -32.44 4.11
CA LEU D 36 -15.29 -32.20 3.69
C LEU D 36 -16.16 -32.06 4.94
N LEU D 37 -16.78 -30.90 5.12
CA LEU D 37 -17.65 -30.68 6.26
C LEU D 37 -19.09 -31.04 5.94
N GLN D 38 -19.60 -30.62 4.79
CA GLN D 38 -20.95 -30.98 4.38
C GLN D 38 -21.12 -30.70 2.89
N ILE D 39 -22.00 -31.45 2.26
CA ILE D 39 -22.38 -31.24 0.87
C ILE D 39 -23.57 -30.29 0.89
N MET D 40 -23.33 -29.02 0.58
CA MET D 40 -24.36 -28.01 0.75
C MET D 40 -25.47 -28.12 -0.30
N ASP D 41 -25.09 -28.39 -1.55
CA ASP D 41 -26.08 -28.41 -2.62
C ASP D 41 -25.54 -29.23 -3.78
N VAL D 42 -26.40 -30.06 -4.37
CA VAL D 42 -26.11 -30.79 -5.59
C VAL D 42 -27.13 -30.32 -6.62
N ASP D 43 -26.71 -29.41 -7.50
CA ASP D 43 -27.61 -28.79 -8.47
C ASP D 43 -27.56 -29.61 -9.75
N GLU D 44 -28.61 -30.40 -10.00
CA GLU D 44 -28.65 -31.24 -11.18
C GLU D 44 -28.90 -30.43 -12.44
N LYS D 45 -29.65 -29.34 -12.34
CA LYS D 45 -29.95 -28.51 -13.51
C LYS D 45 -28.72 -27.77 -13.99
N ASN D 46 -27.98 -27.16 -13.07
CA ASN D 46 -26.79 -26.40 -13.42
C ASN D 46 -25.53 -27.24 -13.44
N GLN D 47 -25.61 -28.52 -13.06
CA GLN D 47 -24.46 -29.43 -13.07
C GLN D 47 -23.32 -28.89 -12.21
N VAL D 48 -23.67 -28.43 -11.01
CA VAL D 48 -22.71 -27.80 -10.10
C VAL D 48 -22.85 -28.43 -8.73
N LEU D 49 -21.72 -28.82 -8.13
CA LEU D 49 -21.69 -29.34 -6.77
C LEU D 49 -21.20 -28.26 -5.83
N THR D 50 -21.97 -28.03 -4.76
CA THR D 50 -21.64 -27.02 -3.75
C THR D 50 -21.32 -27.73 -2.44
N THR D 51 -20.08 -27.58 -1.98
CA THR D 51 -19.61 -28.24 -0.77
C THR D 51 -18.90 -27.26 0.13
N ASN D 52 -18.94 -27.54 1.43
CA ASN D 52 -18.17 -26.80 2.44
C ASN D 52 -16.91 -27.61 2.71
N ILE D 53 -15.74 -27.00 2.44
CA ILE D 53 -14.47 -27.72 2.45
C ILE D 53 -13.40 -26.87 3.10
N TRP D 54 -12.58 -27.50 3.94
CA TRP D 54 -11.34 -26.93 4.42
C TRP D 54 -10.19 -27.61 3.67
N LEU D 55 -9.42 -26.82 2.92
CA LEU D 55 -8.21 -27.35 2.32
C LEU D 55 -7.12 -27.46 3.39
N GLN D 56 -6.15 -28.35 3.15
CA GLN D 56 -5.00 -28.48 4.02
C GLN D 56 -3.75 -28.53 3.17
N MET D 57 -2.91 -27.51 3.28
CA MET D 57 -1.61 -27.49 2.62
C MET D 57 -0.51 -27.46 3.67
N SER D 58 0.52 -28.28 3.47
CA SER D 58 1.66 -28.32 4.36
C SER D 58 2.95 -28.28 3.55
N TRP D 59 3.90 -27.48 3.98
CA TRP D 59 5.19 -27.42 3.31
C TRP D 59 6.24 -26.93 4.31
N THR D 60 7.47 -26.81 3.84
CA THR D 60 8.58 -26.33 4.65
C THR D 60 9.18 -25.09 4.00
N ASP D 61 9.35 -24.03 4.79
CA ASP D 61 9.85 -22.77 4.28
C ASP D 61 11.38 -22.70 4.30
N HIS D 62 12.00 -23.13 5.40
CA HIS D 62 13.45 -23.15 5.59
C HIS D 62 13.98 -21.72 5.77
N TYR D 63 13.10 -20.74 5.63
CA TYR D 63 13.43 -19.35 5.92
C TYR D 63 12.80 -18.85 7.20
N LEU D 64 11.76 -19.52 7.71
CA LEU D 64 11.13 -19.17 8.97
C LEU D 64 11.46 -20.28 9.96
N GLN D 65 12.65 -20.19 10.54
CA GLN D 65 13.10 -21.10 11.57
C GLN D 65 13.76 -20.30 12.68
N TRP D 66 13.68 -20.83 13.89
CA TRP D 66 14.28 -20.18 15.04
C TRP D 66 14.50 -21.23 16.13
N ASN D 67 15.28 -20.84 17.13
CA ASN D 67 15.57 -21.68 18.28
C ASN D 67 14.64 -21.28 19.40
N VAL D 68 13.85 -22.23 19.90
CA VAL D 68 12.86 -21.93 20.92
C VAL D 68 13.54 -21.48 22.21
N SER D 69 14.78 -21.91 22.45
CA SER D 69 15.52 -21.41 23.61
C SER D 69 15.90 -19.95 23.43
N GLU D 70 16.23 -19.53 22.20
CA GLU D 70 16.53 -18.13 21.93
C GLU D 70 15.28 -17.27 21.88
N TYR D 71 14.12 -17.88 21.65
CA TYR D 71 12.82 -17.18 21.70
C TYR D 71 11.88 -17.97 22.60
N PRO D 72 12.08 -17.89 23.92
CA PRO D 72 11.26 -18.69 24.83
C PRO D 72 9.79 -18.33 24.74
N GLY D 73 8.94 -19.36 24.79
CA GLY D 73 7.51 -19.19 24.74
C GLY D 73 6.93 -19.00 23.36
N VAL D 74 7.77 -18.86 22.33
CA VAL D 74 7.26 -18.63 20.97
C VAL D 74 7.53 -19.88 20.14
N LYS D 75 6.53 -20.77 20.07
CA LYS D 75 6.66 -22.00 19.32
C LYS D 75 6.07 -21.92 17.92
N THR D 76 5.16 -20.98 17.67
CA THR D 76 4.55 -20.82 16.36
C THR D 76 4.39 -19.33 16.06
N VAL D 77 4.39 -19.03 14.76
CA VAL D 77 4.08 -17.70 14.24
C VAL D 77 3.01 -17.87 13.17
N ARG D 78 2.31 -16.78 12.87
CA ARG D 78 1.23 -16.80 11.91
C ARG D 78 1.37 -15.62 10.96
N PHE D 79 1.26 -15.90 9.66
CA PHE D 79 1.49 -14.88 8.66
C PHE D 79 0.27 -14.71 7.76
N PRO D 80 -0.13 -13.48 7.49
CA PRO D 80 -1.30 -13.23 6.64
C PRO D 80 -0.97 -13.46 5.17
N ASP D 81 -2.00 -13.32 4.33
CA ASP D 81 -1.82 -13.50 2.89
C ASP D 81 -0.98 -12.36 2.32
N GLY D 82 -0.01 -12.71 1.48
CA GLY D 82 0.85 -11.74 0.86
C GLY D 82 2.13 -11.42 1.62
N GLN D 83 2.30 -11.96 2.82
CA GLN D 83 3.50 -11.71 3.60
C GLN D 83 4.53 -12.82 3.48
N ILE D 84 4.11 -14.06 3.20
CA ILE D 84 5.01 -15.17 2.96
C ILE D 84 4.53 -15.91 1.72
N TRP D 85 5.40 -16.77 1.19
CA TRP D 85 5.08 -17.55 0.02
C TRP D 85 4.02 -18.60 0.34
N LYS D 86 3.05 -18.74 -0.55
CA LYS D 86 2.03 -19.77 -0.44
C LYS D 86 1.88 -20.48 -1.76
N PRO D 87 1.56 -21.77 -1.74
CA PRO D 87 1.27 -22.49 -2.99
C PRO D 87 0.00 -21.96 -3.62
N ASP D 88 0.00 -21.85 -4.95
CA ASP D 88 -1.16 -21.36 -5.69
C ASP D 88 -2.06 -22.49 -6.14
N ILE D 89 -2.48 -23.33 -5.19
CA ILE D 89 -3.38 -24.43 -5.50
C ILE D 89 -4.76 -23.86 -5.83
N LEU D 90 -5.33 -24.30 -6.95
CA LEU D 90 -6.62 -23.82 -7.41
C LEU D 90 -7.49 -25.00 -7.79
N LEU D 91 -8.80 -24.79 -7.76
CA LEU D 91 -9.76 -25.78 -8.23
C LEU D 91 -9.90 -25.63 -9.74
N TYR D 92 -9.38 -26.61 -10.49
CA TYR D 92 -9.41 -26.52 -11.94
C TYR D 92 -10.84 -26.50 -12.47
N ASN D 93 -11.67 -27.42 -12.00
CA ASN D 93 -13.06 -27.51 -12.44
C ASN D 93 -13.97 -26.66 -11.56
N SER D 94 -13.62 -25.39 -11.41
CA SER D 94 -14.38 -24.47 -10.58
C SER D 94 -15.51 -23.85 -11.38
N ALA D 95 -16.72 -23.93 -10.85
CA ALA D 95 -17.90 -23.31 -11.46
C ALA D 95 -18.19 -21.94 -10.87
N ASP D 96 -17.36 -21.46 -9.95
CA ASP D 96 -17.60 -20.18 -9.30
C ASP D 96 -17.13 -19.03 -10.18
N GLU D 97 -17.85 -17.90 -10.07
CA GLU D 97 -17.52 -16.73 -10.89
C GLU D 97 -16.13 -16.19 -10.57
N ARG D 98 -15.77 -16.15 -9.29
CA ARG D 98 -14.45 -15.68 -8.87
C ARG D 98 -13.40 -16.79 -8.91
N PHE D 99 -13.78 -17.99 -9.37
CA PHE D 99 -12.87 -19.11 -9.52
C PHE D 99 -12.31 -19.56 -8.17
N ASP D 100 -11.45 -18.76 -7.57
CA ASP D 100 -10.89 -19.08 -6.25
C ASP D 100 -11.95 -18.77 -5.20
N ALA D 101 -12.59 -19.82 -4.68
CA ALA D 101 -13.68 -19.68 -3.72
C ALA D 101 -13.22 -19.83 -2.29
N THR D 102 -11.90 -19.91 -2.06
CA THR D 102 -11.38 -20.17 -0.73
C THR D 102 -11.20 -18.86 0.04
N PHE D 103 -11.25 -18.97 1.36
CA PHE D 103 -11.07 -17.82 2.26
C PHE D 103 -9.66 -17.85 2.82
N HIS D 104 -8.92 -16.77 2.61
CA HIS D 104 -7.51 -16.73 2.98
C HIS D 104 -7.39 -16.49 4.48
N THR D 105 -6.80 -17.45 5.18
CA THR D 105 -6.52 -17.36 6.60
C THR D 105 -5.02 -17.27 6.82
N ASN D 106 -4.61 -17.24 8.09
CA ASN D 106 -3.20 -17.16 8.42
C ASN D 106 -2.51 -18.50 8.13
N VAL D 107 -1.24 -18.40 7.74
CA VAL D 107 -0.38 -19.56 7.62
C VAL D 107 0.36 -19.76 8.94
N LEU D 108 0.28 -20.97 9.47
CA LEU D 108 0.89 -21.32 10.76
C LEU D 108 2.25 -21.96 10.51
N VAL D 109 3.29 -21.39 11.12
CA VAL D 109 4.66 -21.86 10.97
C VAL D 109 5.21 -22.17 12.34
N ASN D 110 5.85 -23.33 12.47
CA ASN D 110 6.51 -23.72 13.71
C ASN D 110 8.02 -23.63 13.57
N SER D 111 8.72 -23.87 14.68
CA SER D 111 10.13 -23.50 14.79
C SER D 111 10.99 -24.18 13.74
N SER D 112 10.61 -25.35 13.26
CA SER D 112 11.38 -26.04 12.23
C SER D 112 11.03 -25.55 10.82
N GLY D 113 10.14 -24.58 10.70
CA GLY D 113 9.80 -24.01 9.41
C GLY D 113 8.65 -24.68 8.70
N HIS D 114 7.87 -25.51 9.38
CA HIS D 114 6.75 -26.22 8.75
CA HIS D 114 6.76 -26.21 8.76
C HIS D 114 5.55 -25.30 8.71
N CYS D 115 5.19 -24.86 7.51
CA CYS D 115 4.04 -23.99 7.30
C CYS D 115 2.81 -24.85 7.00
N GLN D 116 1.73 -24.56 7.71
CA GLN D 116 0.47 -25.30 7.59
C GLN D 116 -0.65 -24.29 7.36
N TYR D 117 -1.47 -24.56 6.34
CA TYR D 117 -2.42 -23.58 5.82
C TYR D 117 -3.75 -24.28 5.61
N LEU D 118 -4.79 -23.81 6.30
CA LEU D 118 -6.12 -24.43 6.26
C LEU D 118 -7.16 -23.40 5.84
N PRO D 119 -7.33 -23.17 4.54
CA PRO D 119 -8.34 -22.24 4.07
C PRO D 119 -9.69 -22.92 3.98
N PRO D 120 -10.71 -22.36 4.63
CA PRO D 120 -12.08 -22.84 4.43
C PRO D 120 -12.74 -22.15 3.26
N GLY D 121 -13.78 -22.79 2.73
CA GLY D 121 -14.53 -22.18 1.65
C GLY D 121 -15.68 -23.05 1.20
N ILE D 122 -16.64 -22.39 0.55
CA ILE D 122 -17.75 -23.04 -0.11
C ILE D 122 -17.38 -23.17 -1.58
N PHE D 123 -17.06 -24.38 -2.01
CA PHE D 123 -16.54 -24.63 -3.36
C PHE D 123 -17.68 -25.05 -4.28
N LYS D 124 -17.78 -24.39 -5.42
CA LYS D 124 -18.72 -24.75 -6.48
C LYS D 124 -17.92 -25.34 -7.63
N SER D 125 -18.06 -26.65 -7.83
CA SER D 125 -17.32 -27.36 -8.85
C SER D 125 -18.29 -28.00 -9.84
N SER D 126 -17.87 -28.05 -11.11
CA SER D 126 -18.70 -28.64 -12.14
C SER D 126 -18.74 -30.16 -11.99
N CYS D 127 -19.95 -30.72 -12.06
CA CYS D 127 -20.14 -32.15 -11.93
C CYS D 127 -21.22 -32.60 -12.91
N TYR D 128 -20.99 -33.73 -13.56
CA TYR D 128 -21.96 -34.31 -14.47
C TYR D 128 -22.83 -35.28 -13.66
N ILE D 129 -24.12 -34.96 -13.55
CA ILE D 129 -25.05 -35.73 -12.73
C ILE D 129 -25.97 -36.50 -13.66
N ASP D 130 -26.02 -37.81 -13.48
CA ASP D 130 -26.84 -38.68 -14.31
C ASP D 130 -28.16 -38.94 -13.59
N VAL D 131 -29.27 -38.62 -14.26
CA VAL D 131 -30.59 -38.88 -13.73
C VAL D 131 -31.21 -40.13 -14.34
N ARG D 132 -30.38 -41.04 -14.86
CA ARG D 132 -30.87 -42.27 -15.46
C ARG D 132 -31.59 -43.12 -14.42
N TRP D 133 -30.87 -43.56 -13.39
CA TRP D 133 -31.47 -44.28 -12.27
C TRP D 133 -31.93 -43.23 -11.27
N PHE D 134 -33.17 -42.76 -11.44
CA PHE D 134 -33.66 -41.62 -10.68
C PHE D 134 -33.54 -41.78 -9.16
N PRO D 135 -33.93 -42.92 -8.55
CA PRO D 135 -33.78 -43.02 -7.09
C PRO D 135 -32.53 -43.75 -6.64
N PHE D 136 -31.78 -44.35 -7.57
CA PHE D 136 -30.61 -45.16 -7.23
C PHE D 136 -29.40 -44.78 -8.06
N ASP D 137 -29.17 -43.48 -8.26
CA ASP D 137 -28.01 -43.03 -9.01
C ASP D 137 -26.83 -42.77 -8.08
N VAL D 138 -25.69 -43.36 -8.42
CA VAL D 138 -24.44 -43.12 -7.70
C VAL D 138 -23.63 -42.13 -8.53
N GLN D 139 -23.30 -40.98 -7.94
CA GLN D 139 -22.74 -39.86 -8.68
C GLN D 139 -21.30 -39.61 -8.25
N HIS D 140 -20.40 -39.55 -9.22
CA HIS D 140 -18.98 -39.31 -9.00
C HIS D 140 -18.68 -37.87 -9.38
N CYS D 141 -18.39 -37.04 -8.37
CA CYS D 141 -18.10 -35.63 -8.56
C CYS D 141 -16.62 -35.39 -8.34
N LYS D 142 -15.95 -34.85 -9.35
CA LYS D 142 -14.50 -34.69 -9.33
C LYS D 142 -14.14 -33.29 -8.83
N LEU D 143 -13.19 -33.23 -7.89
CA LEU D 143 -12.62 -31.99 -7.40
C LEU D 143 -11.12 -32.06 -7.69
N LYS D 144 -10.66 -31.27 -8.65
CA LYS D 144 -9.30 -31.33 -9.15
C LYS D 144 -8.53 -30.10 -8.66
N PHE D 145 -7.47 -30.34 -7.90
CA PHE D 145 -6.66 -29.28 -7.30
C PHE D 145 -5.23 -29.39 -7.80
N GLY D 146 -4.60 -28.25 -8.00
CA GLY D 146 -3.20 -28.23 -8.40
C GLY D 146 -2.70 -26.81 -8.47
N SER D 147 -1.37 -26.69 -8.46
CA SER D 147 -0.73 -25.39 -8.60
C SER D 147 -0.91 -24.87 -10.03
N TRP D 148 -1.18 -23.58 -10.15
CA TRP D 148 -1.47 -23.01 -11.46
C TRP D 148 -0.20 -22.61 -12.21
N SER D 149 0.78 -22.06 -11.51
CA SER D 149 1.99 -21.54 -12.14
C SER D 149 3.23 -22.36 -11.80
N TYR D 150 3.12 -23.36 -10.94
CA TYR D 150 4.25 -24.20 -10.57
C TYR D 150 4.02 -25.62 -11.09
N GLY D 151 4.98 -26.13 -11.84
CA GLY D 151 4.93 -27.50 -12.32
C GLY D 151 5.60 -28.47 -11.37
N GLY D 152 5.69 -29.73 -11.83
CA GLY D 152 6.35 -30.75 -11.03
C GLY D 152 7.83 -30.52 -10.83
N TRP D 153 8.45 -29.73 -11.70
CA TRP D 153 9.87 -29.41 -11.54
C TRP D 153 10.10 -28.45 -10.38
N SER D 154 9.11 -27.66 -10.01
CA SER D 154 9.22 -26.67 -8.94
C SER D 154 8.41 -27.01 -7.71
N LEU D 155 7.17 -27.47 -7.87
CA LEU D 155 6.29 -27.80 -6.76
C LEU D 155 5.84 -29.23 -6.90
N ASP D 156 6.34 -30.11 -6.02
CA ASP D 156 5.95 -31.51 -6.01
C ASP D 156 4.72 -31.64 -5.11
N LEU D 157 3.56 -31.80 -5.72
CA LEU D 157 2.29 -31.88 -5.00
C LEU D 157 2.05 -33.33 -4.60
N GLN D 158 2.08 -33.60 -3.30
CA GLN D 158 1.80 -34.91 -2.75
C GLN D 158 0.38 -34.92 -2.18
N MET D 159 -0.22 -36.10 -2.15
CA MET D 159 -1.63 -36.25 -1.78
C MET D 159 -1.75 -36.91 -0.41
N GLN D 160 -2.70 -36.45 0.38
CA GLN D 160 -3.05 -37.07 1.65
C GLN D 160 -4.54 -37.36 1.67
N GLU D 161 -4.92 -38.40 2.41
CA GLU D 161 -6.31 -38.83 2.42
C GLU D 161 -7.21 -37.75 3.01
N ALA D 162 -8.39 -37.58 2.42
CA ALA D 162 -9.31 -36.54 2.85
C ALA D 162 -9.88 -36.85 4.22
N ASP D 163 -10.06 -35.80 5.02
CA ASP D 163 -10.65 -35.94 6.34
C ASP D 163 -12.17 -35.96 6.23
N ILE D 164 -12.80 -36.85 6.99
CA ILE D 164 -14.23 -37.10 6.87
C ILE D 164 -14.87 -37.04 8.25
N SER D 165 -14.04 -37.08 9.30
CA SER D 165 -14.53 -37.13 10.67
C SER D 165 -15.46 -35.96 10.99
N GLY D 166 -15.27 -34.81 10.35
CA GLY D 166 -16.11 -33.66 10.56
C GLY D 166 -17.33 -33.56 9.67
N TYR D 167 -17.58 -34.56 8.83
CA TYR D 167 -18.71 -34.52 7.91
C TYR D 167 -20.03 -34.62 8.67
N ILE D 168 -21.01 -33.85 8.24
CA ILE D 168 -22.37 -33.92 8.76
C ILE D 168 -23.27 -34.50 7.67
N PRO D 169 -24.04 -35.54 7.95
CA PRO D 169 -24.87 -36.16 6.92
C PRO D 169 -25.75 -35.16 6.18
N ASN D 170 -25.87 -35.37 4.87
CA ASN D 170 -26.81 -34.63 4.05
C ASN D 170 -28.19 -35.29 4.10
N GLY D 171 -29.20 -34.55 3.66
CA GLY D 171 -30.56 -35.05 3.65
C GLY D 171 -30.89 -35.90 2.44
N GLU D 172 -30.64 -35.36 1.25
CA GLU D 172 -31.00 -36.03 0.01
C GLU D 172 -29.91 -36.95 -0.53
N TRP D 173 -28.66 -36.77 -0.10
CA TRP D 173 -27.52 -37.46 -0.69
C TRP D 173 -26.72 -38.15 0.40
N ASP D 174 -26.35 -39.41 0.16
CA ASP D 174 -25.56 -40.19 1.09
C ASP D 174 -24.14 -40.31 0.56
N LEU D 175 -23.16 -40.05 1.44
CA LEU D 175 -21.75 -40.10 1.08
C LEU D 175 -21.20 -41.50 1.34
N VAL D 176 -20.58 -42.08 0.31
CA VAL D 176 -19.97 -43.41 0.45
C VAL D 176 -18.47 -43.35 0.68
N GLY D 177 -17.84 -42.21 0.45
CA GLY D 177 -16.41 -42.05 0.64
C GLY D 177 -15.85 -41.13 -0.43
N ILE D 178 -14.75 -40.48 -0.09
CA ILE D 178 -14.12 -39.51 -1.00
C ILE D 178 -12.67 -39.93 -1.25
N PRO D 179 -12.42 -40.81 -2.20
CA PRO D 179 -11.04 -41.19 -2.51
C PRO D 179 -10.35 -40.17 -3.41
N GLY D 180 -9.06 -40.01 -3.18
CA GLY D 180 -8.24 -39.10 -3.95
C GLY D 180 -7.14 -39.83 -4.68
N LYS D 181 -6.72 -39.26 -5.80
CA LYS D 181 -5.62 -39.80 -6.58
C LYS D 181 -4.76 -38.66 -7.12
N ARG D 182 -3.47 -38.92 -7.25
CA ARG D 182 -2.51 -37.94 -7.74
C ARG D 182 -2.07 -38.31 -9.14
N SER D 183 -2.18 -37.36 -10.06
CA SER D 183 -1.78 -37.55 -11.45
C SER D 183 -0.81 -36.45 -11.83
N GLU D 184 -0.18 -36.62 -13.00
CA GLU D 184 0.74 -35.63 -13.56
C GLU D 184 0.38 -35.46 -15.03
N ARG D 185 -0.29 -34.36 -15.36
CA ARG D 185 -0.80 -34.14 -16.70
C ARG D 185 0.05 -33.14 -17.46
N PHE D 186 -0.01 -33.24 -18.78
CA PHE D 186 0.64 -32.29 -19.68
C PHE D 186 -0.41 -31.43 -20.37
N TYR D 187 -0.13 -30.14 -20.48
CA TYR D 187 -1.03 -29.19 -21.10
C TYR D 187 -0.35 -28.55 -22.30
N GLU D 188 -1.18 -28.10 -23.25
CA GLU D 188 -0.66 -27.46 -24.46
C GLU D 188 0.02 -26.13 -24.17
N CYS D 189 -0.15 -25.56 -22.98
CA CYS D 189 0.43 -24.27 -22.67
C CYS D 189 1.96 -24.34 -22.61
N CYS D 190 2.51 -25.39 -22.02
CA CYS D 190 3.96 -25.50 -21.90
C CYS D 190 4.35 -26.97 -21.77
N LYS D 191 5.63 -27.23 -21.99
CA LYS D 191 6.19 -28.57 -21.82
C LYS D 191 6.31 -28.96 -20.35
N GLU D 192 6.09 -28.04 -19.44
CA GLU D 192 6.13 -28.33 -18.01
C GLU D 192 5.01 -29.28 -17.62
N PRO D 193 5.31 -30.45 -17.06
CA PRO D 193 4.24 -31.28 -16.49
C PRO D 193 3.68 -30.62 -15.23
N TYR D 194 2.40 -30.83 -15.00
CA TYR D 194 1.72 -30.29 -13.83
C TYR D 194 1.11 -31.42 -13.02
N PRO D 195 1.55 -31.65 -11.78
CA PRO D 195 0.87 -32.61 -10.91
C PRO D 195 -0.42 -32.01 -10.36
N ASP D 196 -1.36 -32.90 -10.07
CA ASP D 196 -2.63 -32.51 -9.50
C ASP D 196 -3.16 -33.66 -8.66
N VAL D 197 -4.06 -33.33 -7.74
CA VAL D 197 -4.76 -34.32 -6.93
C VAL D 197 -6.26 -34.14 -7.14
N THR D 198 -6.95 -35.24 -7.38
CA THR D 198 -8.39 -35.22 -7.64
C THR D 198 -9.08 -36.07 -6.59
N PHE D 199 -10.07 -35.49 -5.92
CA PHE D 199 -10.91 -36.19 -4.96
C PHE D 199 -12.29 -36.41 -5.56
N THR D 200 -12.78 -37.63 -5.52
CA THR D 200 -14.08 -37.99 -6.04
C THR D 200 -15.05 -38.12 -4.88
N VAL D 201 -16.11 -37.30 -4.90
CA VAL D 201 -17.02 -37.23 -3.76
C VAL D 201 -17.84 -38.51 -3.65
N THR D 202 -18.36 -39.01 -4.76
CA THR D 202 -18.99 -40.33 -4.84
C THR D 202 -20.18 -40.44 -3.87
N MET D 203 -21.20 -39.66 -4.17
CA MET D 203 -22.41 -39.65 -3.35
C MET D 203 -23.44 -40.64 -3.89
N ARG D 204 -24.41 -40.97 -3.03
CA ARG D 204 -25.55 -41.81 -3.37
C ARG D 204 -26.83 -41.08 -2.99
N ARG D 205 -27.83 -41.17 -3.86
CA ARG D 205 -29.12 -40.58 -3.54
C ARG D 205 -29.82 -41.38 -2.44
N ARG D 206 -30.29 -40.68 -1.41
CA ARG D 206 -30.96 -41.33 -0.31
C ARG D 206 -32.40 -41.66 -0.68
N THR D 207 -32.93 -42.72 -0.06
CA THR D 207 -34.27 -43.21 -0.36
C THR D 207 -35.35 -42.15 -0.12
N GLU E 1 21.01 -17.21 -1.73
CA GLU E 1 20.25 -18.05 -2.65
C GLU E 1 20.03 -17.39 -4.01
N PHE E 2 20.09 -18.22 -5.05
CA PHE E 2 20.05 -17.70 -6.41
C PHE E 2 18.67 -17.19 -6.81
N GLN E 3 17.61 -17.84 -6.35
CA GLN E 3 16.26 -17.34 -6.63
C GLN E 3 16.02 -15.99 -5.97
N ARG E 4 16.43 -15.85 -4.72
CA ARG E 4 16.31 -14.57 -4.01
C ARG E 4 17.12 -13.49 -4.71
N LYS E 5 18.36 -13.81 -5.08
CA LYS E 5 19.20 -12.86 -5.79
C LYS E 5 18.59 -12.45 -7.11
N LEU E 6 18.03 -13.41 -7.85
CA LEU E 6 17.40 -13.11 -9.13
C LEU E 6 16.19 -12.21 -8.98
N TYR E 7 15.34 -12.48 -7.99
CA TYR E 7 14.18 -11.60 -7.80
C TYR E 7 14.62 -10.18 -7.46
N LYS E 8 15.59 -10.06 -6.55
CA LYS E 8 16.09 -8.74 -6.18
C LYS E 8 16.68 -8.01 -7.39
N GLU E 9 17.41 -8.74 -8.24
CA GLU E 9 18.04 -8.10 -9.40
C GLU E 9 17.01 -7.72 -10.45
N LEU E 10 16.01 -8.58 -10.67
CA LEU E 10 15.01 -8.33 -11.70
C LEU E 10 14.13 -7.14 -11.36
N VAL E 11 13.78 -6.98 -10.07
CA VAL E 11 12.87 -5.89 -9.72
C VAL E 11 13.57 -4.54 -9.74
N LYS E 12 14.85 -4.52 -10.12
CA LYS E 12 15.61 -3.27 -10.15
C LYS E 12 15.17 -2.38 -11.29
N ASN E 13 14.82 -1.13 -10.97
CA ASN E 13 14.47 -0.10 -11.95
C ASN E 13 13.24 -0.46 -12.78
N TYR E 14 12.60 -1.57 -12.46
CA TYR E 14 11.47 -2.03 -13.26
C TYR E 14 10.24 -1.18 -13.00
N ASN E 15 9.58 -0.75 -14.07
CA ASN E 15 8.34 0.01 -13.97
C ASN E 15 7.21 -0.80 -14.59
N PRO E 16 6.22 -1.25 -13.81
CA PRO E 16 5.10 -1.99 -14.40
C PRO E 16 4.26 -1.17 -15.36
N LEU E 17 4.35 0.17 -15.29
CA LEU E 17 3.57 1.02 -16.17
C LEU E 17 4.10 1.04 -17.60
N GLU E 18 5.34 0.61 -17.81
CA GLU E 18 6.02 0.77 -19.09
C GLU E 18 5.89 -0.51 -19.91
N ARG E 19 5.53 -0.35 -21.17
CA ARG E 19 5.50 -1.47 -22.10
C ARG E 19 6.92 -1.99 -22.32
N PRO E 20 7.19 -3.26 -22.05
CA PRO E 20 8.58 -3.77 -22.03
C PRO E 20 9.11 -4.12 -23.42
N VAL E 21 9.45 -3.09 -24.18
CA VAL E 21 10.07 -3.25 -25.49
C VAL E 21 11.48 -2.70 -25.44
N ALA E 22 12.37 -3.32 -26.21
CA ALA E 22 13.74 -2.82 -26.30
C ALA E 22 13.81 -1.53 -27.10
N ASN E 23 12.88 -1.34 -28.04
CA ASN E 23 12.83 -0.16 -28.90
C ASN E 23 11.43 0.39 -28.85
N ASP E 24 11.28 1.62 -28.33
CA ASP E 24 9.96 2.20 -28.11
C ASP E 24 9.21 2.47 -29.40
N SER E 25 9.89 2.51 -30.53
CA SER E 25 9.23 2.74 -31.82
C SER E 25 8.67 1.46 -32.42
N GLN E 26 8.82 0.32 -31.75
CA GLN E 26 8.36 -0.95 -32.28
C GLN E 26 7.24 -1.52 -31.43
N PRO E 27 6.20 -2.06 -32.04
CA PRO E 27 5.11 -2.68 -31.27
C PRO E 27 5.59 -3.92 -30.54
N LEU E 28 4.97 -4.18 -29.40
CA LEU E 28 5.17 -5.42 -28.66
C LEU E 28 4.20 -6.47 -29.20
N THR E 29 4.74 -7.60 -29.62
CA THR E 29 3.92 -8.67 -30.17
C THR E 29 3.38 -9.53 -29.03
N VAL E 30 2.06 -9.59 -28.91
CA VAL E 30 1.39 -10.39 -27.89
C VAL E 30 0.58 -11.46 -28.59
N TYR E 31 0.89 -12.73 -28.32
CA TYR E 31 0.18 -13.84 -28.90
C TYR E 31 -0.96 -14.23 -27.97
N PHE E 32 -2.17 -14.26 -28.50
CA PHE E 32 -3.37 -14.52 -27.71
C PHE E 32 -4.08 -15.76 -28.24
N SER E 33 -4.54 -16.60 -27.32
CA SER E 33 -5.23 -17.83 -27.68
C SER E 33 -6.21 -18.20 -26.57
N LEU E 34 -7.06 -19.17 -26.87
CA LEU E 34 -8.13 -19.59 -25.97
C LEU E 34 -7.96 -21.05 -25.60
N SER E 35 -8.54 -21.42 -24.46
CA SER E 35 -8.67 -22.82 -24.07
C SER E 35 -10.06 -22.99 -23.46
N LEU E 36 -10.98 -23.55 -24.26
CA LEU E 36 -12.35 -23.76 -23.82
C LEU E 36 -12.43 -25.06 -23.04
N LEU E 37 -12.84 -24.98 -21.77
CA LEU E 37 -12.96 -26.19 -20.96
C LEU E 37 -14.37 -26.76 -21.00
N GLN E 38 -15.39 -25.90 -20.92
CA GLN E 38 -16.77 -26.35 -21.02
C GLN E 38 -17.66 -25.13 -21.23
N ILE E 39 -18.81 -25.37 -21.86
CA ILE E 39 -19.85 -24.35 -22.00
C ILE E 39 -20.77 -24.51 -20.80
N MET E 40 -20.71 -23.56 -19.87
CA MET E 40 -21.45 -23.70 -18.63
C MET E 40 -22.95 -23.55 -18.85
N ASP E 41 -23.35 -22.53 -19.60
CA ASP E 41 -24.77 -22.26 -19.78
C ASP E 41 -24.97 -21.42 -21.03
N VAL E 42 -26.05 -21.70 -21.76
CA VAL E 42 -26.47 -20.90 -22.91
C VAL E 42 -27.84 -20.34 -22.57
N ASP E 43 -27.89 -19.08 -22.17
CA ASP E 43 -29.13 -18.44 -21.74
C ASP E 43 -29.85 -17.88 -22.97
N GLU E 44 -30.92 -18.56 -23.39
CA GLU E 44 -31.68 -18.10 -24.54
C GLU E 44 -32.49 -16.85 -24.20
N LYS E 45 -32.97 -16.74 -22.96
CA LYS E 45 -33.78 -15.59 -22.58
C LYS E 45 -32.93 -14.34 -22.42
N ASN E 46 -31.76 -14.46 -21.80
CA ASN E 46 -30.91 -13.32 -21.50
C ASN E 46 -29.90 -13.03 -22.60
N GLN E 47 -29.84 -13.86 -23.64
CA GLN E 47 -28.88 -13.69 -24.74
C GLN E 47 -27.45 -13.63 -24.23
N VAL E 48 -27.12 -14.52 -23.28
CA VAL E 48 -25.83 -14.54 -22.62
C VAL E 48 -25.28 -15.96 -22.69
N LEU E 49 -24.04 -16.10 -23.13
CA LEU E 49 -23.35 -17.38 -23.18
C LEU E 49 -22.33 -17.44 -22.06
N THR E 50 -22.38 -18.49 -21.25
CA THR E 50 -21.49 -18.67 -20.12
C THR E 50 -20.55 -19.84 -20.40
N THR E 51 -19.25 -19.57 -20.40
CA THR E 51 -18.24 -20.58 -20.69
C THR E 51 -17.11 -20.52 -19.67
N ASN E 52 -16.44 -21.65 -19.50
CA ASN E 52 -15.23 -21.73 -18.70
C ASN E 52 -14.04 -21.70 -19.67
N ILE E 53 -13.19 -20.69 -19.52
CA ILE E 53 -12.14 -20.43 -20.50
C ILE E 53 -10.85 -20.09 -19.78
N TRP E 54 -9.74 -20.65 -20.25
CA TRP E 54 -8.40 -20.20 -19.87
C TRP E 54 -7.84 -19.39 -21.03
N LEU E 55 -7.58 -18.11 -20.78
CA LEU E 55 -6.89 -17.30 -21.77
C LEU E 55 -5.41 -17.66 -21.79
N GLN E 56 -4.77 -17.40 -22.92
CA GLN E 56 -3.33 -17.63 -23.07
C GLN E 56 -2.72 -16.42 -23.74
N MET E 57 -1.87 -15.70 -23.02
CA MET E 57 -1.15 -14.56 -23.57
C MET E 57 0.34 -14.81 -23.44
N SER E 58 1.09 -14.57 -24.51
CA SER E 58 2.52 -14.75 -24.52
C SER E 58 3.18 -13.53 -25.11
N TRP E 59 4.24 -13.03 -24.46
CA TRP E 59 4.99 -11.90 -24.99
C TRP E 59 6.42 -11.98 -24.47
N THR E 60 7.23 -11.00 -24.84
CA THR E 60 8.61 -10.91 -24.41
C THR E 60 8.81 -9.60 -23.66
N ASP E 61 9.38 -9.68 -22.46
CA ASP E 61 9.62 -8.51 -21.62
C ASP E 61 10.91 -7.80 -21.97
N HIS E 62 11.99 -8.57 -22.18
CA HIS E 62 13.32 -8.06 -22.51
C HIS E 62 13.95 -7.38 -21.30
N TYR E 63 13.19 -7.24 -20.22
CA TYR E 63 13.69 -6.69 -18.97
C TYR E 63 13.89 -7.75 -17.90
N LEU E 64 13.17 -8.85 -17.98
CA LEU E 64 13.33 -9.97 -17.06
C LEU E 64 14.09 -11.06 -17.81
N GLN E 65 15.41 -10.91 -17.86
CA GLN E 65 16.29 -11.90 -18.45
C GLN E 65 17.48 -12.13 -17.54
N TRP E 66 18.03 -13.33 -17.60
CA TRP E 66 19.19 -13.68 -16.80
C TRP E 66 19.91 -14.85 -17.43
N ASN E 67 21.08 -15.15 -16.89
CA ASN E 67 21.91 -16.26 -17.36
C ASN E 67 21.75 -17.40 -16.36
N VAL E 68 21.34 -18.57 -16.85
CA VAL E 68 21.07 -19.69 -15.97
C VAL E 68 22.34 -20.16 -15.28
N SER E 69 23.50 -19.99 -15.93
CA SER E 69 24.76 -20.33 -15.28
C SER E 69 25.05 -19.38 -14.13
N GLU E 70 24.68 -18.11 -14.26
CA GLU E 70 24.85 -17.15 -13.18
C GLU E 70 23.79 -17.31 -12.09
N TYR E 71 22.66 -17.94 -12.40
CA TYR E 71 21.62 -18.26 -11.41
C TYR E 71 21.27 -19.73 -11.53
N PRO E 72 22.14 -20.63 -11.07
CA PRO E 72 21.90 -22.07 -11.25
C PRO E 72 20.59 -22.52 -10.61
N GLY E 73 19.89 -23.38 -11.33
CA GLY E 73 18.64 -23.94 -10.85
C GLY E 73 17.43 -23.05 -10.99
N VAL E 74 17.60 -21.80 -11.40
CA VAL E 74 16.47 -20.88 -11.53
C VAL E 74 16.20 -20.63 -13.01
N LYS E 75 15.28 -21.40 -13.58
CA LYS E 75 14.93 -21.26 -14.99
C LYS E 75 13.69 -20.44 -15.23
N THR E 76 12.80 -20.32 -14.24
CA THR E 76 11.59 -19.54 -14.36
C THR E 76 11.35 -18.74 -13.09
N VAL E 77 10.64 -17.62 -13.24
CA VAL E 77 10.17 -16.80 -12.13
C VAL E 77 8.69 -16.53 -12.36
N ARG E 78 8.01 -16.16 -11.28
CA ARG E 78 6.58 -15.89 -11.31
C ARG E 78 6.31 -14.54 -10.67
N PHE E 79 5.52 -13.71 -11.36
CA PHE E 79 5.22 -12.38 -10.87
C PHE E 79 3.73 -12.18 -10.70
N PRO E 80 3.27 -11.64 -9.58
CA PRO E 80 1.84 -11.43 -9.36
C PRO E 80 1.33 -10.23 -10.15
N ASP E 81 0.03 -10.00 -10.04
CA ASP E 81 -0.60 -8.88 -10.72
C ASP E 81 -0.14 -7.56 -10.11
N GLY E 82 0.22 -6.60 -10.95
CA GLY E 82 0.67 -5.30 -10.52
C GLY E 82 2.16 -5.16 -10.31
N GLN E 83 2.92 -6.25 -10.40
CA GLN E 83 4.37 -6.19 -10.22
C GLN E 83 5.12 -6.10 -11.54
N ILE E 84 4.55 -6.60 -12.64
CA ILE E 84 5.14 -6.47 -13.96
C ILE E 84 4.05 -6.07 -14.94
N TRP E 85 4.49 -5.63 -16.12
CA TRP E 85 3.56 -5.20 -17.16
C TRP E 85 2.78 -6.39 -17.70
N LYS E 86 1.49 -6.19 -17.91
CA LYS E 86 0.64 -7.19 -18.53
C LYS E 86 -0.22 -6.53 -19.59
N PRO E 87 -0.56 -7.25 -20.66
CA PRO E 87 -1.50 -6.71 -21.65
C PRO E 87 -2.89 -6.57 -21.04
N ASP E 88 -3.57 -5.49 -21.40
CA ASP E 88 -4.93 -5.24 -20.92
C ASP E 88 -5.97 -5.81 -21.87
N ILE E 89 -5.84 -7.11 -22.19
CA ILE E 89 -6.79 -7.77 -23.07
C ILE E 89 -8.11 -7.94 -22.33
N LEU E 90 -9.19 -7.48 -22.95
CA LEU E 90 -10.51 -7.53 -22.34
C LEU E 90 -11.50 -8.15 -23.32
N LEU E 91 -12.59 -8.68 -22.77
CA LEU E 91 -13.70 -9.18 -23.57
C LEU E 91 -14.62 -8.01 -23.91
N TYR E 92 -14.64 -7.62 -25.19
CA TYR E 92 -15.44 -6.46 -25.59
C TYR E 92 -16.93 -6.71 -25.37
N ASN E 93 -17.43 -7.86 -25.84
CA ASN E 93 -18.84 -8.18 -25.69
C ASN E 93 -19.11 -8.91 -24.38
N SER E 94 -18.67 -8.32 -23.27
CA SER E 94 -18.83 -8.93 -21.97
C SER E 94 -20.19 -8.57 -21.38
N ALA E 95 -20.93 -9.58 -20.95
CA ALA E 95 -22.22 -9.39 -20.29
C ALA E 95 -22.10 -9.41 -18.78
N ASP E 96 -20.89 -9.53 -18.24
CA ASP E 96 -20.69 -9.59 -16.81
C ASP E 96 -20.72 -8.20 -16.19
N GLU E 97 -21.18 -8.13 -14.94
CA GLU E 97 -21.25 -6.86 -14.24
C GLU E 97 -19.87 -6.27 -14.00
N ARG E 98 -18.89 -7.12 -13.66
CA ARG E 98 -17.52 -6.67 -13.46
C ARG E 98 -16.75 -6.54 -14.76
N PHE E 99 -17.37 -6.86 -15.89
CA PHE E 99 -16.75 -6.79 -17.21
C PHE E 99 -15.57 -7.75 -17.32
N ASP E 100 -14.49 -7.47 -16.61
CA ASP E 100 -13.33 -8.37 -16.58
C ASP E 100 -13.65 -9.55 -15.67
N ALA E 101 -13.95 -10.70 -16.26
CA ALA E 101 -14.32 -11.90 -15.53
C ALA E 101 -13.16 -12.83 -15.29
N THR E 102 -11.94 -12.44 -15.67
CA THR E 102 -10.79 -13.32 -15.55
C THR E 102 -10.23 -13.30 -14.13
N PHE E 103 -9.58 -14.39 -13.76
CA PHE E 103 -8.93 -14.53 -12.47
C PHE E 103 -7.43 -14.32 -12.65
N HIS E 104 -6.88 -13.33 -11.95
CA HIS E 104 -5.48 -12.95 -12.14
C HIS E 104 -4.57 -13.95 -11.44
N THR E 105 -3.77 -14.66 -12.23
CA THR E 105 -2.77 -15.60 -11.73
C THR E 105 -1.37 -15.03 -11.96
N ASN E 106 -0.37 -15.81 -11.61
CA ASN E 106 1.01 -15.37 -11.79
C ASN E 106 1.39 -15.39 -13.26
N VAL E 107 2.26 -14.46 -13.64
CA VAL E 107 2.88 -14.45 -14.95
C VAL E 107 4.19 -15.22 -14.85
N LEU E 108 4.37 -16.19 -15.75
CA LEU E 108 5.55 -17.05 -15.77
C LEU E 108 6.55 -16.51 -16.78
N VAL E 109 7.78 -16.25 -16.33
CA VAL E 109 8.84 -15.72 -17.18
C VAL E 109 10.02 -16.68 -17.12
N ASN E 110 10.58 -16.99 -18.28
CA ASN E 110 11.79 -17.81 -18.34
C ASN E 110 12.99 -16.94 -18.70
N SER E 111 14.14 -17.60 -18.85
CA SER E 111 15.42 -16.89 -18.86
C SER E 111 15.50 -15.90 -20.02
N SER E 112 14.95 -16.25 -21.17
CA SER E 112 14.99 -15.36 -22.34
C SER E 112 13.96 -14.24 -22.26
N GLY E 113 13.24 -14.11 -21.16
CA GLY E 113 12.28 -13.04 -20.99
C GLY E 113 10.90 -13.30 -21.54
N HIS E 114 10.58 -14.54 -21.86
CA HIS E 114 9.27 -14.88 -22.42
CA HIS E 114 9.27 -14.88 -22.42
C HIS E 114 8.26 -15.01 -21.28
N CYS E 115 7.31 -14.09 -21.22
CA CYS E 115 6.26 -14.10 -20.21
C CYS E 115 5.02 -14.77 -20.79
N GLN E 116 4.48 -15.73 -20.04
CA GLN E 116 3.25 -16.42 -20.41
C GLN E 116 2.25 -16.29 -19.27
N TYR E 117 1.00 -16.05 -19.64
CA TYR E 117 -0.05 -15.67 -18.68
C TYR E 117 -1.31 -16.43 -19.05
N LEU E 118 -1.79 -17.26 -18.12
CA LEU E 118 -2.90 -18.17 -18.37
C LEU E 118 -3.99 -17.96 -17.33
N PRO E 119 -4.79 -16.91 -17.48
CA PRO E 119 -5.84 -16.64 -16.52
C PRO E 119 -7.08 -17.47 -16.81
N PRO E 120 -7.60 -18.20 -15.81
CA PRO E 120 -8.88 -18.87 -15.97
C PRO E 120 -10.03 -17.97 -15.58
N GLY E 121 -11.21 -18.28 -16.12
CA GLY E 121 -12.38 -17.50 -15.76
C GLY E 121 -13.66 -18.08 -16.34
N ILE E 122 -14.76 -17.74 -15.69
CA ILE E 122 -16.10 -18.02 -16.19
C ILE E 122 -16.57 -16.75 -16.91
N PHE E 123 -16.58 -16.80 -18.23
CA PHE E 123 -16.86 -15.62 -19.05
C PHE E 123 -18.33 -15.61 -19.45
N LYS E 124 -18.99 -14.47 -19.24
CA LYS E 124 -20.36 -14.26 -19.69
C LYS E 124 -20.32 -13.26 -20.83
N SER E 125 -20.60 -13.73 -22.04
CA SER E 125 -20.56 -12.89 -23.23
C SER E 125 -21.92 -12.85 -23.89
N SER E 126 -22.24 -11.71 -24.50
CA SER E 126 -23.51 -11.53 -25.17
C SER E 126 -23.55 -12.31 -26.48
N CYS E 127 -24.62 -13.08 -26.67
CA CYS E 127 -24.80 -13.88 -27.87
C CYS E 127 -26.25 -13.82 -28.31
N TYR E 128 -26.46 -13.65 -29.61
CA TYR E 128 -27.79 -13.64 -30.19
C TYR E 128 -28.14 -15.08 -30.55
N ILE E 129 -29.06 -15.68 -29.81
CA ILE E 129 -29.41 -17.08 -29.96
C ILE E 129 -30.74 -17.14 -30.70
N ASP E 130 -30.73 -17.72 -31.90
CA ASP E 130 -31.94 -17.84 -32.71
C ASP E 130 -32.66 -19.14 -32.38
N VAL E 131 -33.95 -19.05 -32.11
CA VAL E 131 -34.77 -20.22 -31.84
C VAL E 131 -35.72 -20.50 -33.01
N ARG E 132 -35.41 -19.97 -34.19
CA ARG E 132 -36.29 -20.17 -35.35
C ARG E 132 -36.21 -21.61 -35.85
N TRP E 133 -35.01 -22.18 -35.89
CA TRP E 133 -34.82 -23.57 -36.30
C TRP E 133 -34.85 -24.54 -35.14
N PHE E 134 -35.17 -24.06 -33.93
CA PHE E 134 -35.26 -24.73 -32.63
C PHE E 134 -34.55 -26.09 -32.59
N PRO E 135 -35.14 -27.22 -33.04
CA PRO E 135 -34.47 -28.52 -32.78
C PRO E 135 -33.07 -28.62 -33.34
N PHE E 136 -32.81 -28.08 -34.54
CA PHE E 136 -31.52 -28.27 -35.21
C PHE E 136 -30.92 -26.93 -35.64
N ASP E 137 -30.88 -25.98 -34.72
CA ASP E 137 -30.29 -24.68 -35.01
C ASP E 137 -28.81 -24.65 -34.66
N VAL E 138 -28.02 -24.03 -35.53
CA VAL E 138 -26.59 -23.82 -35.31
C VAL E 138 -26.39 -22.39 -34.85
N GLN E 139 -25.71 -22.22 -33.72
CA GLN E 139 -25.60 -20.92 -33.07
C GLN E 139 -24.15 -20.46 -33.05
N HIS E 140 -23.90 -19.25 -33.54
CA HIS E 140 -22.58 -18.66 -33.61
C HIS E 140 -22.46 -17.62 -32.49
N CYS E 141 -21.61 -17.90 -31.51
CA CYS E 141 -21.41 -17.02 -30.36
C CYS E 141 -20.02 -16.39 -30.47
N LYS E 142 -19.96 -15.07 -30.52
CA LYS E 142 -18.71 -14.37 -30.73
C LYS E 142 -18.08 -13.99 -29.39
N LEU E 143 -16.78 -14.24 -29.27
CA LEU E 143 -15.98 -13.83 -28.12
C LEU E 143 -14.85 -12.96 -28.66
N LYS E 144 -14.95 -11.65 -28.41
CA LYS E 144 -14.07 -10.66 -29.00
C LYS E 144 -13.11 -10.13 -27.93
N PHE E 145 -11.81 -10.33 -28.16
CA PHE E 145 -10.78 -9.96 -27.21
C PHE E 145 -9.83 -8.95 -27.85
N GLY E 146 -9.35 -8.02 -27.05
CA GLY E 146 -8.38 -7.05 -27.53
C GLY E 146 -7.92 -6.15 -26.40
N SER E 147 -6.79 -5.51 -26.63
CA SER E 147 -6.26 -4.55 -25.68
C SER E 147 -7.15 -3.31 -25.65
N TRP E 148 -7.39 -2.78 -24.45
CA TRP E 148 -8.31 -1.66 -24.31
C TRP E 148 -7.61 -0.33 -24.54
N SER E 149 -6.39 -0.17 -24.06
CA SER E 149 -5.68 1.10 -24.14
C SER E 149 -4.49 1.07 -25.08
N TYR E 150 -4.14 -0.08 -25.64
CA TYR E 150 -3.03 -0.21 -26.56
C TYR E 150 -3.55 -0.52 -27.95
N GLY E 151 -3.15 0.30 -28.94
CA GLY E 151 -3.52 0.07 -30.31
C GLY E 151 -2.49 -0.78 -31.05
N GLY E 152 -2.71 -0.93 -32.35
CA GLY E 152 -1.80 -1.69 -33.18
C GLY E 152 -0.43 -1.06 -33.32
N TRP E 153 -0.32 0.24 -33.04
CA TRP E 153 0.98 0.91 -33.09
C TRP E 153 1.84 0.51 -31.89
N SER E 154 1.22 0.16 -30.77
CA SER E 154 1.92 -0.20 -29.54
C SER E 154 1.87 -1.69 -29.23
N LEU E 155 0.72 -2.33 -29.40
CA LEU E 155 0.56 -3.75 -29.07
C LEU E 155 0.03 -4.47 -30.31
N ASP E 156 0.88 -5.29 -30.92
CA ASP E 156 0.49 -6.09 -32.08
C ASP E 156 -0.07 -7.42 -31.57
N LEU E 157 -1.39 -7.56 -31.63
CA LEU E 157 -2.08 -8.74 -31.11
C LEU E 157 -2.15 -9.80 -32.21
N GLN E 158 -1.40 -10.87 -32.04
CA GLN E 158 -1.43 -12.01 -32.95
C GLN E 158 -2.32 -13.09 -32.38
N MET E 159 -2.89 -13.90 -33.27
CA MET E 159 -3.89 -14.90 -32.90
C MET E 159 -3.31 -16.30 -33.02
N GLN E 160 -3.66 -17.16 -32.06
CA GLN E 160 -3.31 -18.56 -32.11
C GLN E 160 -4.58 -19.39 -31.97
N GLU E 161 -4.56 -20.59 -32.56
CA GLU E 161 -5.74 -21.42 -32.59
C GLU E 161 -6.16 -21.82 -31.17
N ALA E 162 -7.47 -21.81 -30.94
CA ALA E 162 -8.00 -22.12 -29.61
C ALA E 162 -7.74 -23.58 -29.25
N ASP E 163 -7.41 -23.81 -27.98
CA ASP E 163 -7.17 -25.16 -27.49
C ASP E 163 -8.49 -25.83 -27.15
N ILE E 164 -8.64 -27.08 -27.58
CA ILE E 164 -9.91 -27.78 -27.44
C ILE E 164 -9.76 -29.12 -26.73
N SER E 165 -8.56 -29.69 -26.63
CA SER E 165 -8.38 -31.03 -26.06
C SER E 165 -8.93 -31.13 -24.65
N GLY E 166 -8.95 -30.04 -23.90
CA GLY E 166 -9.50 -30.04 -22.56
C GLY E 166 -11.00 -29.87 -22.46
N TYR E 167 -11.70 -29.75 -23.59
CA TYR E 167 -13.14 -29.55 -23.57
C TYR E 167 -13.84 -30.81 -23.06
N ILE E 168 -14.87 -30.60 -22.24
CA ILE E 168 -15.75 -31.67 -21.78
C ILE E 168 -17.11 -31.47 -22.44
N PRO E 169 -17.70 -32.51 -23.03
CA PRO E 169 -18.96 -32.33 -23.77
C PRO E 169 -20.06 -31.76 -22.91
N ASN E 170 -20.89 -30.91 -23.52
CA ASN E 170 -22.10 -30.39 -22.88
C ASN E 170 -23.26 -31.35 -23.12
N GLY E 171 -24.31 -31.17 -22.31
CA GLY E 171 -25.48 -32.02 -22.41
C GLY E 171 -26.45 -31.60 -23.50
N GLU E 172 -26.79 -30.31 -23.52
CA GLU E 172 -27.78 -29.80 -24.46
C GLU E 172 -27.18 -29.27 -25.75
N TRP E 173 -25.89 -28.94 -25.76
CA TRP E 173 -25.28 -28.24 -26.89
C TRP E 173 -24.04 -29.01 -27.34
N ASP E 174 -23.92 -29.21 -28.64
CA ASP E 174 -22.79 -29.91 -29.23
C ASP E 174 -21.86 -28.90 -29.90
N LEU E 175 -20.57 -29.02 -29.64
CA LEU E 175 -19.57 -28.10 -30.18
C LEU E 175 -19.04 -28.63 -31.50
N VAL E 176 -19.09 -27.80 -32.54
CA VAL E 176 -18.57 -28.18 -33.84
C VAL E 176 -17.18 -27.62 -34.11
N GLY E 177 -16.72 -26.67 -33.33
CA GLY E 177 -15.41 -26.07 -33.49
C GLY E 177 -15.45 -24.60 -33.14
N ILE E 178 -14.29 -24.07 -32.77
CA ILE E 178 -14.19 -22.68 -32.34
C ILE E 178 -13.12 -21.97 -33.16
N PRO E 179 -13.45 -21.54 -34.38
CA PRO E 179 -12.46 -20.82 -35.19
C PRO E 179 -12.31 -19.36 -34.74
N GLY E 180 -11.09 -18.88 -34.87
CA GLY E 180 -10.77 -17.51 -34.50
C GLY E 180 -10.21 -16.74 -35.69
N LYS E 181 -10.45 -15.43 -35.69
CA LYS E 181 -9.96 -14.55 -36.73
C LYS E 181 -9.47 -13.25 -36.10
N ARG E 182 -8.45 -12.66 -36.71
CA ARG E 182 -7.87 -11.41 -36.24
C ARG E 182 -8.25 -10.28 -37.18
N SER E 183 -8.77 -9.19 -36.61
CA SER E 183 -9.18 -8.03 -37.37
C SER E 183 -8.52 -6.78 -36.78
N GLU E 184 -8.61 -5.67 -37.50
CA GLU E 184 -8.09 -4.38 -37.05
C GLU E 184 -9.21 -3.35 -37.25
N ARG E 185 -9.87 -2.98 -36.17
CA ARG E 185 -11.03 -2.09 -36.24
C ARG E 185 -10.65 -0.67 -35.87
N PHE E 186 -11.42 0.27 -36.40
CA PHE E 186 -11.32 1.69 -36.07
C PHE E 186 -12.52 2.10 -35.23
N TYR E 187 -12.27 2.87 -34.18
CA TYR E 187 -13.31 3.34 -33.30
C TYR E 187 -13.37 4.87 -33.32
N GLU E 188 -14.54 5.39 -32.97
CA GLU E 188 -14.76 6.84 -32.96
C GLU E 188 -13.95 7.54 -31.88
N CYS E 189 -13.39 6.81 -30.92
CA CYS E 189 -12.67 7.43 -29.82
C CYS E 189 -11.35 8.05 -30.28
N CYS E 190 -10.61 7.35 -31.14
CA CYS E 190 -9.32 7.87 -31.60
C CYS E 190 -9.00 7.31 -32.97
N LYS E 191 -8.03 7.96 -33.63
CA LYS E 191 -7.53 7.50 -34.92
C LYS E 191 -6.67 6.25 -34.81
N GLU E 192 -6.32 5.85 -33.60
CA GLU E 192 -5.51 4.66 -33.37
C GLU E 192 -6.25 3.40 -33.83
N PRO E 193 -5.67 2.60 -34.73
CA PRO E 193 -6.26 1.30 -35.03
C PRO E 193 -6.18 0.39 -33.81
N TYR E 194 -7.17 -0.48 -33.65
CA TYR E 194 -7.19 -1.44 -32.56
C TYR E 194 -7.34 -2.86 -33.11
N PRO E 195 -6.30 -3.69 -33.02
CA PRO E 195 -6.46 -5.09 -33.39
C PRO E 195 -7.25 -5.86 -32.34
N ASP E 196 -7.92 -6.91 -32.80
CA ASP E 196 -8.69 -7.77 -31.92
C ASP E 196 -8.73 -9.16 -32.53
N VAL E 197 -9.00 -10.15 -31.68
CA VAL E 197 -9.17 -11.53 -32.10
C VAL E 197 -10.54 -12.01 -31.62
N THR E 198 -11.30 -12.61 -32.52
CA THR E 198 -12.65 -13.09 -32.22
C THR E 198 -12.73 -14.58 -32.45
N PHE E 199 -13.20 -15.31 -31.43
CA PHE E 199 -13.43 -16.74 -31.53
C PHE E 199 -14.93 -17.00 -31.56
N THR E 200 -15.36 -17.81 -32.51
CA THR E 200 -16.78 -18.14 -32.66
C THR E 200 -17.01 -19.54 -32.13
N VAL E 201 -17.88 -19.67 -31.12
CA VAL E 201 -18.05 -20.94 -30.43
C VAL E 201 -18.75 -21.96 -31.31
N THR E 202 -19.80 -21.54 -32.02
CA THR E 202 -20.43 -22.34 -33.08
C THR E 202 -20.94 -23.69 -32.54
N MET E 203 -21.94 -23.60 -31.66
CA MET E 203 -22.54 -24.78 -31.07
C MET E 203 -23.74 -25.26 -31.88
N ARG E 204 -24.15 -26.50 -31.58
CA ARG E 204 -25.35 -27.12 -32.14
C ARG E 204 -26.16 -27.73 -31.01
N ARG E 205 -27.46 -27.50 -31.00
CA ARG E 205 -28.31 -28.15 -30.02
C ARG E 205 -28.39 -29.64 -30.28
N ARG E 206 -28.18 -30.43 -29.24
CA ARG E 206 -28.18 -31.88 -29.37
C ARG E 206 -29.60 -32.40 -29.44
N THR E 207 -29.76 -33.56 -30.06
CA THR E 207 -31.08 -34.16 -30.28
C THR E 207 -31.83 -34.41 -28.97
N ALA F 1 14.81 22.64 -16.72
CA ALA F 1 14.51 21.62 -17.71
C ALA F 1 15.55 20.51 -17.69
N VAL F 2 15.31 19.50 -16.86
CA VAL F 2 16.18 18.33 -16.75
C VAL F 2 17.57 18.75 -16.31
N GLN F 3 18.30 19.46 -17.16
CA GLN F 3 19.65 19.92 -16.84
C GLN F 3 19.64 21.44 -16.71
N LEU F 4 20.07 21.94 -15.56
CA LEU F 4 20.19 23.37 -15.31
C LEU F 4 21.63 23.69 -14.96
N GLN F 5 22.18 24.73 -15.59
CA GLN F 5 23.56 25.14 -15.35
C GLN F 5 23.62 26.59 -14.92
N ALA F 6 24.31 26.85 -13.83
CA ALA F 6 24.53 28.21 -13.34
C ALA F 6 25.75 28.82 -14.01
N SER F 7 25.74 30.15 -14.11
CA SER F 7 26.84 30.90 -14.72
C SER F 7 26.74 32.34 -14.25
N GLY F 8 27.79 33.10 -14.54
CA GLY F 8 27.84 34.50 -14.18
C GLY F 8 28.49 34.82 -12.85
N GLY F 9 28.94 33.80 -12.11
CA GLY F 9 29.60 34.06 -10.85
C GLY F 9 30.98 34.65 -11.04
N GLY F 10 31.46 35.30 -9.98
CA GLY F 10 32.77 35.92 -10.01
C GLY F 10 33.18 36.49 -8.68
N LEU F 11 34.04 37.52 -8.70
CA LEU F 11 34.49 38.20 -7.50
C LEU F 11 34.00 39.64 -7.53
N VAL F 12 33.34 40.06 -6.46
CA VAL F 12 32.78 41.40 -6.35
C VAL F 12 33.13 41.95 -4.97
N GLN F 13 32.93 43.26 -4.81
CA GLN F 13 33.13 43.93 -3.55
C GLN F 13 31.79 44.11 -2.84
N ALA F 14 31.86 44.27 -1.51
CA ALA F 14 30.65 44.41 -0.72
C ALA F 14 29.85 45.62 -1.17
N GLY F 15 28.53 45.44 -1.28
CA GLY F 15 27.65 46.49 -1.76
C GLY F 15 27.39 46.50 -3.25
N ASP F 16 28.05 45.63 -4.01
CA ASP F 16 27.88 45.60 -5.45
C ASP F 16 26.79 44.62 -5.85
N SER F 17 26.33 44.76 -7.09
CA SER F 17 25.25 43.96 -7.63
C SER F 17 25.80 42.92 -8.60
N LEU F 18 25.24 41.71 -8.54
CA LEU F 18 25.66 40.61 -9.41
C LEU F 18 24.44 39.88 -9.94
N ARG F 19 24.46 39.54 -11.22
CA ARG F 19 23.40 38.78 -11.86
C ARG F 19 23.90 37.37 -12.18
N LEU F 20 23.17 36.36 -11.71
CA LEU F 20 23.49 34.97 -11.96
C LEU F 20 22.49 34.40 -12.95
N SER F 21 22.98 33.61 -13.89
CA SER F 21 22.15 33.02 -14.94
C SER F 21 22.06 31.51 -14.72
N CYS F 22 20.93 30.94 -15.11
CA CYS F 22 20.71 29.50 -15.06
C CYS F 22 20.08 29.08 -16.37
N ALA F 23 20.87 28.44 -17.22
CA ALA F 23 20.41 27.99 -18.53
C ALA F 23 19.87 26.56 -18.46
N ALA F 24 18.83 26.30 -19.23
CA ALA F 24 18.20 24.99 -19.27
C ALA F 24 18.61 24.22 -20.51
N SER F 25 18.71 22.90 -20.38
CA SER F 25 19.00 22.01 -21.49
C SER F 25 18.52 20.62 -21.14
N GLY F 26 17.95 19.93 -22.12
CA GLY F 26 17.46 18.58 -21.96
C GLY F 26 15.96 18.45 -21.76
N GLY F 27 15.20 19.51 -21.92
CA GLY F 27 13.77 19.43 -21.70
C GLY F 27 13.10 20.76 -21.95
N THR F 28 11.82 20.83 -21.57
CA THR F 28 11.03 22.04 -21.71
C THR F 28 11.19 22.89 -20.46
N PHE F 29 11.72 24.11 -20.62
CA PHE F 29 12.00 24.95 -19.47
C PHE F 29 10.74 25.40 -18.75
N SER F 30 9.64 25.57 -19.48
CA SER F 30 8.40 26.07 -18.86
C SER F 30 7.73 25.03 -17.97
N HIS F 31 8.18 23.79 -17.99
CA HIS F 31 7.59 22.74 -17.16
C HIS F 31 8.29 22.56 -15.82
N TYR F 32 9.28 23.40 -15.50
CA TYR F 32 10.12 23.18 -14.34
C TYR F 32 10.27 24.45 -13.52
N ALA F 33 10.19 24.31 -12.21
CA ALA F 33 10.55 25.39 -11.31
C ALA F 33 12.06 25.42 -11.11
N VAL F 34 12.58 26.60 -10.80
CA VAL F 34 14.01 26.82 -10.65
C VAL F 34 14.30 27.20 -9.22
N GLY F 35 15.18 26.43 -8.56
CA GLY F 35 15.58 26.73 -7.21
C GLY F 35 17.07 27.01 -7.09
N TRP F 36 17.42 28.06 -6.35
CA TRP F 36 18.81 28.45 -6.16
C TRP F 36 19.28 28.01 -4.78
N PHE F 37 20.51 27.51 -4.70
CA PHE F 37 21.07 27.07 -3.43
C PHE F 37 22.51 27.55 -3.32
N ARG F 38 22.95 27.77 -2.08
CA ARG F 38 24.33 28.08 -1.76
C ARG F 38 24.99 26.92 -1.05
N GLN F 39 26.31 26.83 -1.21
CA GLN F 39 27.15 26.04 -0.33
C GLN F 39 28.39 26.85 -0.01
N ALA F 40 28.60 27.13 1.27
CA ALA F 40 29.83 27.77 1.71
C ALA F 40 30.95 26.74 1.79
N PRO F 41 32.20 27.21 1.83
CA PRO F 41 33.33 26.26 1.91
C PRO F 41 33.21 25.25 3.03
N GLY F 42 32.70 25.64 4.20
CA GLY F 42 32.61 24.73 5.32
C GLY F 42 31.20 24.49 5.84
N LYS F 43 30.20 25.11 5.21
CA LYS F 43 28.82 25.02 5.66
C LYS F 43 28.03 24.07 4.78
N GLU F 44 26.79 23.81 5.19
CA GLU F 44 25.89 22.92 4.47
C GLU F 44 25.16 23.67 3.35
N ARG F 45 24.60 22.89 2.43
CA ARG F 45 23.84 23.47 1.33
C ARG F 45 22.53 24.05 1.84
N GLU F 46 22.24 25.29 1.42
CA GLU F 46 21.09 26.02 1.94
C GLU F 46 20.30 26.64 0.78
N PHE F 47 19.00 26.78 1.01
CA PHE F 47 18.11 27.39 0.03
C PHE F 47 18.35 28.89 -0.04
N VAL F 48 18.16 29.46 -1.23
CA VAL F 48 18.37 30.89 -1.44
C VAL F 48 17.10 31.53 -2.01
N ALA F 49 16.72 31.09 -3.20
CA ALA F 49 15.56 31.66 -3.87
C ALA F 49 14.97 30.61 -4.81
N ALA F 50 13.70 30.79 -5.14
CA ALA F 50 13.01 29.88 -6.03
C ALA F 50 11.97 30.65 -6.83
N ILE F 51 11.65 30.12 -8.00
CA ILE F 51 10.58 30.64 -8.85
C ILE F 51 9.78 29.46 -9.37
N SER F 52 8.47 29.62 -9.44
CA SER F 52 7.60 28.54 -9.88
C SER F 52 7.72 28.37 -11.40
N TRP F 53 7.17 27.26 -11.90
CA TRP F 53 7.24 26.98 -13.32
C TRP F 53 6.55 28.06 -14.15
N SER F 54 5.51 28.68 -13.61
CA SER F 54 4.82 29.78 -14.28
C SER F 54 5.36 31.15 -13.89
N GLY F 55 6.22 31.23 -12.87
CA GLY F 55 6.75 32.50 -12.42
C GLY F 55 5.84 33.28 -11.50
N ARG F 56 4.67 32.76 -11.16
CA ARG F 56 3.74 33.46 -10.30
C ARG F 56 4.05 33.30 -8.82
N SER F 57 4.92 32.36 -8.45
CA SER F 57 5.26 32.11 -7.06
C SER F 57 6.77 32.17 -6.91
N THR F 58 7.24 32.94 -5.93
CA THR F 58 8.66 33.04 -5.63
C THR F 58 8.86 32.89 -4.13
N SER F 59 9.99 32.30 -3.75
CA SER F 59 10.36 32.11 -2.36
C SER F 59 11.80 32.58 -2.17
N PHE F 60 12.07 33.18 -1.02
CA PHE F 60 13.40 33.68 -0.72
C PHE F 60 13.79 33.31 0.71
N ALA F 61 15.08 33.08 0.91
CA ALA F 61 15.61 33.00 2.25
C ALA F 61 15.57 34.37 2.91
N ASN F 62 15.48 34.37 4.24
CA ASN F 62 15.29 35.64 4.95
C ASN F 62 16.49 36.57 4.79
N SER F 63 17.70 36.02 4.73
CA SER F 63 18.88 36.85 4.58
C SER F 63 18.87 37.61 3.25
N VAL F 64 18.30 37.01 2.21
CA VAL F 64 18.27 37.61 0.88
C VAL F 64 16.87 38.11 0.51
N LYS F 65 15.99 38.26 1.50
CA LYS F 65 14.60 38.61 1.21
C LYS F 65 14.49 39.91 0.44
N GLY F 66 15.11 40.97 0.94
CA GLY F 66 15.04 42.26 0.32
C GLY F 66 16.15 42.60 -0.65
N ARG F 67 17.14 41.72 -0.82
CA ARG F 67 18.30 42.00 -1.65
C ARG F 67 18.37 41.18 -2.92
N PHE F 68 17.87 39.95 -2.92
CA PHE F 68 17.87 39.13 -4.13
C PHE F 68 16.48 39.10 -4.76
N THR F 69 16.44 39.16 -6.08
CA THR F 69 15.23 38.99 -6.86
C THR F 69 15.44 37.83 -7.82
N ILE F 70 14.35 37.18 -8.21
CA ILE F 70 14.40 36.05 -9.12
C ILE F 70 13.45 36.32 -10.27
N SER F 71 13.84 35.90 -11.48
CA SER F 71 13.04 36.13 -12.67
C SER F 71 13.23 34.97 -13.64
N ARG F 72 12.28 34.81 -14.54
CA ARG F 72 12.30 33.78 -15.56
C ARG F 72 12.25 34.41 -16.93
N ASP F 73 12.80 33.70 -17.92
CA ASP F 73 12.66 34.11 -19.31
C ASP F 73 12.65 32.85 -20.17
N SER F 74 11.48 32.54 -20.73
CA SER F 74 11.31 31.33 -21.51
C SER F 74 11.93 31.43 -22.90
N ALA F 75 12.11 32.66 -23.41
CA ALA F 75 12.68 32.82 -24.73
C ALA F 75 14.10 32.27 -24.79
N LYS F 76 14.92 32.55 -23.78
CA LYS F 76 16.28 32.06 -23.72
C LYS F 76 16.43 30.86 -22.78
N ASN F 77 15.32 30.34 -22.25
CA ASN F 77 15.34 29.20 -21.33
C ASN F 77 16.26 29.47 -20.15
N THR F 78 16.11 30.66 -19.56
CA THR F 78 17.05 31.11 -18.55
C THR F 78 16.33 31.69 -17.34
N ALA F 79 16.78 31.30 -16.16
CA ALA F 79 16.32 31.88 -14.90
C ALA F 79 17.43 32.77 -14.33
N TYR F 80 17.08 33.99 -13.97
CA TYR F 80 18.04 34.98 -13.52
C TYR F 80 17.85 35.28 -12.04
N LEU F 81 18.94 35.25 -11.29
CA LEU F 81 18.98 35.65 -9.89
C LEU F 81 19.73 36.98 -9.82
N GLN F 82 18.99 38.08 -9.69
CA GLN F 82 19.58 39.39 -9.51
C GLN F 82 19.91 39.60 -8.04
N MET F 83 21.06 40.22 -7.79
CA MET F 83 21.60 40.38 -6.44
C MET F 83 21.97 41.84 -6.26
N ASN F 84 21.28 42.53 -5.36
CA ASN F 84 21.65 43.88 -4.97
C ASN F 84 22.84 43.80 -4.02
N ASN F 85 23.06 44.86 -3.24
CA ASN F 85 24.28 45.01 -2.44
C ASN F 85 24.61 43.73 -1.68
N LEU F 86 25.75 43.13 -2.01
CA LEU F 86 26.18 41.86 -1.46
C LEU F 86 26.99 42.05 -0.19
N LYS F 87 27.03 41.01 0.62
CA LYS F 87 27.71 41.05 1.91
C LYS F 87 28.61 39.83 2.06
N PRO F 88 29.65 39.94 2.90
CA PRO F 88 30.62 38.85 3.08
C PRO F 88 30.08 37.42 3.12
N GLU F 89 28.95 37.19 3.78
CA GLU F 89 28.45 35.83 3.93
C GLU F 89 27.67 35.35 2.70
N ASP F 90 27.57 36.17 1.66
CA ASP F 90 27.05 35.71 0.38
C ASP F 90 28.10 34.99 -0.45
N THR F 91 29.33 34.90 0.04
CA THR F 91 30.40 34.22 -0.68
C THR F 91 30.21 32.71 -0.53
N ALA F 92 29.98 32.04 -1.66
CA ALA F 92 29.68 30.61 -1.69
C ALA F 92 29.57 30.18 -3.14
N VAL F 93 29.41 28.87 -3.36
CA VAL F 93 29.13 28.35 -4.68
C VAL F 93 27.62 28.18 -4.81
N TYR F 94 27.04 28.78 -5.85
CA TYR F 94 25.60 28.75 -6.09
C TYR F 94 25.29 27.69 -7.13
N CYS F 95 24.32 26.83 -6.82
CA CYS F 95 23.83 25.81 -7.73
C CYS F 95 22.37 26.07 -8.06
N CYS F 96 21.97 25.56 -9.23
CA CYS F 96 20.64 25.74 -9.77
C CYS F 96 20.00 24.37 -9.96
N ALA F 97 18.78 24.19 -9.46
CA ALA F 97 18.14 22.89 -9.52
C ALA F 97 16.74 23.00 -10.11
N PRO F 98 16.31 22.01 -10.88
CA PRO F 98 14.95 22.01 -11.43
C PRO F 98 13.95 21.26 -10.57
N ALA F 99 12.71 21.71 -10.64
CA ALA F 99 11.58 21.05 -9.98
C ALA F 99 10.46 20.91 -10.99
N ARG F 100 10.10 19.68 -11.32
CA ARG F 100 9.09 19.45 -12.35
C ARG F 100 7.75 20.03 -11.94
N PHE F 101 7.35 21.11 -12.61
CA PHE F 101 6.12 21.85 -12.29
C PHE F 101 6.06 22.20 -10.82
N GLY F 102 7.21 22.61 -10.27
CA GLY F 102 7.27 22.96 -8.88
C GLY F 102 6.56 24.26 -8.56
N THR F 103 6.27 24.44 -7.28
CA THR F 103 5.53 25.60 -6.79
C THR F 103 6.44 26.76 -6.43
N GLY F 104 7.74 26.65 -6.69
CA GLY F 104 8.68 27.68 -6.27
C GLY F 104 8.83 27.76 -4.76
N SER F 105 8.88 26.62 -4.10
CA SER F 105 8.99 26.55 -2.65
C SER F 105 10.39 26.18 -2.22
N ALA F 106 10.65 26.29 -0.92
CA ALA F 106 11.95 25.98 -0.36
C ALA F 106 12.11 24.50 -0.01
N ALA F 107 11.07 23.70 -0.19
CA ALA F 107 11.16 22.27 0.13
C ALA F 107 12.17 21.58 -0.78
N ARG F 108 13.13 20.88 -0.18
CA ARG F 108 14.21 20.27 -0.96
C ARG F 108 13.73 19.00 -1.67
N ASP F 109 12.70 18.35 -1.15
CA ASP F 109 12.29 17.05 -1.70
C ASP F 109 11.70 17.17 -3.10
N GLU F 110 11.25 18.35 -3.51
CA GLU F 110 10.61 18.52 -4.81
C GLU F 110 11.58 18.95 -5.89
N TYR F 111 12.88 19.05 -5.58
CA TYR F 111 13.88 19.48 -6.54
C TYR F 111 14.74 18.30 -6.97
N ASP F 112 15.29 18.39 -8.18
CA ASP F 112 16.30 17.45 -8.63
C ASP F 112 17.66 17.89 -8.14
N ASP F 113 18.69 17.14 -8.51
CA ASP F 113 20.05 17.48 -8.11
C ASP F 113 20.51 18.75 -8.83
N CYS F 114 21.29 19.56 -8.11
CA CYS F 114 21.91 20.72 -8.73
C CYS F 114 22.94 20.27 -9.77
N GLY F 115 23.27 21.18 -10.68
CA GLY F 115 24.37 20.98 -11.60
C GLY F 115 25.69 21.27 -10.91
N GLN F 116 26.64 21.78 -11.67
CA GLN F 116 27.91 22.25 -11.12
C GLN F 116 27.82 23.76 -10.98
N GLY F 117 27.89 24.26 -9.73
CA GLY F 117 27.61 25.64 -9.46
C GLY F 117 28.74 26.57 -9.84
N THR F 118 28.50 27.85 -9.57
CA THR F 118 29.48 28.91 -9.82
C THR F 118 29.82 29.62 -8.52
N GLN F 119 31.10 29.93 -8.35
CA GLN F 119 31.57 30.58 -7.13
C GLN F 119 31.33 32.08 -7.20
N VAL F 120 30.78 32.63 -6.12
CA VAL F 120 30.65 34.07 -5.92
C VAL F 120 31.44 34.42 -4.67
N THR F 121 32.33 35.40 -4.80
CA THR F 121 33.19 35.82 -3.69
C THR F 121 33.00 37.32 -3.46
N VAL F 122 32.75 37.69 -2.22
CA VAL F 122 32.53 39.09 -1.87
C VAL F 122 33.56 39.53 -0.84
N ALA G 1 4.68 29.53 10.86
CA ALA G 1 3.85 29.73 9.68
C ALA G 1 4.69 29.71 8.42
N VAL G 2 4.90 28.53 7.85
CA VAL G 2 5.64 28.34 6.62
C VAL G 2 7.08 28.83 6.78
N GLN G 3 7.26 30.14 6.94
CA GLN G 3 8.59 30.73 7.11
C GLN G 3 8.73 31.26 8.53
N LEU G 4 9.71 30.76 9.26
CA LEU G 4 10.02 31.21 10.61
C LEU G 4 11.43 31.77 10.63
N GLN G 5 11.60 32.95 11.20
CA GLN G 5 12.90 33.59 11.30
C GLN G 5 13.21 33.93 12.75
N ALA G 6 14.37 33.47 13.22
CA ALA G 6 14.84 33.80 14.55
C ALA G 6 15.56 35.16 14.53
N SER G 7 15.59 35.79 15.71
CA SER G 7 16.23 37.08 15.87
C SER G 7 16.47 37.30 17.36
N GLY G 8 17.30 38.29 17.66
CA GLY G 8 17.58 38.67 19.04
C GLY G 8 18.86 38.09 19.61
N GLY G 9 19.63 37.35 18.82
CA GLY G 9 20.88 36.80 19.31
C GLY G 9 21.94 37.87 19.49
N GLY G 10 22.98 37.49 20.22
CA GLY G 10 24.08 38.41 20.49
C GLY G 10 25.16 37.80 21.36
N LEU G 11 25.90 38.64 22.07
CA LEU G 11 26.94 38.20 22.98
C LEU G 11 26.56 38.59 24.40
N VAL G 12 26.62 37.62 25.31
CA VAL G 12 26.26 37.83 26.71
C VAL G 12 27.29 37.15 27.60
N GLN G 13 27.28 37.52 28.87
CA GLN G 13 28.12 36.90 29.88
C GLN G 13 27.37 35.79 30.59
N ALA G 14 28.13 34.88 31.20
CA ALA G 14 27.52 33.75 31.91
C ALA G 14 26.64 34.25 33.04
N GLY G 15 25.45 33.66 33.15
CA GLY G 15 24.48 34.06 34.14
C GLY G 15 23.50 35.13 33.70
N ASP G 16 23.68 35.69 32.51
CA ASP G 16 22.80 36.74 32.02
C ASP G 16 21.63 36.15 31.25
N SER G 17 20.51 36.87 31.26
CA SER G 17 19.31 36.45 30.57
C SER G 17 19.31 36.94 29.12
N LEU G 18 18.54 36.24 28.28
CA LEU G 18 18.47 36.59 26.87
C LEU G 18 17.14 36.11 26.30
N ARG G 19 16.49 36.97 25.52
CA ARG G 19 15.22 36.63 24.88
C ARG G 19 15.43 36.52 23.38
N LEU G 20 14.95 35.43 22.79
CA LEU G 20 15.03 35.19 21.35
C LEU G 20 13.64 35.27 20.74
N SER G 21 13.51 36.09 19.70
CA SER G 21 12.24 36.24 19.00
C SER G 21 12.22 35.34 17.77
N CYS G 22 11.01 34.96 17.35
CA CYS G 22 10.84 34.08 16.19
C CYS G 22 9.59 34.55 15.46
N ALA G 23 9.79 35.29 14.37
CA ALA G 23 8.70 35.88 13.61
C ALA G 23 8.23 34.92 12.51
N ALA G 24 6.92 34.92 12.28
CA ALA G 24 6.32 34.09 11.24
C ALA G 24 5.96 34.91 10.01
N SER G 25 6.06 34.29 8.84
CA SER G 25 5.65 34.90 7.58
C SER G 25 5.38 33.81 6.57
N GLY G 26 4.35 34.02 5.76
CA GLY G 26 3.96 33.07 4.73
C GLY G 26 2.81 32.16 5.05
N GLY G 27 2.10 32.39 6.16
CA GLY G 27 1.00 31.54 6.52
C GLY G 27 0.37 31.98 7.81
N THR G 28 -0.52 31.13 8.33
CA THR G 28 -1.21 31.40 9.59
C THR G 28 -0.37 30.86 10.74
N PHE G 29 0.03 31.75 11.64
CA PHE G 29 0.92 31.36 12.73
C PHE G 29 0.24 30.41 13.71
N SER G 30 -1.07 30.53 13.90
CA SER G 30 -1.77 29.70 14.87
C SER G 30 -1.90 28.25 14.42
N HIS G 31 -1.58 27.94 13.17
CA HIS G 31 -1.68 26.58 12.66
C HIS G 31 -0.39 25.78 12.78
N TYR G 32 0.64 26.35 13.41
CA TYR G 32 1.96 25.76 13.40
C TYR G 32 2.56 25.73 14.80
N ALA G 33 3.25 24.64 15.12
CA ALA G 33 4.08 24.57 16.30
C ALA G 33 5.48 25.07 15.98
N VAL G 34 6.12 25.70 16.96
CA VAL G 34 7.43 26.29 16.79
C VAL G 34 8.43 25.46 17.59
N GLY G 35 9.48 25.00 16.91
CA GLY G 35 10.53 24.24 17.56
C GLY G 35 11.86 24.97 17.46
N TRP G 36 12.57 25.02 18.58
CA TRP G 36 13.87 25.68 18.66
C TRP G 36 14.98 24.65 18.61
N PHE G 37 16.03 24.94 17.84
CA PHE G 37 17.17 24.04 17.75
C PHE G 37 18.47 24.83 17.83
N ARG G 38 19.51 24.16 18.32
CA ARG G 38 20.85 24.70 18.37
C ARG G 38 21.78 23.97 17.42
N GLN G 39 22.81 24.67 16.97
CA GLN G 39 23.99 24.04 16.39
C GLN G 39 25.22 24.76 16.91
N ALA G 40 26.09 24.02 17.56
CA ALA G 40 27.39 24.54 17.97
C ALA G 40 28.33 24.57 16.78
N PRO G 41 29.44 25.33 16.85
CA PRO G 41 30.41 25.34 15.76
C PRO G 41 30.82 23.93 15.32
N GLY G 42 31.38 23.15 16.23
CA GLY G 42 31.54 21.74 15.94
C GLY G 42 30.61 20.87 16.77
N LYS G 43 29.48 20.47 16.16
CA LYS G 43 28.49 19.61 16.79
C LYS G 43 27.35 19.34 15.82
N GLU G 44 26.42 18.48 16.22
CA GLU G 44 25.21 18.21 15.43
C GLU G 44 24.06 19.05 15.93
N ARG G 45 23.07 19.25 15.07
CA ARG G 45 21.89 20.02 15.43
C ARG G 45 21.12 19.30 16.53
N GLU G 46 20.70 20.06 17.54
CA GLU G 46 20.06 19.48 18.72
C GLU G 46 18.79 20.25 19.06
N PHE G 47 17.81 19.52 19.58
CA PHE G 47 16.56 20.12 20.02
C PHE G 47 16.77 20.93 21.30
N VAL G 48 16.01 22.02 21.45
CA VAL G 48 16.13 22.88 22.61
C VAL G 48 14.78 23.01 23.31
N ALA G 49 13.81 23.58 22.61
CA ALA G 49 12.49 23.80 23.19
C ALA G 49 11.45 23.78 22.08
N ALA G 50 10.20 23.56 22.47
CA ALA G 50 9.10 23.53 21.53
C ALA G 50 7.84 23.99 22.22
N ILE G 51 6.91 24.52 21.41
CA ILE G 51 5.59 24.91 21.88
C ILE G 51 4.58 24.46 20.84
N SER G 52 3.46 23.91 21.30
CA SER G 52 2.45 23.41 20.39
C SER G 52 1.73 24.57 19.70
N TRP G 53 0.94 24.22 18.68
CA TRP G 53 0.23 25.23 17.92
C TRP G 53 -0.74 26.03 18.79
N SER G 54 -1.32 25.39 19.81
CA SER G 54 -2.20 26.07 20.74
C SER G 54 -1.48 26.62 21.97
N GLY G 55 -0.21 26.29 22.15
CA GLY G 55 0.54 26.74 23.30
C GLY G 55 0.30 25.94 24.56
N ARG G 56 -0.51 24.88 24.50
CA ARG G 56 -0.83 24.08 25.67
C ARG G 56 0.20 23.00 25.95
N SER G 57 1.09 22.71 25.02
CA SER G 57 2.10 21.67 25.19
C SER G 57 3.48 22.26 24.91
N THR G 58 4.42 22.02 25.82
CA THR G 58 5.79 22.50 25.67
C THR G 58 6.75 21.35 25.96
N SER G 59 7.88 21.36 25.25
CA SER G 59 8.94 20.38 25.45
C SER G 59 10.26 21.10 25.59
N PHE G 60 11.14 20.57 26.42
CA PHE G 60 12.43 21.18 26.67
C PHE G 60 13.51 20.11 26.73
N ALA G 61 14.70 20.45 26.24
CA ALA G 61 15.86 19.61 26.51
C ALA G 61 16.23 19.70 27.99
N ASN G 62 16.84 18.63 28.50
CA ASN G 62 17.10 18.56 29.94
C ASN G 62 18.08 19.63 30.39
N SER G 63 19.05 19.99 29.54
CA SER G 63 20.02 21.02 29.92
C SER G 63 19.34 22.37 30.15
N VAL G 64 18.33 22.67 29.33
CA VAL G 64 17.62 23.94 29.42
C VAL G 64 16.26 23.79 30.11
N LYS G 65 16.04 22.68 30.81
CA LYS G 65 14.72 22.38 31.35
C LYS G 65 14.26 23.45 32.35
N GLY G 66 15.15 23.85 33.25
CA GLY G 66 14.77 24.79 34.29
C GLY G 66 15.17 26.23 34.01
N ARG G 67 15.91 26.44 32.92
CA ARG G 67 16.46 27.75 32.60
C ARG G 67 15.79 28.41 31.41
N PHE G 68 15.35 27.66 30.41
CA PHE G 68 14.68 28.24 29.26
C PHE G 68 13.17 28.07 29.38
N THR G 69 12.44 29.09 28.96
CA THR G 69 11.00 29.04 28.84
C THR G 69 10.62 29.41 27.42
N ILE G 70 9.46 28.93 26.98
CA ILE G 70 8.97 29.21 25.63
C ILE G 70 7.55 29.74 25.72
N SER G 71 7.22 30.69 24.85
CA SER G 71 5.92 31.32 24.86
C SER G 71 5.53 31.69 23.43
N ARG G 72 4.23 31.89 23.24
CA ARG G 72 3.66 32.25 21.95
C ARG G 72 2.90 33.56 22.08
N ASP G 73 2.82 34.30 20.98
CA ASP G 73 1.95 35.47 20.89
C ASP G 73 1.45 35.57 19.47
N SER G 74 0.14 35.33 19.29
CA SER G 74 -0.48 35.37 17.97
C SER G 74 -0.69 36.78 17.46
N ALA G 75 -0.73 37.78 18.35
CA ALA G 75 -0.94 39.15 17.91
C ALA G 75 0.19 39.62 17.01
N LYS G 76 1.43 39.33 17.38
CA LYS G 76 2.60 39.69 16.58
C LYS G 76 3.13 38.53 15.76
N ASN G 77 2.46 37.39 15.77
CA ASN G 77 2.89 36.20 15.04
C ASN G 77 4.32 35.82 15.43
N THR G 78 4.55 35.70 16.74
CA THR G 78 5.90 35.53 17.25
C THR G 78 5.93 34.43 18.31
N ALA G 79 7.08 33.75 18.36
CA ALA G 79 7.39 32.79 19.40
C ALA G 79 8.64 33.29 20.14
N TYR G 80 8.58 33.31 21.47
CA TYR G 80 9.65 33.85 22.28
C TYR G 80 10.29 32.75 23.10
N LEU G 81 11.61 32.66 23.03
CA LEU G 81 12.41 31.76 23.85
C LEU G 81 13.13 32.62 24.89
N GLN G 82 12.60 32.62 26.11
CA GLN G 82 13.24 33.31 27.21
C GLN G 82 14.32 32.41 27.81
N MET G 83 15.43 33.03 28.21
CA MET G 83 16.61 32.31 28.68
C MET G 83 17.06 32.95 29.98
N ASN G 84 17.05 32.18 31.06
CA ASN G 84 17.60 32.61 32.33
C ASN G 84 19.12 32.47 32.27
N ASN G 85 19.77 32.42 33.43
CA ASN G 85 21.23 32.39 33.51
C ASN G 85 21.83 31.41 32.52
N LEU G 86 22.63 31.93 31.60
CA LEU G 86 23.22 31.14 30.52
C LEU G 86 24.59 30.61 30.91
N LYS G 87 25.02 29.59 30.19
CA LYS G 87 26.29 28.92 30.42
C LYS G 87 27.07 28.84 29.13
N PRO G 88 28.41 28.72 29.21
CA PRO G 88 29.23 28.58 28.00
C PRO G 88 28.75 27.49 27.04
N GLU G 89 28.04 26.49 27.56
CA GLU G 89 27.52 25.42 26.72
C GLU G 89 26.34 25.87 25.85
N ASP G 90 25.80 27.05 26.08
CA ASP G 90 24.70 27.57 25.29
C ASP G 90 25.15 28.40 24.10
N THR G 91 26.45 28.53 23.89
CA THR G 91 26.97 29.31 22.76
C THR G 91 26.77 28.52 21.47
N ALA G 92 25.91 29.01 20.59
CA ALA G 92 25.55 28.31 19.37
C ALA G 92 24.65 29.16 18.50
N VAL G 93 24.30 28.66 17.32
CA VAL G 93 23.31 29.33 16.47
C VAL G 93 21.97 28.64 16.66
N TYR G 94 20.95 29.43 16.98
CA TYR G 94 19.60 28.95 17.23
C TYR G 94 18.74 29.17 15.99
N CYS G 95 17.95 28.15 15.65
CA CYS G 95 17.06 28.18 14.49
C CYS G 95 15.66 27.79 14.90
N CYS G 96 14.69 28.29 14.12
CA CYS G 96 13.27 28.03 14.30
C CYS G 96 12.78 27.07 13.22
N ALA G 97 11.90 26.15 13.61
CA ALA G 97 11.30 25.23 12.65
C ALA G 97 9.80 25.19 12.86
N PRO G 98 9.00 25.42 11.83
CA PRO G 98 7.55 25.24 11.96
C PRO G 98 7.15 23.78 11.89
N ALA G 99 6.02 23.48 12.53
CA ALA G 99 5.41 22.16 12.48
C ALA G 99 3.91 22.34 12.32
N ARG G 100 3.36 21.90 11.19
CA ARG G 100 1.94 22.11 10.92
C ARG G 100 1.08 21.42 11.96
N PHE G 101 0.44 22.22 12.82
CA PHE G 101 -0.40 21.71 13.91
C PHE G 101 0.37 20.69 14.75
N GLY G 102 1.64 20.99 15.00
CA GLY G 102 2.48 20.08 15.77
C GLY G 102 2.09 20.06 17.23
N THR G 103 2.53 19.00 17.90
CA THR G 103 2.21 18.77 19.31
C THR G 103 3.21 19.41 20.26
N GLY G 104 4.17 20.18 19.75
CA GLY G 104 5.22 20.72 20.57
C GLY G 104 6.16 19.65 21.11
N SER G 105 6.52 18.68 20.29
CA SER G 105 7.37 17.57 20.69
C SER G 105 8.77 17.78 20.16
N ALA G 106 9.67 16.85 20.51
CA ALA G 106 11.06 16.91 20.10
C ALA G 106 11.36 16.04 18.89
N ALA G 107 10.33 15.53 18.21
CA ALA G 107 10.54 14.67 17.05
C ALA G 107 10.87 15.53 15.83
N ARG G 108 12.02 15.23 15.20
CA ARG G 108 12.48 16.05 14.09
C ARG G 108 11.60 15.88 12.85
N ASP G 109 11.02 14.69 12.65
CA ASP G 109 10.21 14.44 11.46
C ASP G 109 8.97 15.31 11.41
N GLU G 110 8.49 15.78 12.57
CA GLU G 110 7.29 16.60 12.61
C GLU G 110 7.52 18.03 12.14
N TYR G 111 8.77 18.49 12.14
CA TYR G 111 9.09 19.87 11.87
C TYR G 111 9.53 20.06 10.42
N ASP G 112 9.39 21.30 9.94
CA ASP G 112 9.86 21.69 8.64
C ASP G 112 11.34 22.08 8.72
N ASP G 113 11.90 22.56 7.61
CA ASP G 113 13.29 23.00 7.61
C ASP G 113 13.46 24.27 8.44
N CYS G 114 14.55 24.34 9.19
CA CYS G 114 14.89 25.54 9.92
C CYS G 114 15.26 26.67 8.96
N GLY G 115 15.04 27.89 9.40
CA GLY G 115 15.49 29.06 8.67
C GLY G 115 16.94 29.34 8.95
N GLN G 116 17.36 30.56 8.64
CA GLN G 116 18.71 31.01 8.95
C GLN G 116 18.73 31.54 10.37
N GLY G 117 19.46 30.85 11.24
CA GLY G 117 19.42 31.12 12.66
C GLY G 117 20.24 32.32 13.07
N THR G 118 20.26 32.55 14.37
CA THR G 118 21.00 33.65 14.99
C THR G 118 21.99 33.11 16.01
N GLN G 119 23.20 33.65 15.99
CA GLN G 119 24.24 33.21 16.90
C GLN G 119 24.11 33.90 18.25
N VAL G 120 24.22 33.12 19.32
CA VAL G 120 24.35 33.61 20.68
C VAL G 120 25.67 33.08 21.23
N THR G 121 26.37 33.93 21.98
CA THR G 121 27.69 33.59 22.52
C THR G 121 27.70 33.94 24.00
N VAL G 122 28.19 33.01 24.82
CA VAL G 122 28.27 33.22 26.26
C VAL G 122 29.70 33.10 26.74
N ALA H 1 10.97 6.37 29.13
CA ALA H 1 9.66 7.00 29.13
C ALA H 1 9.69 8.36 28.47
N VAL H 2 9.51 8.38 27.15
CA VAL H 2 9.48 9.61 26.36
C VAL H 2 10.80 10.36 26.48
N GLN H 3 11.11 10.87 27.67
CA GLN H 3 12.35 11.60 27.91
C GLN H 3 13.23 10.80 28.85
N LEU H 4 14.44 10.50 28.41
CA LEU H 4 15.43 9.79 29.22
C LEU H 4 16.67 10.65 29.36
N GLN H 5 17.15 10.81 30.58
CA GLN H 5 18.34 11.62 30.84
C GLN H 5 19.40 10.79 31.53
N ALA H 6 20.61 10.81 30.99
CA ALA H 6 21.76 10.15 31.59
C ALA H 6 22.41 11.04 32.63
N SER H 7 23.07 10.41 33.59
CA SER H 7 23.78 11.11 34.65
C SER H 7 24.79 10.15 35.28
N GLY H 8 25.68 10.72 36.08
CA GLY H 8 26.65 9.92 36.80
C GLY H 8 28.02 9.81 36.14
N GLY H 9 28.25 10.51 35.04
CA GLY H 9 29.55 10.47 34.39
C GLY H 9 30.60 11.26 35.17
N GLY H 10 31.84 11.10 34.75
CA GLY H 10 32.94 11.79 35.40
C GLY H 10 34.28 11.25 34.93
N LEU H 11 35.30 11.52 35.73
CA LEU H 11 36.66 11.07 35.43
C LEU H 11 37.02 9.89 36.34
N VAL H 12 37.49 8.81 35.73
CA VAL H 12 37.89 7.62 36.45
C VAL H 12 39.23 7.14 35.89
N GLN H 13 39.89 6.29 36.66
CA GLN H 13 41.14 5.67 36.24
C GLN H 13 40.87 4.27 35.69
N ALA H 14 41.82 3.78 34.90
CA ALA H 14 41.67 2.47 34.29
C ALA H 14 41.53 1.39 35.35
N GLY H 15 40.59 0.47 35.13
CA GLY H 15 40.30 -0.58 36.08
C GLY H 15 39.29 -0.24 37.14
N ASP H 16 38.78 0.99 37.16
CA ASP H 16 37.81 1.41 38.16
C ASP H 16 36.39 1.17 37.68
N SER H 17 35.47 1.11 38.62
CA SER H 17 34.06 0.88 38.35
C SER H 17 33.30 2.20 38.32
N LEU H 18 32.19 2.20 37.58
CA LEU H 18 31.38 3.41 37.44
C LEU H 18 29.94 3.03 37.14
N ARG H 19 29.01 3.71 37.80
CA ARG H 19 27.59 3.47 37.61
C ARG H 19 26.96 4.68 36.92
N LEU H 20 26.30 4.45 35.80
CA LEU H 20 25.59 5.48 35.07
C LEU H 20 24.09 5.31 35.29
N SER H 21 23.40 6.42 35.48
CA SER H 21 21.96 6.42 35.74
C SER H 21 21.21 7.02 34.57
N CYS H 22 20.00 6.54 34.34
CA CYS H 22 19.12 7.05 33.31
C CYS H 22 17.74 7.25 33.93
N ALA H 23 17.37 8.50 34.16
CA ALA H 23 16.09 8.84 34.76
C ALA H 23 15.05 9.09 33.67
N ALA H 24 13.82 8.64 33.93
CA ALA H 24 12.73 8.82 32.98
C ALA H 24 11.82 9.97 33.40
N SER H 25 11.26 10.64 32.39
CA SER H 25 10.30 11.71 32.61
C SER H 25 9.47 11.89 31.35
N GLY H 26 8.17 12.12 31.53
CA GLY H 26 7.27 12.34 30.43
C GLY H 26 6.42 11.15 30.02
N GLY H 27 6.45 10.06 30.79
CA GLY H 27 5.67 8.90 30.41
C GLY H 27 5.84 7.79 31.43
N THR H 28 5.34 6.61 31.06
CA THR H 28 5.43 5.43 31.92
C THR H 28 6.73 4.69 31.61
N PHE H 29 7.60 4.57 32.61
CA PHE H 29 8.91 3.96 32.40
C PHE H 29 8.81 2.47 32.06
N SER H 30 7.80 1.79 32.59
CA SER H 30 7.67 0.36 32.34
C SER H 30 7.26 0.02 30.92
N HIS H 31 6.85 1.02 30.13
CA HIS H 31 6.43 0.80 28.75
C HIS H 31 7.55 0.96 27.74
N TYR H 32 8.77 1.22 28.19
CA TYR H 32 9.86 1.59 27.29
C TYR H 32 11.12 0.79 27.60
N ALA H 33 11.79 0.34 26.54
CA ALA H 33 13.12 -0.24 26.68
C ALA H 33 14.16 0.88 26.71
N VAL H 34 15.30 0.59 27.33
CA VAL H 34 16.36 1.56 27.53
C VAL H 34 17.60 1.09 26.79
N GLY H 35 18.13 1.93 25.91
CA GLY H 35 19.34 1.62 25.18
C GLY H 35 20.42 2.64 25.50
N TRP H 36 21.66 2.17 25.57
CA TRP H 36 22.81 3.01 25.87
C TRP H 36 23.70 3.12 24.64
N PHE H 37 24.22 4.31 24.39
CA PHE H 37 25.07 4.53 23.22
C PHE H 37 26.26 5.41 23.60
N ARG H 38 27.40 5.14 22.97
CA ARG H 38 28.57 6.00 23.08
C ARG H 38 28.72 6.84 21.83
N GLN H 39 29.17 8.07 22.00
CA GLN H 39 29.40 8.96 20.86
C GLN H 39 30.87 9.11 20.50
N ALA H 40 31.75 9.26 21.49
CA ALA H 40 33.19 9.42 21.33
C ALA H 40 33.53 10.75 20.67
N PRO H 41 34.68 11.34 21.03
CA PRO H 41 35.02 12.66 20.47
C PRO H 41 35.04 12.72 18.95
N GLY H 42 35.53 11.67 18.29
CA GLY H 42 35.70 11.72 16.85
C GLY H 42 35.08 10.59 16.08
N LYS H 43 34.44 9.64 16.77
CA LYS H 43 33.84 8.49 16.13
C LYS H 43 32.33 8.65 16.05
N GLU H 44 31.69 7.68 15.40
CA GLU H 44 30.23 7.67 15.29
C GLU H 44 29.61 7.04 16.53
N ARG H 45 28.30 7.23 16.67
CA ARG H 45 27.58 6.63 17.78
C ARG H 45 27.54 5.12 17.64
N GLU H 46 27.80 4.42 18.73
CA GLU H 46 27.82 2.97 18.76
C GLU H 46 26.99 2.45 19.93
N PHE H 47 26.32 1.32 19.69
CA PHE H 47 25.54 0.66 20.71
C PHE H 47 26.42 0.15 21.84
N VAL H 48 25.90 0.17 23.07
CA VAL H 48 26.66 -0.28 24.23
C VAL H 48 25.90 -1.39 24.95
N ALA H 49 24.72 -1.06 25.45
CA ALA H 49 23.92 -2.03 26.20
C ALA H 49 22.46 -1.65 26.08
N ALA H 50 21.59 -2.63 26.34
CA ALA H 50 20.16 -2.41 26.28
C ALA H 50 19.47 -3.34 27.26
N ILE H 51 18.27 -2.92 27.67
CA ILE H 51 17.40 -3.73 28.50
C ILE H 51 15.98 -3.60 27.96
N SER H 52 15.24 -4.69 28.00
CA SER H 52 13.87 -4.67 27.49
C SER H 52 12.94 -3.96 28.46
N TRP H 53 11.72 -3.70 27.99
CA TRP H 53 10.76 -2.98 28.83
C TRP H 53 10.44 -3.75 30.10
N SER H 54 10.47 -5.09 30.05
CA SER H 54 10.25 -5.91 31.22
C SER H 54 11.54 -6.28 31.94
N GLY H 55 12.70 -5.98 31.35
CA GLY H 55 13.97 -6.33 31.95
C GLY H 55 14.39 -7.77 31.74
N ARG H 56 13.61 -8.55 30.99
CA ARG H 56 13.92 -9.96 30.76
C ARG H 56 14.89 -10.20 29.61
N SER H 57 15.17 -9.18 28.80
CA SER H 57 16.08 -9.31 27.67
C SER H 57 17.10 -8.18 27.74
N THR H 58 18.38 -8.54 27.62
CA THR H 58 19.46 -7.56 27.61
C THR H 58 20.39 -7.86 26.44
N SER H 59 20.94 -6.80 25.88
CA SER H 59 21.91 -6.90 24.78
C SER H 59 23.13 -6.08 25.14
N PHE H 60 24.31 -6.55 24.74
CA PHE H 60 25.56 -5.87 25.02
C PHE H 60 26.45 -5.88 23.79
N ALA H 61 27.21 -4.81 23.63
CA ALA H 61 28.30 -4.82 22.66
C ALA H 61 29.40 -5.76 23.14
N ASN H 62 30.16 -6.31 22.18
CA ASN H 62 31.15 -7.32 22.54
C ASN H 62 32.23 -6.76 23.45
N SER H 63 32.67 -5.53 23.19
CA SER H 63 33.73 -4.93 24.01
C SER H 63 33.33 -4.83 25.47
N VAL H 64 32.03 -4.65 25.74
CA VAL H 64 31.53 -4.45 27.09
C VAL H 64 30.74 -5.66 27.58
N LYS H 65 30.84 -6.80 26.89
CA LYS H 65 30.03 -7.97 27.23
C LYS H 65 30.23 -8.41 28.66
N GLY H 66 31.45 -8.77 29.03
CA GLY H 66 31.75 -9.24 30.36
C GLY H 66 32.02 -8.18 31.40
N ARG H 67 32.06 -6.90 31.00
CA ARG H 67 32.41 -5.83 31.91
C ARG H 67 31.24 -4.92 32.27
N PHE H 68 30.28 -4.74 31.38
CA PHE H 68 29.15 -3.87 31.65
C PHE H 68 27.91 -4.72 31.97
N THR H 69 27.13 -4.26 32.93
CA THR H 69 25.85 -4.85 33.26
C THR H 69 24.77 -3.77 33.18
N ILE H 70 23.55 -4.18 32.91
CA ILE H 70 22.43 -3.26 32.81
C ILE H 70 21.31 -3.75 33.71
N SER H 71 20.61 -2.81 34.33
CA SER H 71 19.53 -3.14 35.25
C SER H 71 18.46 -2.07 35.18
N ARG H 72 17.26 -2.43 35.65
CA ARG H 72 16.11 -1.54 35.69
C ARG H 72 15.59 -1.44 37.11
N ASP H 73 14.98 -0.29 37.43
CA ASP H 73 14.23 -0.17 38.66
C ASP H 73 13.06 0.77 38.39
N SER H 74 11.84 0.22 38.47
CA SER H 74 10.63 0.99 38.21
C SER H 74 10.24 1.89 39.37
N ALA H 75 10.76 1.62 40.58
CA ALA H 75 10.42 2.45 41.73
C ALA H 75 10.92 3.88 41.53
N LYS H 76 12.17 4.04 41.09
CA LYS H 76 12.73 5.37 40.84
C LYS H 76 12.70 5.74 39.37
N ASN H 77 12.07 4.94 38.51
CA ASN H 77 12.00 5.20 37.07
C ASN H 77 13.41 5.37 36.48
N THR H 78 14.28 4.40 36.81
CA THR H 78 15.69 4.54 36.48
C THR H 78 16.22 3.27 35.83
N ALA H 79 17.20 3.46 34.94
CA ALA H 79 17.95 2.38 34.33
C ALA H 79 19.43 2.58 34.67
N TYR H 80 20.07 1.55 35.20
CA TYR H 80 21.44 1.66 35.67
C TYR H 80 22.37 0.84 34.79
N LEU H 81 23.44 1.47 34.34
CA LEU H 81 24.52 0.81 33.61
C LEU H 81 25.71 0.72 34.55
N GLN H 82 25.93 -0.47 35.10
CA GLN H 82 27.09 -0.73 35.93
C GLN H 82 28.29 -1.07 35.06
N MET H 83 29.45 -0.56 35.45
CA MET H 83 30.67 -0.66 34.66
C MET H 83 31.77 -1.21 35.56
N ASN H 84 32.26 -2.41 35.26
CA ASN H 84 33.40 -2.97 35.96
C ASN H 84 34.67 -2.31 35.40
N ASN H 85 35.83 -2.95 35.61
CA ASN H 85 37.11 -2.35 35.30
C ASN H 85 37.12 -1.66 33.94
N LEU H 86 37.30 -0.35 33.96
CA LEU H 86 37.15 0.48 32.77
C LEU H 86 38.47 0.60 32.02
N LYS H 87 38.36 0.88 30.73
CA LYS H 87 39.52 0.93 29.85
C LYS H 87 39.50 2.22 29.05
N PRO H 88 40.67 2.72 28.66
CA PRO H 88 40.74 3.97 27.88
C PRO H 88 39.80 4.04 26.68
N GLU H 89 39.48 2.91 26.05
CA GLU H 89 38.58 2.92 24.90
C GLU H 89 37.14 3.23 25.29
N ASP H 90 36.83 3.24 26.58
CA ASP H 90 35.49 3.56 27.05
C ASP H 90 35.29 5.05 27.30
N THR H 91 36.30 5.87 27.04
CA THR H 91 36.17 7.31 27.25
C THR H 91 35.31 7.90 26.14
N ALA H 92 34.13 8.40 26.53
CA ALA H 92 33.16 8.91 25.57
C ALA H 92 31.97 9.53 26.27
N VAL H 93 31.05 10.10 25.50
CA VAL H 93 29.79 10.62 26.03
C VAL H 93 28.72 9.57 25.79
N TYR H 94 28.04 9.17 26.87
CA TYR H 94 27.00 8.15 26.83
C TYR H 94 25.64 8.83 26.80
N CYS H 95 24.81 8.41 25.85
CA CYS H 95 23.43 8.84 25.74
C CYS H 95 22.49 7.67 26.00
N CYS H 96 21.30 8.01 26.49
CA CYS H 96 20.28 7.04 26.87
C CYS H 96 19.04 7.28 26.03
N ALA H 97 18.52 6.22 25.41
CA ALA H 97 17.41 6.36 24.49
C ALA H 97 16.28 5.40 24.85
N PRO H 98 15.03 5.84 24.68
CA PRO H 98 13.89 4.96 24.94
C PRO H 98 13.40 4.25 23.68
N ALA H 99 12.80 3.08 23.90
CA ALA H 99 12.17 2.32 22.83
C ALA H 99 10.82 1.82 23.33
N ARG H 100 9.74 2.24 22.68
CA ARG H 100 8.41 1.89 23.16
C ARG H 100 8.18 0.39 23.13
N PHE H 101 8.13 -0.23 24.31
CA PHE H 101 7.97 -1.67 24.46
C PHE H 101 9.03 -2.43 23.64
N GLY H 102 10.25 -1.91 23.66
CA GLY H 102 11.32 -2.53 22.90
C GLY H 102 11.76 -3.85 23.48
N THR H 103 12.44 -4.62 22.65
CA THR H 103 12.91 -5.95 23.01
C THR H 103 14.29 -5.94 23.64
N GLY H 104 14.85 -4.77 23.89
CA GLY H 104 16.21 -4.68 24.39
C GLY H 104 17.25 -5.12 23.39
N SER H 105 17.07 -4.76 22.12
CA SER H 105 17.97 -5.14 21.05
C SER H 105 18.88 -3.97 20.67
N ALA H 106 19.81 -4.24 19.77
CA ALA H 106 20.75 -3.25 19.29
C ALA H 106 20.25 -2.51 18.04
N ALA H 107 19.08 -2.87 17.52
CA ALA H 107 18.56 -2.22 16.33
C ALA H 107 18.29 -0.74 16.61
N ARG H 108 18.77 0.11 15.71
CA ARG H 108 18.67 1.56 15.92
C ARG H 108 17.30 2.11 15.56
N ASP H 109 16.60 1.48 14.63
CA ASP H 109 15.28 1.96 14.22
C ASP H 109 14.23 1.79 15.30
N GLU H 110 14.51 0.99 16.33
CA GLU H 110 13.55 0.72 17.40
C GLU H 110 13.58 1.79 18.49
N TYR H 111 14.67 2.52 18.63
CA TYR H 111 14.86 3.49 19.70
C TYR H 111 14.46 4.89 19.25
N ASP H 112 14.18 5.73 20.25
CA ASP H 112 13.92 7.14 20.02
C ASP H 112 15.25 7.89 20.03
N ASP H 113 15.19 9.22 20.00
CA ASP H 113 16.40 10.03 20.08
C ASP H 113 16.96 10.01 21.49
N CYS H 114 18.29 10.00 21.58
CA CYS H 114 18.93 10.16 22.88
C CYS H 114 18.70 11.56 23.42
N GLY H 115 18.85 11.70 24.73
CA GLY H 115 18.86 13.00 25.37
C GLY H 115 20.22 13.65 25.20
N GLN H 116 20.62 14.42 26.20
CA GLN H 116 21.96 14.99 26.25
C GLN H 116 22.82 14.13 27.16
N GLY H 117 23.84 13.51 26.59
CA GLY H 117 24.60 12.49 27.29
C GLY H 117 25.56 13.06 28.31
N THR H 118 26.22 12.15 29.00
CA THR H 118 27.22 12.49 30.01
C THR H 118 28.58 11.93 29.61
N GLN H 119 29.61 12.75 29.79
CA GLN H 119 30.96 12.34 29.44
C GLN H 119 31.59 11.53 30.57
N VAL H 120 32.19 10.39 30.21
CA VAL H 120 33.05 9.63 31.10
C VAL H 120 34.43 9.57 30.46
N THR H 121 35.45 9.69 31.28
CA THR H 121 36.84 9.74 30.83
C THR H 121 37.66 8.76 31.65
N VAL H 122 38.46 7.94 30.97
CA VAL H 122 39.28 6.95 31.64
C VAL H 122 40.75 7.19 31.31
N ALA I 1 25.02 -14.78 12.90
CA ALA I 1 23.92 -15.12 13.79
C ALA I 1 23.66 -14.02 14.79
N VAL I 2 22.82 -13.06 14.41
CA VAL I 2 22.42 -11.94 15.26
C VAL I 2 23.65 -11.11 15.63
N GLN I 3 24.55 -11.67 16.42
CA GLN I 3 25.76 -10.97 16.83
C GLN I 3 26.97 -11.64 16.20
N LEU I 4 27.73 -10.87 15.43
CA LEU I 4 28.95 -11.35 14.80
C LEU I 4 30.12 -10.52 15.31
N GLN I 5 31.20 -11.20 15.72
CA GLN I 5 32.37 -10.53 16.26
C GLN I 5 33.61 -10.91 15.47
N ALA I 6 34.32 -9.89 14.97
CA ALA I 6 35.58 -10.11 14.29
C ALA I 6 36.73 -10.22 15.30
N SER I 7 37.77 -10.92 14.89
CA SER I 7 38.96 -11.11 15.73
C SER I 7 40.10 -11.57 14.82
N GLY I 8 41.30 -11.58 15.40
CA GLY I 8 42.47 -12.02 14.67
C GLY I 8 43.26 -10.94 13.99
N GLY I 9 42.88 -9.68 14.14
CA GLY I 9 43.63 -8.59 13.55
C GLY I 9 44.94 -8.35 14.26
N GLY I 10 45.79 -7.57 13.62
CA GLY I 10 47.10 -7.24 14.17
C GLY I 10 47.94 -6.39 13.24
N LEU I 11 49.26 -6.47 13.39
CA LEU I 11 50.19 -5.75 12.53
C LEU I 11 51.00 -6.75 11.73
N VAL I 12 51.03 -6.57 10.41
CA VAL I 12 51.76 -7.44 9.51
C VAL I 12 52.57 -6.60 8.54
N GLN I 13 53.51 -7.23 7.87
CA GLN I 13 54.32 -6.59 6.84
C GLN I 13 53.74 -6.90 5.47
N ALA I 14 54.09 -6.05 4.51
CA ALA I 14 53.58 -6.20 3.15
C ALA I 14 53.99 -7.56 2.57
N GLY I 15 53.05 -8.22 1.91
CA GLY I 15 53.29 -9.54 1.35
C GLY I 15 52.98 -10.70 2.28
N ASP I 16 52.62 -10.45 3.52
CA ASP I 16 52.33 -11.50 4.48
C ASP I 16 50.87 -11.94 4.37
N SER I 17 50.56 -13.03 5.07
CA SER I 17 49.22 -13.58 5.10
C SER I 17 48.59 -13.37 6.47
N LEU I 18 47.27 -13.26 6.49
CA LEU I 18 46.55 -13.00 7.73
C LEU I 18 45.16 -13.60 7.67
N ARG I 19 44.74 -14.27 8.74
CA ARG I 19 43.42 -14.88 8.82
C ARG I 19 42.59 -14.14 9.85
N LEU I 20 41.42 -13.66 9.44
CA LEU I 20 40.48 -12.99 10.33
C LEU I 20 39.33 -13.94 10.63
N SER I 21 38.94 -14.00 11.90
CA SER I 21 37.84 -14.85 12.34
C SER I 21 36.62 -14.01 12.66
N CYS I 22 35.45 -14.60 12.49
CA CYS I 22 34.19 -13.96 12.83
C CYS I 22 33.32 -14.99 13.54
N ALA I 23 33.19 -14.84 14.85
CA ALA I 23 32.41 -15.76 15.66
C ALA I 23 30.97 -15.29 15.78
N ALA I 24 30.04 -16.25 15.82
CA ALA I 24 28.62 -15.94 15.93
C ALA I 24 28.12 -16.20 17.34
N SER I 25 27.16 -15.37 17.76
CA SER I 25 26.50 -15.54 19.06
C SER I 25 25.15 -14.84 19.01
N GLY I 26 24.15 -15.48 19.61
CA GLY I 26 22.80 -14.95 19.65
C GLY I 26 21.82 -15.54 18.68
N GLY I 27 22.20 -16.58 17.96
CA GLY I 27 21.29 -17.17 16.99
C GLY I 27 21.94 -18.34 16.28
N THR I 28 21.26 -18.81 15.23
CA THR I 28 21.74 -19.93 14.44
C THR I 28 22.64 -19.41 13.33
N PHE I 29 23.91 -19.84 13.33
CA PHE I 29 24.88 -19.32 12.37
C PHE I 29 24.54 -19.72 10.94
N SER I 30 23.95 -20.90 10.74
CA SER I 30 23.66 -21.38 9.40
C SER I 30 22.53 -20.61 8.71
N HIS I 31 21.81 -19.76 9.44
CA HIS I 31 20.71 -18.98 8.88
C HIS I 31 21.14 -17.61 8.40
N TYR I 32 22.43 -17.29 8.45
CA TYR I 32 22.90 -15.94 8.19
C TYR I 32 24.09 -15.94 7.24
N ALA I 33 24.08 -15.01 6.30
CA ALA I 33 25.25 -14.75 5.48
C ALA I 33 26.19 -13.80 6.22
N VAL I 34 27.48 -13.91 5.91
CA VAL I 34 28.52 -13.15 6.59
C VAL I 34 29.14 -12.19 5.58
N GLY I 35 29.15 -10.91 5.90
CA GLY I 35 29.78 -9.90 5.06
C GLY I 35 30.90 -9.20 5.81
N TRP I 36 31.98 -8.90 5.09
CA TRP I 36 33.14 -8.22 5.65
C TRP I 36 33.22 -6.81 5.09
N PHE I 37 33.55 -5.85 5.97
CA PHE I 37 33.64 -4.47 5.54
C PHE I 37 34.89 -3.82 6.14
N ARG I 38 35.44 -2.86 5.41
CA ARG I 38 36.64 -2.13 5.79
C ARG I 38 36.26 -0.68 6.07
N GLN I 39 36.72 -0.15 7.21
CA GLN I 39 36.35 1.21 7.57
C GLN I 39 37.39 2.25 7.17
N ALA I 40 38.68 1.97 7.41
CA ALA I 40 39.81 2.84 7.12
C ALA I 40 39.80 4.08 8.01
N PRO I 41 40.97 4.59 8.40
CA PRO I 41 41.01 5.74 9.32
C PRO I 41 40.25 6.97 8.83
N GLY I 42 40.29 7.26 7.53
CA GLY I 42 39.69 8.48 7.03
C GLY I 42 38.69 8.29 5.91
N LYS I 43 38.53 7.07 5.44
CA LYS I 43 37.63 6.78 4.33
C LYS I 43 36.31 6.20 4.86
N GLU I 44 35.38 5.98 3.95
CA GLU I 44 34.08 5.41 4.28
C GLU I 44 34.16 3.88 4.29
N ARG I 45 33.15 3.26 4.88
CA ARG I 45 33.08 1.81 4.92
C ARG I 45 32.86 1.25 3.52
N GLU I 46 33.61 0.22 3.18
CA GLU I 46 33.56 -0.39 1.86
C GLU I 46 33.47 -1.91 1.99
N PHE I 47 32.73 -2.51 1.07
CA PHE I 47 32.58 -3.97 1.04
C PHE I 47 33.92 -4.63 0.74
N VAL I 48 34.16 -5.79 1.35
CA VAL I 48 35.41 -6.51 1.15
C VAL I 48 35.11 -7.90 0.59
N ALA I 49 34.37 -8.69 1.36
CA ALA I 49 34.05 -10.06 0.95
C ALA I 49 32.76 -10.48 1.63
N ALA I 50 32.12 -11.50 1.05
CA ALA I 50 30.88 -12.04 1.60
C ALA I 50 30.79 -13.52 1.28
N ILE I 51 30.02 -14.22 2.10
CA ILE I 51 29.71 -15.63 1.89
C ILE I 51 28.25 -15.84 2.21
N SER I 52 27.56 -16.62 1.38
CA SER I 52 26.14 -16.85 1.57
C SER I 52 25.91 -17.76 2.78
N TRP I 53 24.64 -17.85 3.19
CA TRP I 53 24.30 -18.63 4.36
C TRP I 53 24.66 -20.10 4.19
N SER I 54 24.57 -20.61 2.97
CA SER I 54 24.96 -21.98 2.67
C SER I 54 26.43 -22.11 2.26
N GLY I 55 27.13 -21.00 2.08
CA GLY I 55 28.50 -21.04 1.62
C GLY I 55 28.66 -21.30 0.14
N ARG I 56 27.57 -21.35 -0.62
CA ARG I 56 27.63 -21.65 -2.05
C ARG I 56 27.84 -20.43 -2.92
N SER I 57 27.74 -19.22 -2.36
CA SER I 57 27.91 -17.98 -3.11
C SER I 57 28.86 -17.08 -2.35
N THR I 58 29.84 -16.52 -3.06
CA THR I 58 30.81 -15.61 -2.48
C THR I 58 30.97 -14.40 -3.37
N SER I 59 31.18 -13.24 -2.76
CA SER I 59 31.42 -11.99 -3.47
C SER I 59 32.65 -11.33 -2.90
N PHE I 60 33.47 -10.76 -3.77
CA PHE I 60 34.70 -10.09 -3.36
C PHE I 60 34.81 -8.74 -4.04
N ALA I 61 35.39 -7.78 -3.32
CA ALA I 61 35.79 -6.54 -3.95
C ALA I 61 36.95 -6.80 -4.92
N ASN I 62 37.01 -5.99 -5.97
CA ASN I 62 37.98 -6.25 -7.03
C ASN I 62 39.42 -6.12 -6.54
N SER I 63 39.66 -5.24 -5.56
CA SER I 63 41.01 -5.10 -5.03
C SER I 63 41.49 -6.37 -4.34
N VAL I 64 40.57 -7.13 -3.76
CA VAL I 64 40.88 -8.34 -3.02
C VAL I 64 40.41 -9.60 -3.73
N LYS I 65 40.08 -9.50 -5.02
CA LYS I 65 39.49 -10.63 -5.73
C LYS I 65 40.40 -11.85 -5.72
N GLY I 66 41.65 -11.68 -6.11
CA GLY I 66 42.59 -12.78 -6.18
C GLY I 66 43.42 -13.02 -4.96
N ARG I 67 43.27 -12.20 -3.92
CA ARG I 67 44.11 -12.29 -2.73
C ARG I 67 43.36 -12.72 -1.48
N PHE I 68 42.09 -12.35 -1.33
CA PHE I 68 41.32 -12.75 -0.17
C PHE I 68 40.38 -13.90 -0.53
N THR I 69 40.26 -14.85 0.40
CA THR I 69 39.31 -15.93 0.30
C THR I 69 38.40 -15.89 1.53
N ILE I 70 37.19 -16.42 1.38
CA ILE I 70 36.24 -16.45 2.48
C ILE I 70 35.74 -17.88 2.64
N SER I 71 35.52 -18.28 3.89
CA SER I 71 35.07 -19.64 4.17
C SER I 71 34.18 -19.62 5.40
N ARG I 72 33.39 -20.68 5.54
CA ARG I 72 32.48 -20.87 6.66
C ARG I 72 32.78 -22.19 7.35
N ASP I 73 32.53 -22.23 8.66
CA ASP I 73 32.57 -23.50 9.39
C ASP I 73 31.49 -23.44 10.47
N SER I 74 30.48 -24.29 10.33
CA SER I 74 29.34 -24.29 11.23
C SER I 74 29.65 -24.95 12.57
N ALA I 75 30.68 -25.81 12.61
CA ALA I 75 31.01 -26.49 13.87
C ALA I 75 31.39 -25.49 14.95
N LYS I 76 32.23 -24.52 14.62
CA LYS I 76 32.63 -23.49 15.56
C LYS I 76 31.84 -22.21 15.41
N ASN I 77 30.84 -22.19 14.53
CA ASN I 77 30.02 -21.00 14.26
C ASN I 77 30.90 -19.83 13.86
N THR I 78 31.77 -20.06 12.87
CA THR I 78 32.78 -19.08 12.52
C THR I 78 32.84 -18.88 11.02
N ALA I 79 33.21 -17.67 10.63
CA ALA I 79 33.50 -17.32 9.25
C ALA I 79 34.92 -16.79 9.17
N TYR I 80 35.71 -17.34 8.26
CA TYR I 80 37.13 -17.00 8.16
C TYR I 80 37.40 -16.25 6.87
N LEU I 81 38.05 -15.09 7.00
CA LEU I 81 38.54 -14.31 5.87
C LEU I 81 40.05 -14.52 5.82
N GLN I 82 40.50 -15.37 4.89
CA GLN I 82 41.91 -15.61 4.68
C GLN I 82 42.48 -14.56 3.72
N MET I 83 43.69 -14.11 4.00
CA MET I 83 44.30 -13.00 3.30
C MET I 83 45.69 -13.43 2.84
N ASN I 84 45.91 -13.44 1.52
CA ASN I 84 47.23 -13.68 0.96
C ASN I 84 48.04 -12.39 1.08
N ASN I 85 49.10 -12.27 0.28
CA ASN I 85 50.03 -11.14 0.39
C ASN I 85 49.28 -9.82 0.48
N LEU I 86 49.43 -9.13 1.61
CA LEU I 86 48.72 -7.91 1.89
C LEU I 86 49.49 -6.70 1.37
N LYS I 87 48.78 -5.59 1.22
CA LYS I 87 49.33 -4.35 0.71
C LYS I 87 49.00 -3.21 1.67
N PRO I 88 49.82 -2.16 1.68
CA PRO I 88 49.52 -0.99 2.52
C PRO I 88 48.09 -0.49 2.41
N GLU I 89 47.43 -0.70 1.26
CA GLU I 89 46.04 -0.29 1.12
C GLU I 89 45.09 -1.14 1.97
N ASP I 90 45.52 -2.32 2.39
CA ASP I 90 44.72 -3.16 3.28
C ASP I 90 45.04 -2.89 4.75
N THR I 91 45.02 -1.63 5.13
CA THR I 91 45.26 -1.19 6.51
C THR I 91 44.02 -0.47 6.98
N ALA I 92 43.24 -1.11 7.86
CA ALA I 92 41.94 -0.58 8.25
C ALA I 92 41.37 -1.47 9.35
N VAL I 93 40.21 -1.08 9.84
CA VAL I 93 39.45 -1.87 10.79
C VAL I 93 38.38 -2.64 10.02
N TYR I 94 38.36 -3.96 10.20
CA TYR I 94 37.42 -4.85 9.53
C TYR I 94 36.28 -5.19 10.46
N CYS I 95 35.06 -5.04 9.97
CA CYS I 95 33.86 -5.41 10.70
C CYS I 95 33.14 -6.54 9.99
N CYS I 96 32.41 -7.33 10.77
CA CYS I 96 31.69 -8.50 10.30
C CYS I 96 30.21 -8.30 10.55
N ALA I 97 29.40 -8.50 9.51
CA ALA I 97 27.98 -8.22 9.60
C ALA I 97 27.17 -9.43 9.14
N PRO I 98 26.04 -9.70 9.81
CA PRO I 98 25.17 -10.80 9.40
C PRO I 98 24.06 -10.36 8.47
N ALA I 99 23.63 -11.28 7.61
CA ALA I 99 22.49 -11.09 6.72
C ALA I 99 21.59 -12.30 6.84
N ARG I 100 20.34 -12.09 7.24
CA ARG I 100 19.42 -13.20 7.46
C ARG I 100 19.17 -13.94 6.15
N PHE I 101 19.74 -15.14 6.02
CA PHE I 101 19.65 -15.95 4.82
C PHE I 101 20.08 -15.16 3.59
N GLY I 102 21.14 -14.37 3.75
CA GLY I 102 21.62 -13.54 2.66
C GLY I 102 22.24 -14.36 1.55
N THR I 103 22.30 -13.75 0.38
CA THR I 103 22.80 -14.40 -0.83
C THR I 103 24.31 -14.29 -0.97
N GLY I 104 24.99 -13.64 -0.03
CA GLY I 104 26.41 -13.42 -0.17
C GLY I 104 26.77 -12.28 -1.10
N SER I 105 25.89 -11.29 -1.23
CA SER I 105 26.08 -10.18 -2.14
C SER I 105 26.70 -8.99 -1.42
N ALA I 106 27.02 -7.95 -2.19
CA ALA I 106 27.63 -6.74 -1.67
C ALA I 106 26.63 -5.66 -1.33
N ALA I 107 25.33 -5.95 -1.43
CA ALA I 107 24.31 -4.95 -1.14
C ALA I 107 24.24 -4.67 0.35
N ARG I 108 24.27 -3.38 0.71
CA ARG I 108 24.28 -2.98 2.11
C ARG I 108 22.91 -3.09 2.76
N ASP I 109 21.83 -3.02 1.98
CA ASP I 109 20.48 -3.09 2.51
C ASP I 109 20.09 -4.50 2.94
N GLU I 110 21.01 -5.45 2.88
CA GLU I 110 20.74 -6.84 3.22
C GLU I 110 21.41 -7.27 4.51
N TYR I 111 22.45 -6.58 4.95
CA TYR I 111 23.19 -6.93 6.15
C TYR I 111 22.67 -6.13 7.35
N ASP I 112 22.93 -6.67 8.54
CA ASP I 112 22.69 -5.94 9.76
C ASP I 112 23.90 -5.07 10.09
N ASP I 113 23.87 -4.41 11.24
CA ASP I 113 24.98 -3.58 11.66
C ASP I 113 26.19 -4.44 12.00
N CYS I 114 27.38 -3.93 11.69
CA CYS I 114 28.61 -4.58 12.09
C CYS I 114 28.77 -4.54 13.61
N GLY I 115 29.64 -5.40 14.11
CA GLY I 115 30.06 -5.34 15.50
C GLY I 115 31.11 -4.27 15.68
N GLN I 116 32.05 -4.52 16.59
CA GLN I 116 33.20 -3.66 16.79
C GLN I 116 34.39 -4.32 16.09
N GLY I 117 34.85 -3.71 15.01
CA GLY I 117 35.82 -4.34 14.15
C GLY I 117 37.20 -4.44 14.77
N THR I 118 38.08 -5.13 14.05
CA THR I 118 39.46 -5.32 14.46
C THR I 118 40.40 -4.64 13.47
N GLN I 119 41.38 -3.93 14.00
CA GLN I 119 42.33 -3.20 13.17
C GLN I 119 43.43 -4.13 12.67
N VAL I 120 43.71 -4.05 11.37
CA VAL I 120 44.87 -4.67 10.77
C VAL I 120 45.70 -3.57 10.12
N THR I 121 47.02 -3.68 10.24
CA THR I 121 47.95 -2.67 9.76
C THR I 121 49.03 -3.36 8.94
N VAL I 122 49.29 -2.83 7.75
CA VAL I 122 50.33 -3.38 6.88
C VAL I 122 51.37 -2.33 6.56
N ALA J 1 27.41 -4.75 -15.43
CA ALA J 1 26.92 -6.09 -15.14
C ALA J 1 27.28 -6.52 -13.73
N VAL J 2 26.40 -6.21 -12.78
CA VAL J 2 26.56 -6.57 -11.38
C VAL J 2 27.83 -5.93 -10.81
N GLN J 3 28.99 -6.38 -11.28
CA GLN J 3 30.27 -5.83 -10.82
C GLN J 3 30.93 -5.07 -11.96
N LEU J 4 31.17 -3.78 -11.74
CA LEU J 4 31.86 -2.93 -12.70
C LEU J 4 33.15 -2.43 -12.08
N GLN J 5 34.26 -2.56 -12.81
CA GLN J 5 35.56 -2.13 -12.31
C GLN J 5 36.21 -1.14 -13.26
N ALA J 6 36.61 0.00 -12.73
CA ALA J 6 37.30 1.02 -13.50
C ALA J 6 38.79 0.74 -13.55
N SER J 7 39.44 1.26 -14.58
CA SER J 7 40.88 1.11 -14.79
C SER J 7 41.32 2.14 -15.81
N GLY J 8 42.64 2.27 -15.94
CA GLY J 8 43.21 3.17 -16.91
C GLY J 8 43.57 4.55 -16.41
N GLY J 9 43.53 4.78 -15.10
CA GLY J 9 43.90 6.06 -14.55
C GLY J 9 45.41 6.27 -14.52
N GLY J 10 45.80 7.39 -13.96
CA GLY J 10 47.20 7.74 -13.85
C GLY J 10 47.36 9.24 -13.72
N LEU J 11 48.58 9.71 -13.97
CA LEU J 11 48.92 11.12 -13.90
C LEU J 11 49.13 11.66 -15.31
N VAL J 12 48.46 12.76 -15.62
CA VAL J 12 48.55 13.41 -16.93
C VAL J 12 48.76 14.90 -16.72
N GLN J 13 49.19 15.57 -17.78
CA GLN J 13 49.36 17.02 -17.78
C GLN J 13 48.12 17.68 -18.35
N ALA J 14 47.97 18.96 -18.01
CA ALA J 14 46.81 19.72 -18.47
C ALA J 14 46.76 19.78 -19.99
N GLY J 15 45.56 19.58 -20.55
CA GLY J 15 45.39 19.57 -21.98
C GLY J 15 45.58 18.23 -22.65
N ASP J 16 45.99 17.20 -21.90
CA ASP J 16 46.22 15.88 -22.47
C ASP J 16 44.91 15.09 -22.52
N SER J 17 44.98 13.93 -23.16
CA SER J 17 43.84 13.03 -23.30
C SER J 17 44.05 11.79 -22.45
N LEU J 18 42.94 11.21 -21.99
CA LEU J 18 43.00 10.03 -21.13
C LEU J 18 41.78 9.17 -21.36
N ARG J 19 41.99 7.86 -21.51
CA ARG J 19 40.90 6.91 -21.72
C ARG J 19 40.75 6.04 -20.48
N LEU J 20 39.55 6.00 -19.93
CA LEU J 20 39.23 5.17 -18.78
C LEU J 20 38.36 3.99 -19.22
N SER J 21 38.62 2.83 -18.65
CA SER J 21 37.91 1.61 -19.00
C SER J 21 37.10 1.14 -17.82
N CYS J 22 35.97 0.49 -18.11
CA CYS J 22 35.10 -0.10 -17.10
C CYS J 22 34.73 -1.50 -17.57
N ALA J 23 35.32 -2.51 -16.93
CA ALA J 23 35.07 -3.90 -17.28
C ALA J 23 33.94 -4.46 -16.43
N ALA J 24 33.13 -5.32 -17.05
CA ALA J 24 32.00 -5.94 -16.37
C ALA J 24 32.32 -7.38 -15.98
N SER J 25 31.76 -7.80 -14.84
CA SER J 25 31.87 -9.16 -14.38
C SER J 25 30.73 -9.46 -13.43
N GLY J 26 30.17 -10.67 -13.53
CA GLY J 26 29.09 -11.10 -12.70
C GLY J 26 27.71 -11.04 -13.31
N GLY J 27 27.60 -10.75 -14.60
CA GLY J 27 26.29 -10.68 -15.22
C GLY J 27 26.41 -10.34 -16.70
N THR J 28 25.27 -10.04 -17.30
CA THR J 28 25.20 -9.68 -18.71
C THR J 28 25.39 -8.18 -18.85
N PHE J 29 26.47 -7.78 -19.55
CA PHE J 29 26.80 -6.37 -19.65
C PHE J 29 25.78 -5.59 -20.46
N SER J 30 25.09 -6.24 -21.41
CA SER J 30 24.13 -5.53 -22.24
C SER J 30 22.85 -5.18 -21.50
N HIS J 31 22.65 -5.68 -20.29
CA HIS J 31 21.45 -5.42 -19.51
C HIS J 31 21.61 -4.25 -18.55
N TYR J 32 22.75 -3.56 -18.56
CA TYR J 32 23.06 -2.57 -17.54
C TYR J 32 23.56 -1.29 -18.17
N ALA J 33 23.08 -0.16 -17.64
CA ALA J 33 23.66 1.13 -17.98
C ALA J 33 24.88 1.40 -17.12
N VAL J 34 25.80 2.20 -17.65
CA VAL J 34 27.07 2.48 -16.99
C VAL J 34 27.13 3.96 -16.67
N GLY J 35 27.37 4.29 -15.40
CA GLY J 35 27.51 5.66 -14.96
C GLY J 35 28.89 5.90 -14.36
N TRP J 36 29.42 7.09 -14.60
CA TRP J 36 30.74 7.48 -14.11
C TRP J 36 30.60 8.56 -13.05
N PHE J 37 31.41 8.48 -12.00
CA PHE J 37 31.35 9.45 -10.92
C PHE J 37 32.75 9.83 -10.48
N ARG J 38 32.92 11.07 -10.06
CA ARG J 38 34.14 11.54 -9.44
C ARG J 38 33.95 11.64 -7.94
N GLN J 39 35.00 11.35 -7.18
CA GLN J 39 34.94 11.49 -5.73
C GLN J 39 35.53 12.81 -5.25
N ALA J 40 36.56 13.34 -5.93
CA ALA J 40 37.12 14.65 -5.61
C ALA J 40 37.50 14.75 -4.13
N PRO J 41 38.63 14.13 -3.73
CA PRO J 41 38.90 13.82 -2.31
C PRO J 41 38.33 14.78 -1.28
N GLY J 42 38.46 16.09 -1.50
CA GLY J 42 37.90 17.04 -0.58
C GLY J 42 36.42 17.34 -0.76
N LYS J 43 35.80 16.78 -1.79
CA LYS J 43 34.42 17.08 -2.14
C LYS J 43 33.58 15.80 -2.08
N GLU J 44 32.31 15.93 -2.47
CA GLU J 44 31.39 14.81 -2.52
C GLU J 44 31.41 14.17 -3.91
N ARG J 45 30.82 12.98 -4.00
CA ARG J 45 30.73 12.30 -5.29
C ARG J 45 29.80 13.05 -6.23
N GLU J 46 30.23 13.18 -7.47
CA GLU J 46 29.50 13.94 -8.48
C GLU J 46 29.40 13.13 -9.77
N PHE J 47 28.27 13.25 -10.44
CA PHE J 47 28.04 12.59 -11.72
C PHE J 47 28.96 13.17 -12.79
N VAL J 48 29.39 12.31 -13.72
CA VAL J 48 30.29 12.71 -14.79
C VAL J 48 29.67 12.42 -16.14
N ALA J 49 29.42 11.14 -16.41
CA ALA J 49 28.88 10.71 -17.69
C ALA J 49 28.11 9.43 -17.50
N ALA J 50 27.23 9.13 -18.46
CA ALA J 50 26.43 7.92 -18.41
C ALA J 50 26.16 7.45 -19.83
N ILE J 51 25.99 6.13 -19.95
CA ILE J 51 25.58 5.49 -21.20
C ILE J 51 24.45 4.53 -20.88
N SER J 52 23.44 4.51 -21.74
CA SER J 52 22.30 3.64 -21.53
C SER J 52 22.69 2.20 -21.85
N TRP J 53 21.80 1.26 -21.46
CA TRP J 53 22.08 -0.15 -21.68
C TRP J 53 22.23 -0.47 -23.16
N SER J 54 21.50 0.24 -24.02
CA SER J 54 21.62 0.08 -25.46
C SER J 54 22.64 1.03 -26.08
N GLY J 55 23.17 1.97 -25.31
CA GLY J 55 24.09 2.95 -25.84
C GLY J 55 23.44 4.07 -26.63
N ARG J 56 22.12 4.13 -26.66
CA ARG J 56 21.40 5.14 -27.43
C ARG J 56 21.18 6.44 -26.67
N SER J 57 21.42 6.46 -25.37
CA SER J 57 21.22 7.65 -24.55
C SER J 57 22.48 7.91 -23.73
N THR J 58 22.96 9.15 -23.76
CA THR J 58 24.12 9.56 -23.00
C THR J 58 23.79 10.82 -22.22
N SER J 59 24.37 10.93 -21.02
CA SER J 59 24.23 12.11 -20.19
C SER J 59 25.61 12.54 -19.72
N PHE J 60 25.85 13.85 -19.69
CA PHE J 60 27.13 14.40 -19.29
C PHE J 60 26.92 15.56 -18.31
N ALA J 61 27.84 15.68 -17.38
CA ALA J 61 27.92 16.89 -16.57
C ALA J 61 28.37 18.06 -17.44
N ASN J 62 27.96 19.27 -17.05
CA ASN J 62 28.23 20.43 -17.90
C ASN J 62 29.72 20.70 -18.04
N SER J 63 30.49 20.46 -16.97
CA SER J 63 31.92 20.72 -17.04
C SER J 63 32.61 19.85 -18.08
N VAL J 64 32.12 18.63 -18.27
CA VAL J 64 32.72 17.66 -19.19
C VAL J 64 31.86 17.47 -20.43
N LYS J 65 30.92 18.38 -20.69
CA LYS J 65 29.96 18.19 -21.78
C LYS J 65 30.66 18.10 -23.13
N GLY J 66 31.61 18.99 -23.39
CA GLY J 66 32.25 19.03 -24.68
C GLY J 66 33.61 18.36 -24.73
N ARG J 67 34.09 17.89 -23.58
CA ARG J 67 35.42 17.31 -23.48
C ARG J 67 35.43 15.81 -23.24
N PHE J 68 34.43 15.26 -22.55
CA PHE J 68 34.37 13.82 -22.32
C PHE J 68 33.35 13.19 -23.25
N THR J 69 33.69 11.99 -23.74
CA THR J 69 32.78 11.16 -24.52
C THR J 69 32.67 9.81 -23.84
N ILE J 70 31.53 9.15 -24.04
CA ILE J 70 31.29 7.84 -23.45
C ILE J 70 30.89 6.88 -24.56
N SER J 71 31.34 5.63 -24.44
CA SER J 71 31.05 4.62 -25.44
C SER J 71 30.95 3.26 -24.77
N ARG J 72 30.29 2.33 -25.47
CA ARG J 72 30.11 0.97 -25.02
C ARG J 72 30.70 0.00 -26.02
N ASP J 73 31.12 -1.16 -25.54
CA ASP J 73 31.57 -2.22 -26.43
C ASP J 73 31.24 -3.54 -25.74
N SER J 74 30.24 -4.25 -26.27
CA SER J 74 29.76 -5.48 -25.67
C SER J 74 30.66 -6.68 -25.94
N ALA J 75 31.51 -6.60 -26.97
CA ALA J 75 32.41 -7.71 -27.26
C ALA J 75 33.36 -7.97 -26.10
N LYS J 76 33.93 -6.90 -25.53
CA LYS J 76 34.82 -7.02 -24.39
C LYS J 76 34.13 -6.71 -23.07
N ASN J 77 32.82 -6.49 -23.08
CA ASN J 77 32.05 -6.14 -21.88
C ASN J 77 32.66 -4.93 -21.18
N THR J 78 32.84 -3.85 -21.95
CA THR J 78 33.57 -2.70 -21.45
C THR J 78 32.85 -1.42 -21.81
N ALA J 79 33.01 -0.42 -20.95
CA ALA J 79 32.54 0.94 -21.18
C ALA J 79 33.73 1.88 -21.13
N TYR J 80 33.88 2.71 -22.16
CA TYR J 80 35.02 3.59 -22.29
C TYR J 80 34.62 5.04 -22.08
N LEU J 81 35.31 5.72 -21.18
CA LEU J 81 35.17 7.16 -20.97
C LEU J 81 36.41 7.82 -21.56
N GLN J 82 36.26 8.40 -22.74
CA GLN J 82 37.34 9.12 -23.39
C GLN J 82 37.35 10.57 -22.91
N MET J 83 38.54 11.11 -22.71
CA MET J 83 38.72 12.43 -22.13
C MET J 83 39.65 13.22 -23.04
N ASN J 84 39.15 14.30 -23.63
CA ASN J 84 40.00 15.22 -24.37
C ASN J 84 40.74 16.09 -23.36
N ASN J 85 41.23 17.25 -23.80
CA ASN J 85 42.06 18.12 -22.98
C ASN J 85 41.50 18.23 -21.56
N LEU J 86 42.35 17.91 -20.59
CA LEU J 86 41.96 17.83 -19.19
C LEU J 86 42.38 19.09 -18.45
N LYS J 87 41.76 19.30 -17.30
CA LYS J 87 41.99 20.48 -16.46
C LYS J 87 42.26 20.04 -15.03
N PRO J 88 42.97 20.86 -14.27
CA PRO J 88 43.22 20.53 -12.85
C PRO J 88 41.96 20.18 -12.06
N GLU J 89 40.79 20.68 -12.48
CA GLU J 89 39.54 20.35 -11.81
C GLU J 89 39.09 18.91 -12.04
N ASP J 90 39.73 18.19 -12.97
CA ASP J 90 39.40 16.81 -13.24
C ASP J 90 40.20 15.83 -12.40
N THR J 91 41.08 16.32 -11.53
CA THR J 91 41.90 15.44 -10.69
C THR J 91 41.04 14.85 -9.59
N ALA J 92 40.81 13.54 -9.65
CA ALA J 92 39.93 12.86 -8.71
C ALA J 92 39.95 11.36 -8.96
N VAL J 93 39.28 10.59 -8.12
CA VAL J 93 39.12 9.16 -8.31
C VAL J 93 37.77 8.92 -8.96
N TYR J 94 37.79 8.24 -10.10
CA TYR J 94 36.59 7.93 -10.88
C TYR J 94 36.12 6.53 -10.56
N CYS J 95 34.84 6.40 -10.26
CA CYS J 95 34.19 5.12 -10.01
C CYS J 95 33.13 4.86 -11.08
N CYS J 96 32.85 3.59 -11.29
CA CYS J 96 31.95 3.11 -12.33
C CYS J 96 30.83 2.32 -11.69
N ALA J 97 29.58 2.65 -12.04
CA ALA J 97 28.43 2.03 -11.40
C ALA J 97 27.46 1.48 -12.44
N PRO J 98 26.87 0.33 -12.17
CA PRO J 98 25.86 -0.23 -13.08
C PRO J 98 24.44 0.16 -12.71
N ALA J 99 23.58 0.19 -13.72
CA ALA J 99 22.16 0.44 -13.55
C ALA J 99 21.40 -0.56 -14.42
N ARG J 100 20.58 -1.41 -13.78
CA ARG J 100 19.88 -2.45 -14.50
C ARG J 100 18.93 -1.86 -15.54
N PHE J 101 19.28 -2.00 -16.81
CA PHE J 101 18.51 -1.46 -17.93
C PHE J 101 18.23 0.03 -17.73
N GLY J 102 19.25 0.74 -17.25
CA GLY J 102 19.10 2.16 -17.00
C GLY J 102 19.03 2.96 -18.28
N THR J 103 18.53 4.19 -18.13
CA THR J 103 18.31 5.09 -19.25
C THR J 103 19.53 5.96 -19.55
N GLY J 104 20.64 5.74 -18.86
CA GLY J 104 21.80 6.59 -19.01
C GLY J 104 21.57 7.99 -18.47
N SER J 105 20.91 8.10 -17.32
CA SER J 105 20.59 9.38 -16.71
C SER J 105 21.55 9.66 -15.55
N ALA J 106 21.38 10.83 -14.94
CA ALA J 106 22.23 11.26 -13.84
C ALA J 106 21.59 11.00 -12.48
N ALA J 107 20.47 10.29 -12.43
CA ALA J 107 19.80 10.01 -11.16
C ALA J 107 20.57 8.96 -10.39
N ARG J 108 20.89 9.26 -9.13
CA ARG J 108 21.69 8.35 -8.33
C ARG J 108 20.91 7.13 -7.88
N ASP J 109 19.60 7.26 -7.71
CA ASP J 109 18.77 6.14 -7.25
C ASP J 109 18.68 5.02 -8.27
N GLU J 110 19.01 5.28 -9.53
CA GLU J 110 18.91 4.28 -10.58
C GLU J 110 20.14 3.37 -10.65
N TYR J 111 21.27 3.81 -10.10
CA TYR J 111 22.53 3.09 -10.20
C TYR J 111 22.77 2.23 -8.97
N ASP J 112 23.61 1.21 -9.15
CA ASP J 112 24.06 0.36 -8.05
C ASP J 112 25.26 1.02 -7.38
N ASP J 113 25.88 0.31 -6.44
CA ASP J 113 27.05 0.83 -5.76
C ASP J 113 28.25 0.88 -6.71
N CYS J 114 29.05 1.93 -6.58
CA CYS J 114 30.28 2.03 -7.34
C CYS J 114 31.30 0.99 -6.86
N GLY J 115 32.24 0.67 -7.74
CA GLY J 115 33.37 -0.16 -7.39
C GLY J 115 34.43 0.64 -6.66
N GLN J 116 35.67 0.15 -6.74
CA GLN J 116 36.81 0.86 -6.19
C GLN J 116 37.45 1.66 -7.30
N GLY J 117 37.28 2.97 -7.27
CA GLY J 117 37.64 3.81 -8.38
C GLY J 117 39.14 3.92 -8.60
N THR J 118 39.48 4.55 -9.72
CA THR J 118 40.87 4.77 -10.10
C THR J 118 41.18 6.26 -10.07
N GLN J 119 42.33 6.61 -9.51
CA GLN J 119 42.72 8.01 -9.38
C GLN J 119 43.34 8.51 -10.68
N VAL J 120 42.88 9.67 -11.15
CA VAL J 120 43.51 10.41 -12.22
C VAL J 120 43.92 11.76 -11.65
N THR J 121 45.09 12.24 -12.06
CA THR J 121 45.65 13.49 -11.56
C THR J 121 46.12 14.33 -12.73
N VAL J 122 45.73 15.60 -12.74
CA VAL J 122 46.09 16.51 -13.82
C VAL J 122 46.89 17.69 -13.28
C1 NAG K . -3.20 14.91 -28.38
C2 NAG K . -2.66 15.62 -29.61
C3 NAG K . -3.45 16.91 -29.87
C4 NAG K . -4.95 16.62 -29.91
C5 NAG K . -5.38 15.80 -28.69
C6 NAG K . -6.81 15.33 -28.77
C7 NAG K . -0.30 15.29 -30.18
C8 NAG K . 1.11 15.71 -29.91
N2 NAG K . -1.24 15.91 -29.48
O3 NAG K . -3.03 17.47 -31.10
O4 NAG K . -5.66 17.86 -29.84
O5 NAG K . -4.57 14.62 -28.56
O6 NAG K . -6.93 14.17 -29.58
O7 NAG K . -0.58 14.42 -31.01
C1 NAG K . -6.09 18.30 -31.16
C2 NAG K . -6.97 17.23 -31.82
C3 NAG K . -8.43 17.65 -31.83
C4 NAG K . -8.79 18.29 -30.50
C5 NAG K . -8.05 19.61 -30.36
C6 NAG K . -7.72 19.97 -28.93
C7 NAG K . -6.50 17.78 -34.19
C8 NAG K . -5.99 17.24 -35.49
N2 NAG K . -6.51 16.91 -33.17
O3 NAG K . -9.25 16.51 -32.06
O4 NAG K . -10.19 18.54 -30.45
O5 NAG K . -6.81 19.58 -31.10
O6 NAG K . -8.60 19.33 -28.03
O7 NAG K . -6.87 18.94 -34.07
C1 NAG L . -17.19 26.95 4.58
C2 NAG L . -17.32 28.47 4.71
C3 NAG L . -18.12 28.81 5.98
C4 NAG L . -19.43 28.05 6.02
C5 NAG L . -19.22 26.56 5.75
C6 NAG L . -20.51 25.80 5.60
C7 NAG L . -15.52 29.79 3.72
C8 NAG L . -16.38 29.88 2.49
N2 NAG L . -16.02 29.11 4.75
O3 NAG L . -18.35 30.21 6.01
O4 NAG L . -20.02 28.16 7.31
O5 NAG L . -18.48 26.37 4.55
O6 NAG L . -20.96 25.80 4.26
O7 NAG L . -14.41 30.32 3.77
C1 NAG L . -20.98 29.23 7.49
C2 NAG L . -21.97 29.33 6.31
C3 NAG L . -23.40 29.46 6.83
C4 NAG L . -23.75 28.24 7.65
C5 NAG L . -22.78 28.09 8.82
C6 NAG L . -22.14 26.73 8.90
C7 NAG L . -21.62 31.72 5.79
C8 NAG L . -21.25 32.69 4.71
N2 NAG L . -21.64 30.43 5.43
O3 NAG L . -24.28 29.60 5.73
O4 NAG L . -25.08 28.37 8.15
O5 NAG L . -21.73 29.07 8.76
O6 NAG L . -21.42 26.55 10.11
O7 NAG L . -21.88 32.09 6.93
C1 NAG M . -10.85 0.10 30.49
C2 NAG M . -10.89 0.72 31.88
C3 NAG M . -10.82 -0.37 32.95
C4 NAG M . -11.85 -1.46 32.71
C5 NAG M . -11.82 -1.93 31.25
C6 NAG M . -12.94 -2.86 30.88
C7 NAG M . -9.98 2.98 32.21
C8 NAG M . -11.40 3.46 32.20
N2 NAG M . -9.80 1.68 32.05
O3 NAG M . -11.03 0.21 34.23
O4 NAG M . -11.51 -2.54 33.57
O5 NAG M . -11.91 -0.81 30.36
O6 NAG M . -14.03 -2.15 30.31
O7 NAG M . -9.04 3.76 32.35
C1 NAG M . -12.57 -3.27 34.26
C2 NAG M . -13.89 -2.50 34.40
C3 NAG M . -14.99 -3.40 34.99
C4 NAG M . -15.10 -4.70 34.20
C5 NAG M . -13.74 -5.38 34.13
C6 NAG M . -13.74 -6.64 33.29
C7 NAG M . -13.37 -1.29 36.50
C8 NAG M . -13.27 0.07 37.14
N2 NAG M . -13.73 -1.29 35.20
O3 NAG M . -16.23 -2.71 34.98
O4 NAG M . -16.02 -5.57 34.83
O5 NAG M . -12.78 -4.49 33.53
O6 NAG M . -12.72 -6.60 32.30
O7 NAG M . -13.12 -2.32 37.12
C1 NAG N . 6.78 -28.70 13.26
C2 NAG N . 7.58 -29.59 14.20
C3 NAG N . 8.07 -30.83 13.45
C4 NAG N . 6.91 -31.54 12.75
C5 NAG N . 6.10 -30.55 11.92
C6 NAG N . 4.84 -31.16 11.36
C7 NAG N . 8.76 -28.48 16.04
C8 NAG N . 7.58 -28.83 16.90
N2 NAG N . 8.70 -28.86 14.77
O3 NAG N . 8.68 -31.72 14.38
O4 NAG N . 7.43 -32.50 11.84
O5 NAG N . 5.70 -29.43 12.73
O6 NAG N . 3.70 -30.87 12.18
O7 NAG N . 9.73 -27.87 16.50
C1 NAG N . 7.51 -33.86 12.33
C2 NAG N . 6.27 -34.26 13.14
C3 NAG N . 5.78 -35.63 12.71
C4 NAG N . 5.38 -35.60 11.24
C5 NAG N . 6.58 -35.17 10.39
C6 NAG N . 6.28 -34.00 9.48
C7 NAG N . 7.44 -35.00 15.19
C8 NAG N . 7.55 -34.82 16.67
N2 NAG N . 6.54 -34.24 14.57
O3 NAG N . 4.66 -36.01 13.50
O4 NAG N . 4.94 -36.88 10.82
O5 NAG N . 7.71 -34.82 11.20
O6 NAG N . 7.35 -33.76 8.58
O7 NAG N . 8.15 -35.80 14.58
C1 NAG O . 11.51 -19.43 -23.05
C2 NAG O . 12.65 -20.09 -23.82
C3 NAG O . 12.54 -19.74 -25.29
C4 NAG O . 11.15 -20.00 -25.85
C5 NAG O . 10.07 -19.44 -24.92
C6 NAG O . 8.68 -19.90 -25.30
C7 NAG O . 14.69 -20.50 -22.51
C8 NAG O . 14.13 -21.86 -22.22
N2 NAG O . 13.94 -19.70 -23.28
O3 NAG O . 13.52 -20.50 -26.02
O4 NAG O . 11.00 -19.32 -27.09
O5 NAG O . 10.28 -19.86 -23.56
O6 NAG O . 8.36 -21.15 -24.71
O7 NAG O . 15.78 -20.14 -22.07
C1 NAG O . 11.37 -20.04 -28.28
C2 NAG O . 10.80 -21.47 -28.34
C3 NAG O . 9.50 -21.52 -29.13
C4 NAG O . 8.73 -20.21 -28.96
C5 NAG O . 9.52 -19.09 -29.63
C6 NAG O . 9.20 -17.72 -29.07
C7 NAG O . 12.05 -23.61 -28.43
C8 NAG O . 11.28 -24.01 -27.21
N2 NAG O . 11.78 -22.39 -28.91
O3 NAG O . 8.71 -22.61 -28.70
O4 NAG O . 7.45 -20.32 -29.56
O5 NAG O . 10.93 -19.29 -29.47
O6 NAG O . 10.14 -16.75 -29.49
O7 NAG O . 12.88 -24.34 -28.96
C1 NAG P . -6.55 32.98 -13.82
C2 NAG P . -5.72 33.95 -14.67
C3 NAG P . -6.02 35.39 -14.26
C4 NAG P . -7.52 35.66 -14.29
C5 NAG P . -8.27 34.62 -13.47
C6 NAG P . -9.76 34.75 -13.57
C7 NAG P . -3.50 33.52 -15.62
C8 NAG P . -2.06 33.24 -15.32
N2 NAG P . -4.31 33.67 -14.56
O3 NAG P . -5.34 36.28 -15.14
O4 NAG P . -7.78 36.95 -13.76
O5 NAG P . -7.94 33.30 -13.93
O6 NAG P . -10.37 33.52 -13.94
O7 NAG P . -3.92 33.59 -16.76
C1 NAG Q . 11.22 19.99 -28.98
C2 NAG Q . 10.85 21.47 -28.98
C3 NAG Q . 11.36 22.15 -30.24
C4 NAG Q . 12.84 21.91 -30.43
C5 NAG Q . 13.14 20.41 -30.39
C6 NAG Q . 14.62 20.09 -30.45
C7 NAG Q . 8.86 22.47 -27.94
C8 NAG Q . 7.37 22.52 -27.94
N2 NAG Q . 9.42 21.65 -28.84
O3 NAG Q . 11.10 23.55 -30.16
O4 NAG Q . 13.28 22.44 -31.67
O5 NAG Q . 12.65 19.85 -29.16
O6 NAG Q . 15.08 19.55 -29.21
O7 NAG Q . 9.54 23.14 -27.17
C1 NAG R . -11.43 21.79 26.73
C2 NAG R . -11.11 23.24 27.11
C3 NAG R . -11.09 23.40 28.63
C4 NAG R . -12.39 22.88 29.24
C5 NAG R . -12.65 21.45 28.77
C6 NAG R . -13.99 20.92 29.23
C7 NAG R . -9.69 24.76 25.80
C8 NAG R . -8.30 25.04 25.30
N2 NAG R . -9.84 23.66 26.54
O3 NAG R . -10.92 24.78 28.96
O4 NAG R . -12.30 22.89 30.65
O5 NAG R . -12.67 21.40 27.34
O6 NAG R . -14.75 20.43 28.14
O7 NAG R . -10.64 25.51 25.56
C1 NAG S . -4.99 36.26 5.18
C2 NAG S . -5.23 36.71 6.62
C3 NAG S . -5.46 38.21 6.68
C4 NAG S . -4.30 38.95 6.01
C5 NAG S . -4.10 38.42 4.59
C6 NAG S . -2.89 39.01 3.91
C7 NAG S . -6.33 35.40 8.40
C8 NAG S . -7.59 34.72 8.83
N2 NAG S . -6.37 35.99 7.19
O3 NAG S . -5.57 38.62 8.04
O4 NAG S . -4.58 40.34 5.95
O5 NAG S . -3.89 37.00 4.63
O6 NAG S . -1.86 38.06 3.74
O7 NAG S . -5.32 35.41 9.09
C1 NAG T . 5.45 -16.76 31.82
C2 NAG T . 6.00 -16.30 33.17
C3 NAG T . 6.81 -17.42 33.82
C4 NAG T . 5.97 -18.70 33.91
C5 NAG T . 5.42 -19.06 32.53
C6 NAG T . 4.48 -20.23 32.58
C7 NAG T . 6.58 -13.96 33.66
C8 NAG T . 7.54 -12.83 33.38
N2 NAG T . 6.83 -15.10 33.01
O3 NAG T . 7.21 -17.02 35.12
O4 NAG T . 6.79 -19.77 34.38
O5 NAG T . 4.66 -17.95 32.01
O6 NAG T . 3.26 -19.95 31.88
O7 NAG T . 5.64 -13.83 34.43
C1 NAG U . 0.10 9.21 35.78
C2 NAG U . 0.66 8.15 36.74
C3 NAG U . 0.56 8.65 38.18
C4 NAG U . 1.22 10.02 38.31
C5 NAG U . 0.63 11.00 37.30
C6 NAG U . 1.31 12.34 37.29
C7 NAG U . 0.61 5.71 36.48
C8 NAG U . -0.27 4.51 36.33
N2 NAG U . -0.03 6.88 36.59
O3 NAG U . 1.19 7.72 39.04
O4 NAG U . 1.01 10.53 39.62
O5 NAG U . 0.77 10.45 35.97
O6 NAG U . 2.04 12.54 36.08
O7 NAG U . 1.83 5.64 36.49
C1 NAG V . 20.73 -29.32 -5.59
C2 NAG V . 21.90 -29.94 -4.82
C3 NAG V . 22.91 -30.54 -5.81
C4 NAG V . 22.21 -31.51 -6.76
C5 NAG V . 21.01 -30.83 -7.43
C6 NAG V . 20.21 -31.78 -8.28
C7 NAG V . 22.75 -29.13 -2.67
C8 NAG V . 23.43 -28.00 -1.95
N2 NAG V . 22.55 -28.95 -3.98
O3 NAG V . 23.92 -31.22 -5.08
O4 NAG V . 23.13 -31.95 -7.75
O5 NAG V . 20.12 -30.31 -6.44
O6 NAG V . 18.84 -31.80 -7.88
O7 NAG V . 22.39 -30.15 -2.09
C1 NAG W . 19.45 -23.73 20.59
C2 NAG W . 20.38 -24.66 19.81
C3 NAG W . 21.09 -25.62 20.76
C4 NAG W . 21.80 -24.85 21.87
C5 NAG W . 20.81 -23.92 22.57
C6 NAG W . 21.47 -23.03 23.60
C7 NAG W . 20.09 -25.56 17.54
C8 NAG W . 19.19 -26.36 16.63
N2 NAG W . 19.64 -25.40 18.79
O3 NAG W . 22.03 -26.40 20.04
O4 NAG W . 22.34 -25.76 22.82
O5 NAG W . 20.20 -23.04 21.60
O6 NAG W . 21.39 -21.66 23.23
O7 NAG W . 21.15 -25.08 17.17
C1 NAG X . 13.40 1.39 -33.59
C2 NAG X . 14.73 1.33 -34.34
C3 NAG X . 14.73 2.34 -35.48
C4 NAG X . 13.52 2.14 -36.38
C5 NAG X . 12.24 2.18 -35.56
C6 NAG X . 11.00 1.87 -36.36
C7 NAG X . 16.68 0.59 -33.05
C8 NAG X . 17.78 1.01 -32.14
N2 NAG X . 15.85 1.56 -33.45
O3 NAG X . 15.93 2.20 -36.25
O4 NAG X . 13.47 3.16 -37.37
O5 NAG X . 12.31 1.20 -34.51
O6 NAG X . 10.46 0.61 -36.02
O7 NAG X . 16.55 -0.57 -33.42
C1 NAG Y . 26.33 -17.12 -19.42
C2 NAG Y . 26.68 -16.49 -20.77
C3 NAG Y . 27.74 -17.31 -21.48
C4 NAG Y . 28.95 -17.52 -20.58
C5 NAG Y . 28.52 -18.11 -19.25
C6 NAG Y . 29.65 -18.22 -18.26
C7 NAG Y . 25.20 -15.25 -22.29
C8 NAG Y . 23.94 -15.30 -23.10
N2 NAG Y . 25.49 -16.37 -21.60
O3 NAG Y . 28.13 -16.65 -22.69
O4 NAG Y . 29.89 -18.39 -21.21
O5 NAG Y . 27.52 -17.27 -18.64
O6 NAG Y . 29.48 -17.33 -17.16
O7 NAG Y . 25.92 -14.26 -22.26
#